data_8XTG
#
_entry.id   8XTG
#
_cell.length_a   199.541
_cell.length_b   199.541
_cell.length_c   67.154
_cell.angle_alpha   90.000
_cell.angle_beta   90.000
_cell.angle_gamma   120.000
#
_symmetry.space_group_name_H-M   'P 32'
#
loop_
_entity.id
_entity.type
_entity.pdbx_description
1 polymer "O-methyltransferase mpaG'"
2 non-polymer S-ADENOSYL-L-HOMOCYSTEINE
3 non-polymer 'O-desmethyl mycophenolic acid'
4 water water
#
_entity_poly.entity_id   1
_entity_poly.type   'polypeptide(L)'
_entity_poly.pdbx_seq_one_letter_code
;GAMGAASPASIIQELASAAKQYENNESGAREALIAQSRALIASLEVPSEFIQHTFWSQPALSAIVRLATDVNLFQYLKDA
QEEGLNAEALASKTGMDVSLFARLARHLVAMNVITSRNGVFYGTALSNGLAAENYQQSIRFCHDVSRPSFGAFPSFFKGN
GYKTPALGTTDGPFQSAHKVDISFPQWLVGNPPYLQYFNSYMSAYRAGKPNWCDNGFYPVADRLLNGFDASVSDVLLVDV
GGGRGHDIATFGSQFSPLPGRLVLQDREQVINSIPADESRQFEATTHDIFTTQPVKHARAYYMHSVPHGFGDEDAVKIMA
NLVPALAKGYSRVLLNEIVVDEERPVMSATNMDLIMLAHMGAKERTEADWRSILTRAGLKVVNIYSYPGVAESLIEAELA
;
_entity_poly.pdbx_strand_id   A,B,C,D,E,F
#
loop_
_chem_comp.id
_chem_comp.type
_chem_comp.name
_chem_comp.formula
A1LWD non-polymer 'O-desmethyl mycophenolic acid' 'C16 H18 O6'
#
# COMPACT_ATOMS: atom_id res chain seq x y z
N SER A 7 -40.99 25.37 -19.71
CA SER A 7 -42.22 24.84 -19.12
C SER A 7 -42.40 23.36 -19.48
N PRO A 8 -42.94 22.58 -18.54
CA PRO A 8 -43.21 21.16 -18.84
C PRO A 8 -44.04 20.98 -20.09
N ALA A 9 -45.14 21.75 -20.24
CA ALA A 9 -45.98 21.61 -21.43
C ALA A 9 -45.19 21.87 -22.71
N SER A 10 -44.28 22.84 -22.69
CA SER A 10 -43.43 23.09 -23.86
C SER A 10 -42.59 21.86 -24.20
N ILE A 11 -41.93 21.28 -23.20
CA ILE A 11 -41.09 20.10 -23.43
C ILE A 11 -41.94 18.92 -23.88
N ILE A 12 -43.17 18.82 -23.37
CA ILE A 12 -44.07 17.75 -23.81
C ILE A 12 -44.38 17.85 -25.30
N GLN A 13 -44.56 19.07 -25.82
CA GLN A 13 -44.85 19.22 -27.24
C GLN A 13 -43.60 19.01 -28.07
N GLU A 14 -42.48 19.53 -27.57
CA GLU A 14 -41.22 19.31 -28.23
C GLU A 14 -40.84 17.83 -28.29
N LEU A 15 -41.07 17.07 -27.20
CA LEU A 15 -40.85 15.62 -27.22
C LEU A 15 -41.67 14.92 -28.32
N ALA A 16 -42.95 15.29 -28.46
CA ALA A 16 -43.79 14.68 -29.50
C ALA A 16 -43.30 15.04 -30.90
N SER A 17 -42.74 16.25 -31.08
CA SER A 17 -42.17 16.60 -32.38
C SER A 17 -40.97 15.73 -32.71
N ALA A 18 -40.02 15.63 -31.79
CA ALA A 18 -38.87 14.74 -31.99
C ALA A 18 -39.31 13.29 -32.11
N ALA A 19 -40.42 12.92 -31.48
CA ALA A 19 -40.93 11.57 -31.60
C ALA A 19 -41.37 11.26 -33.03
N LYS A 20 -42.06 12.21 -33.67
CA LYS A 20 -42.48 12.01 -35.06
C LYS A 20 -41.28 11.97 -35.99
N GLN A 21 -40.28 12.81 -35.75
CA GLN A 21 -39.04 12.74 -36.52
C GLN A 21 -38.31 11.42 -36.30
N TYR A 22 -38.46 10.83 -35.10
CA TYR A 22 -37.83 9.54 -34.83
C TYR A 22 -38.54 8.42 -35.58
N GLU A 23 -39.86 8.44 -35.62
CA GLU A 23 -40.62 7.49 -36.44
C GLU A 23 -40.37 7.68 -37.93
N ASN A 24 -39.78 8.79 -38.34
CA ASN A 24 -39.40 9.02 -39.72
C ASN A 24 -37.95 8.63 -40.01
N ASN A 25 -37.22 8.12 -39.01
CA ASN A 25 -35.84 7.67 -39.17
C ASN A 25 -34.95 8.80 -39.70
N GLU A 26 -34.87 9.88 -38.92
CA GLU A 26 -34.04 11.02 -39.29
C GLU A 26 -32.79 11.06 -38.42
N SER A 27 -31.74 11.64 -38.96
CA SER A 27 -30.43 11.63 -38.30
C SER A 27 -30.51 12.34 -36.94
N GLY A 28 -30.09 11.63 -35.90
CA GLY A 28 -30.03 12.20 -34.57
C GLY A 28 -31.34 12.29 -33.84
N ALA A 29 -32.45 11.83 -34.44
CA ALA A 29 -33.74 11.96 -33.79
C ALA A 29 -33.85 11.05 -32.57
N ARG A 30 -33.32 9.83 -32.66
CA ARG A 30 -33.28 8.94 -31.52
C ARG A 30 -32.58 9.58 -30.33
N GLU A 31 -31.48 10.30 -30.60
CA GLU A 31 -30.74 10.96 -29.53
C GLU A 31 -31.51 12.18 -29.01
N ALA A 32 -32.20 12.90 -29.90
CA ALA A 32 -32.97 14.07 -29.48
C ALA A 32 -34.16 13.66 -28.62
N LEU A 33 -34.81 12.54 -28.96
CA LEU A 33 -35.88 12.02 -28.12
C LEU A 33 -35.40 11.74 -26.71
N ILE A 34 -34.18 11.19 -26.58
CA ILE A 34 -33.62 10.91 -25.26
C ILE A 34 -33.38 12.20 -24.50
N ALA A 35 -32.81 13.21 -25.18
CA ALA A 35 -32.52 14.48 -24.51
C ALA A 35 -33.80 15.21 -24.12
N GLN A 36 -34.82 15.17 -24.99
CA GLN A 36 -36.09 15.79 -24.65
C GLN A 36 -36.74 15.11 -23.45
N SER A 37 -36.60 13.79 -23.34
CA SER A 37 -37.15 13.07 -22.22
C SER A 37 -36.42 13.44 -20.92
N ARG A 38 -35.11 13.68 -21.01
CA ARG A 38 -34.35 14.06 -19.82
C ARG A 38 -34.70 15.48 -19.39
N ALA A 39 -34.92 16.38 -20.35
CA ALA A 39 -35.38 17.73 -20.01
C ALA A 39 -36.75 17.71 -19.37
N LEU A 40 -37.62 16.78 -19.80
CA LEU A 40 -38.93 16.66 -19.17
C LEU A 40 -38.80 16.19 -17.71
N ILE A 41 -37.93 15.21 -17.46
CA ILE A 41 -37.74 14.75 -16.08
C ILE A 41 -37.27 15.88 -15.19
N ALA A 42 -36.39 16.74 -15.71
CA ALA A 42 -35.84 17.81 -14.88
C ALA A 42 -36.84 18.93 -14.65
N SER A 43 -37.82 19.09 -15.54
CA SER A 43 -38.83 20.12 -15.35
C SER A 43 -39.91 19.70 -14.36
N LEU A 44 -40.04 18.40 -14.08
CA LEU A 44 -41.10 17.87 -13.23
C LEU A 44 -40.64 17.43 -11.85
N GLU A 45 -39.37 17.03 -11.72
CA GLU A 45 -38.89 16.47 -10.46
C GLU A 45 -38.70 17.56 -9.42
N VAL A 46 -39.21 17.32 -8.22
CA VAL A 46 -38.98 18.21 -7.07
C VAL A 46 -37.58 17.92 -6.56
N PRO A 47 -36.96 18.83 -5.79
CA PRO A 47 -35.56 18.61 -5.37
C PRO A 47 -35.33 17.30 -4.62
N SER A 48 -36.27 16.85 -3.81
CA SER A 48 -36.06 15.58 -3.09
C SER A 48 -36.02 14.40 -4.07
N GLU A 49 -36.82 14.45 -5.13
CA GLU A 49 -36.78 13.38 -6.13
C GLU A 49 -35.44 13.36 -6.86
N PHE A 50 -34.91 14.53 -7.20
CA PHE A 50 -33.59 14.61 -7.81
C PHE A 50 -32.52 14.04 -6.89
N ILE A 51 -32.58 14.38 -5.60
CA ILE A 51 -31.61 13.86 -4.64
C ILE A 51 -31.66 12.33 -4.58
N GLN A 52 -32.87 11.77 -4.49
CA GLN A 52 -33.00 10.32 -4.44
C GLN A 52 -32.44 9.67 -5.70
N HIS A 53 -32.75 10.23 -6.87
CA HIS A 53 -32.27 9.60 -8.10
C HIS A 53 -30.76 9.76 -8.26
N THR A 54 -30.24 10.95 -7.95
CA THR A 54 -28.81 11.19 -8.13
C THR A 54 -27.99 10.38 -7.14
N PHE A 55 -28.38 10.38 -5.86
CA PHE A 55 -27.54 9.83 -4.81
C PHE A 55 -27.99 8.46 -4.28
N TRP A 56 -29.16 7.97 -4.68
CA TRP A 56 -29.58 6.62 -4.29
C TRP A 56 -29.69 5.72 -5.51
N SER A 57 -30.61 6.00 -6.43
CA SER A 57 -30.84 5.14 -7.60
C SER A 57 -29.57 4.86 -8.36
N GLN A 58 -28.83 5.92 -8.73
CA GLN A 58 -27.68 5.78 -9.60
C GLN A 58 -26.49 5.11 -8.92
N PRO A 59 -26.12 5.46 -7.68
CA PRO A 59 -25.04 4.71 -7.03
C PRO A 59 -25.39 3.26 -6.77
N ALA A 60 -26.65 2.95 -6.46
CA ALA A 60 -27.07 1.57 -6.31
C ALA A 60 -27.11 0.84 -7.65
N LEU A 61 -27.50 1.54 -8.71
CA LEU A 61 -27.56 0.90 -10.04
C LEU A 61 -26.17 0.50 -10.52
N SER A 62 -25.19 1.41 -10.42
CA SER A 62 -23.82 1.08 -10.79
C SER A 62 -23.28 -0.10 -9.98
N ALA A 63 -23.61 -0.14 -8.69
CA ALA A 63 -23.10 -1.20 -7.82
C ALA A 63 -23.70 -2.56 -8.18
N ILE A 64 -24.99 -2.59 -8.53
CA ILE A 64 -25.61 -3.87 -8.89
C ILE A 64 -25.11 -4.34 -10.25
N VAL A 65 -24.95 -3.41 -11.21
CA VAL A 65 -24.44 -3.78 -12.53
C VAL A 65 -23.01 -4.28 -12.44
N ARG A 66 -22.22 -3.70 -11.54
CA ARG A 66 -20.87 -4.21 -11.30
C ARG A 66 -20.90 -5.59 -10.66
N LEU A 67 -21.70 -5.75 -9.60
CA LEU A 67 -21.83 -7.05 -8.95
C LEU A 67 -22.30 -8.11 -9.94
N ALA A 68 -23.20 -7.74 -10.85
CA ALA A 68 -23.72 -8.68 -11.84
C ALA A 68 -22.61 -9.29 -12.68
N THR A 69 -21.53 -8.56 -12.93
CA THR A 69 -20.43 -9.13 -13.69
C THR A 69 -19.61 -10.14 -12.88
N ASP A 70 -19.85 -10.23 -11.57
CA ASP A 70 -19.19 -11.22 -10.74
C ASP A 70 -19.96 -12.53 -10.61
N VAL A 71 -21.24 -12.55 -10.97
CA VAL A 71 -22.09 -13.72 -10.76
C VAL A 71 -22.83 -14.14 -12.03
N ASN A 72 -22.38 -13.64 -13.19
CA ASN A 72 -22.85 -14.12 -14.50
C ASN A 72 -24.33 -13.80 -14.74
N LEU A 73 -24.84 -12.74 -14.11
CA LEU A 73 -26.28 -12.46 -14.15
C LEU A 73 -26.78 -12.22 -15.58
N PHE A 74 -26.17 -11.27 -16.29
CA PHE A 74 -26.66 -10.93 -17.62
C PHE A 74 -26.51 -12.09 -18.60
N GLN A 75 -25.51 -12.96 -18.38
CA GLN A 75 -25.36 -14.14 -19.24
C GLN A 75 -26.46 -15.17 -18.98
N TYR A 76 -26.84 -15.36 -17.71
CA TYR A 76 -27.92 -16.29 -17.40
C TYR A 76 -29.24 -15.82 -17.97
N LEU A 77 -29.53 -14.51 -17.87
CA LEU A 77 -30.76 -13.99 -18.43
C LEU A 77 -30.76 -14.02 -19.95
N LYS A 78 -29.59 -13.83 -20.57
CA LYS A 78 -29.52 -13.91 -22.02
C LYS A 78 -29.85 -15.31 -22.52
N ASP A 79 -29.16 -16.33 -21.99
CA ASP A 79 -29.46 -17.70 -22.37
C ASP A 79 -30.92 -18.05 -22.15
N ALA A 80 -31.55 -17.44 -21.14
CA ALA A 80 -32.95 -17.74 -20.83
C ALA A 80 -33.86 -17.33 -21.98
N GLN A 81 -33.51 -16.26 -22.70
CA GLN A 81 -34.27 -15.77 -23.86
C GLN A 81 -35.69 -15.45 -23.42
N GLU A 82 -36.70 -16.14 -23.94
CA GLU A 82 -38.11 -15.82 -23.68
C GLU A 82 -38.68 -16.58 -22.50
N GLU A 83 -37.97 -17.60 -22.01
CA GLU A 83 -38.46 -18.34 -20.86
C GLU A 83 -38.29 -17.54 -19.56
N GLY A 84 -37.19 -16.81 -19.44
CA GLY A 84 -36.93 -16.06 -18.22
C GLY A 84 -36.51 -16.95 -17.07
N LEU A 85 -36.29 -16.32 -15.92
CA LEU A 85 -35.88 -17.01 -14.71
C LEU A 85 -36.44 -16.27 -13.49
N ASN A 86 -37.09 -16.99 -12.60
CA ASN A 86 -37.58 -16.37 -11.37
C ASN A 86 -36.42 -16.12 -10.40
N ALA A 87 -36.74 -15.55 -9.24
CA ALA A 87 -35.68 -15.18 -8.29
C ALA A 87 -35.00 -16.42 -7.72
N GLU A 88 -35.78 -17.47 -7.43
CA GLU A 88 -35.20 -18.70 -6.89
C GLU A 88 -34.26 -19.36 -7.90
N ALA A 89 -34.64 -19.36 -9.18
CA ALA A 89 -33.79 -19.97 -10.21
C ALA A 89 -32.51 -19.18 -10.39
N LEU A 90 -32.59 -17.85 -10.40
CA LEU A 90 -31.40 -17.03 -10.59
C LEU A 90 -30.51 -17.03 -9.34
N ALA A 91 -31.11 -17.05 -8.15
CA ALA A 91 -30.32 -17.12 -6.92
C ALA A 91 -29.49 -18.39 -6.87
N SER A 92 -30.06 -19.51 -7.32
CA SER A 92 -29.31 -20.75 -7.40
C SER A 92 -28.17 -20.64 -8.40
N LYS A 93 -28.46 -20.13 -9.60
CA LYS A 93 -27.44 -20.04 -10.65
C LYS A 93 -26.30 -19.10 -10.26
N THR A 94 -26.61 -18.02 -9.55
CA THR A 94 -25.60 -17.04 -9.17
C THR A 94 -24.93 -17.33 -7.83
N GLY A 95 -25.50 -18.23 -7.02
CA GLY A 95 -24.95 -18.52 -5.71
C GLY A 95 -25.28 -17.48 -4.67
N MET A 96 -26.45 -16.84 -4.79
CA MET A 96 -26.82 -15.71 -3.97
C MET A 96 -28.01 -16.08 -3.10
N ASP A 97 -28.13 -15.42 -1.94
CA ASP A 97 -29.35 -15.54 -1.17
C ASP A 97 -30.55 -15.09 -2.00
N VAL A 98 -31.64 -15.84 -1.94
CA VAL A 98 -32.80 -15.54 -2.77
C VAL A 98 -33.34 -14.14 -2.47
N SER A 99 -33.39 -13.76 -1.19
CA SER A 99 -33.93 -12.45 -0.83
C SER A 99 -33.00 -11.33 -1.27
N LEU A 100 -31.70 -11.48 -1.02
CA LEU A 100 -30.74 -10.47 -1.48
C LEU A 100 -30.80 -10.30 -2.98
N PHE A 101 -30.85 -11.41 -3.72
CA PHE A 101 -30.92 -11.32 -5.18
C PHE A 101 -32.18 -10.60 -5.63
N ALA A 102 -33.33 -10.99 -5.07
CA ALA A 102 -34.60 -10.41 -5.52
C ALA A 102 -34.63 -8.91 -5.29
N ARG A 103 -34.10 -8.45 -4.14
CA ARG A 103 -34.11 -7.02 -3.85
C ARG A 103 -33.19 -6.25 -4.79
N LEU A 104 -32.05 -6.85 -5.17
CA LEU A 104 -31.15 -6.19 -6.11
C LEU A 104 -31.68 -6.21 -7.53
N ALA A 105 -32.38 -7.30 -7.92
CA ALA A 105 -32.93 -7.40 -9.27
C ALA A 105 -34.14 -6.51 -9.47
N ARG A 106 -34.92 -6.26 -8.41
CA ARG A 106 -36.09 -5.40 -8.55
C ARG A 106 -35.68 -3.94 -8.81
N HIS A 107 -34.54 -3.52 -8.28
CA HIS A 107 -34.02 -2.20 -8.63
C HIS A 107 -33.62 -2.14 -10.10
N LEU A 108 -32.99 -3.21 -10.62
CA LEU A 108 -32.73 -3.29 -12.04
C LEU A 108 -34.02 -3.23 -12.87
N VAL A 109 -35.08 -3.88 -12.38
CA VAL A 109 -36.38 -3.76 -13.03
C VAL A 109 -36.89 -2.33 -12.94
N ALA A 110 -36.89 -1.77 -11.72
CA ALA A 110 -37.36 -0.41 -11.54
C ALA A 110 -36.51 0.59 -12.33
N MET A 111 -35.25 0.26 -12.60
CA MET A 111 -34.38 1.14 -13.37
C MET A 111 -34.40 0.79 -14.86
N ASN A 112 -35.30 -0.10 -15.28
CA ASN A 112 -35.56 -0.43 -16.67
C ASN A 112 -34.40 -1.17 -17.35
N VAL A 113 -33.55 -1.84 -16.57
CA VAL A 113 -32.43 -2.59 -17.13
C VAL A 113 -32.84 -4.00 -17.53
N ILE A 114 -33.62 -4.66 -16.68
CA ILE A 114 -34.31 -5.90 -17.01
C ILE A 114 -35.80 -5.69 -16.76
N THR A 115 -36.60 -6.66 -17.18
CA THR A 115 -38.05 -6.58 -16.99
C THR A 115 -38.55 -7.76 -16.17
N SER A 116 -39.69 -7.55 -15.52
CA SER A 116 -40.28 -8.53 -14.61
C SER A 116 -41.77 -8.63 -14.90
N ARG A 117 -42.28 -9.87 -14.97
CA ARG A 117 -43.70 -10.13 -15.13
C ARG A 117 -44.05 -11.40 -14.38
N ASN A 118 -45.01 -11.30 -13.45
CA ASN A 118 -45.53 -12.46 -12.72
C ASN A 118 -44.41 -13.24 -12.04
N GLY A 119 -43.46 -12.52 -11.43
CA GLY A 119 -42.39 -13.13 -10.68
C GLY A 119 -41.25 -13.70 -11.50
N VAL A 120 -41.28 -13.56 -12.82
CA VAL A 120 -40.19 -13.99 -13.69
C VAL A 120 -39.42 -12.77 -14.15
N PHE A 121 -38.09 -12.90 -14.24
CA PHE A 121 -37.23 -11.84 -14.73
C PHE A 121 -36.80 -12.15 -16.16
N TYR A 122 -36.65 -11.10 -16.97
CA TYR A 122 -36.36 -11.26 -18.39
C TYR A 122 -35.21 -10.35 -18.80
N GLY A 123 -34.24 -10.92 -19.51
CA GLY A 123 -33.22 -10.10 -20.13
C GLY A 123 -33.81 -9.20 -21.20
N THR A 124 -33.13 -8.09 -21.45
CA THR A 124 -33.53 -7.12 -22.46
C THR A 124 -32.43 -6.98 -23.49
N ALA A 125 -32.71 -6.19 -24.53
CA ALA A 125 -31.65 -5.85 -25.49
C ALA A 125 -30.45 -5.26 -24.78
N LEU A 126 -30.70 -4.41 -23.77
CA LEU A 126 -29.61 -3.79 -23.02
C LEU A 126 -28.84 -4.83 -22.21
N SER A 127 -29.55 -5.62 -21.39
CA SER A 127 -28.87 -6.57 -20.52
C SER A 127 -28.14 -7.64 -21.32
N ASN A 128 -28.75 -8.11 -22.42
CA ASN A 128 -28.08 -9.11 -23.26
C ASN A 128 -26.76 -8.57 -23.81
N GLY A 129 -26.76 -7.31 -24.27
CA GLY A 129 -25.53 -6.72 -24.77
C GLY A 129 -24.47 -6.58 -23.70
N LEU A 130 -24.88 -6.18 -22.49
CA LEU A 130 -23.97 -6.04 -21.35
C LEU A 130 -23.40 -7.38 -20.89
N ALA A 131 -24.00 -8.50 -21.31
CA ALA A 131 -23.43 -9.81 -21.04
C ALA A 131 -22.17 -10.06 -21.86
N ALA A 132 -21.97 -9.32 -22.94
CA ALA A 132 -20.80 -9.48 -23.79
C ALA A 132 -19.54 -9.00 -23.05
N GLU A 133 -18.42 -9.68 -23.33
CA GLU A 133 -17.28 -9.56 -22.44
C GLU A 133 -16.66 -8.17 -22.46
N ASN A 134 -16.68 -7.47 -23.59
CA ASN A 134 -16.10 -6.12 -23.61
C ASN A 134 -16.92 -5.16 -22.76
N TYR A 135 -18.24 -5.32 -22.74
CA TYR A 135 -19.05 -4.51 -21.82
C TYR A 135 -18.86 -4.97 -20.39
N GLN A 136 -18.69 -6.28 -20.16
CA GLN A 136 -18.41 -6.77 -18.81
C GLN A 136 -17.12 -6.15 -18.27
N GLN A 137 -16.08 -6.13 -19.09
CA GLN A 137 -14.81 -5.51 -18.68
C GLN A 137 -14.93 -3.98 -18.62
N SER A 138 -15.78 -3.40 -19.47
CA SER A 138 -16.08 -1.97 -19.37
C SER A 138 -16.72 -1.62 -18.04
N ILE A 139 -17.69 -2.43 -17.61
CA ILE A 139 -18.36 -2.21 -16.33
C ILE A 139 -17.35 -2.26 -15.18
N ARG A 140 -16.49 -3.28 -15.20
CA ARG A 140 -15.51 -3.45 -14.13
C ARG A 140 -14.53 -2.28 -14.09
N PHE A 141 -13.98 -1.91 -15.25
CA PHE A 141 -13.09 -0.75 -15.30
C PHE A 141 -13.78 0.48 -14.73
N CYS A 142 -15.03 0.72 -15.13
CA CYS A 142 -15.70 1.95 -14.71
C CYS A 142 -15.99 1.97 -13.22
N HIS A 143 -16.45 0.85 -12.66
CA HIS A 143 -16.75 0.84 -11.23
C HIS A 143 -15.48 0.73 -10.39
N ASP A 144 -14.42 0.12 -10.92
CA ASP A 144 -13.19 -0.10 -10.15
C ASP A 144 -12.18 1.03 -10.32
N VAL A 145 -12.00 1.53 -11.54
CA VAL A 145 -10.96 2.52 -11.84
C VAL A 145 -11.55 3.93 -11.95
N SER A 146 -12.57 4.11 -12.79
CA SER A 146 -13.10 5.45 -13.06
C SER A 146 -13.87 6.00 -11.86
N ARG A 147 -14.77 5.18 -11.30
CA ARG A 147 -15.62 5.64 -10.21
C ARG A 147 -14.87 6.24 -9.03
N PRO A 148 -13.79 5.64 -8.51
CA PRO A 148 -13.10 6.27 -7.38
C PRO A 148 -12.51 7.63 -7.70
N SER A 149 -12.16 7.89 -8.97
CA SER A 149 -11.61 9.19 -9.32
C SER A 149 -12.67 10.29 -9.23
N PHE A 150 -13.85 10.04 -9.83
CA PHE A 150 -14.96 10.98 -9.69
C PHE A 150 -15.29 11.26 -8.24
N GLY A 151 -15.39 10.21 -7.42
CA GLY A 151 -15.70 10.39 -6.01
C GLY A 151 -14.71 11.26 -5.27
N ALA A 152 -13.51 11.43 -5.81
CA ALA A 152 -12.48 12.27 -5.20
C ALA A 152 -12.52 13.71 -5.66
N PHE A 153 -13.28 14.03 -6.72
CA PHE A 153 -13.34 15.40 -7.23
C PHE A 153 -13.56 16.44 -6.14
N PRO A 154 -14.57 16.33 -5.25
CA PRO A 154 -14.74 17.38 -4.23
C PRO A 154 -13.53 17.53 -3.33
N SER A 155 -13.02 16.43 -2.78
CA SER A 155 -11.91 16.54 -1.82
C SER A 155 -10.61 16.92 -2.51
N PHE A 156 -10.35 16.38 -3.72
CA PHE A 156 -9.07 16.68 -4.38
C PHE A 156 -8.98 18.14 -4.79
N PHE A 157 -10.00 18.65 -5.50
CA PHE A 157 -9.93 20.03 -5.96
C PHE A 157 -10.03 21.01 -4.79
N LYS A 158 -10.72 20.63 -3.71
CA LYS A 158 -10.68 21.45 -2.51
C LYS A 158 -9.26 21.57 -1.97
N GLY A 159 -8.52 20.45 -1.94
CA GLY A 159 -7.17 20.46 -1.43
C GLY A 159 -6.15 21.11 -2.35
N ASN A 160 -6.36 21.03 -3.67
CA ASN A 160 -5.40 21.61 -4.60
C ASN A 160 -5.71 23.07 -4.92
N GLY A 161 -6.73 23.65 -4.31
CA GLY A 161 -7.07 25.04 -4.52
C GLY A 161 -8.00 25.30 -5.69
N TYR A 162 -8.74 24.29 -6.14
CA TYR A 162 -9.64 24.40 -7.30
C TYR A 162 -8.87 24.88 -8.54
N LYS A 163 -7.75 24.23 -8.80
CA LYS A 163 -6.91 24.51 -9.94
C LYS A 163 -6.99 23.36 -10.94
N THR A 164 -7.05 23.71 -12.22
CA THR A 164 -6.84 22.72 -13.27
C THR A 164 -5.48 22.07 -13.04
N PRO A 165 -5.37 20.74 -13.12
CA PRO A 165 -4.07 20.09 -12.91
C PRO A 165 -3.00 20.69 -13.81
N ALA A 166 -1.89 21.11 -13.19
CA ALA A 166 -0.91 21.94 -13.88
C ALA A 166 -0.09 21.15 -14.89
N LEU A 167 0.32 19.93 -14.54
CA LEU A 167 1.06 19.12 -15.49
C LEU A 167 0.14 18.21 -16.29
N GLY A 168 -0.88 17.65 -15.65
CA GLY A 168 -1.81 16.77 -16.32
C GLY A 168 -1.88 15.39 -15.70
N THR A 169 -0.92 14.53 -16.03
CA THR A 169 -1.05 13.10 -15.81
C THR A 169 -0.64 12.64 -14.41
N THR A 170 0.06 13.45 -13.62
CA THR A 170 0.52 13.01 -12.31
C THR A 170 0.02 13.86 -11.14
N ASP A 171 -0.75 14.92 -11.40
CA ASP A 171 -1.25 15.78 -10.33
C ASP A 171 -2.75 15.95 -10.45
N GLY A 172 -3.45 14.86 -10.76
CA GLY A 172 -4.88 14.90 -10.96
C GLY A 172 -5.63 14.06 -9.95
N PRO A 173 -6.96 14.11 -9.99
CA PRO A 173 -7.76 13.30 -9.06
C PRO A 173 -7.50 11.80 -9.16
N PHE A 174 -7.10 11.30 -10.34
CA PHE A 174 -6.81 9.88 -10.45
C PHE A 174 -5.70 9.48 -9.48
N GLN A 175 -4.61 10.24 -9.47
CA GLN A 175 -3.49 9.93 -8.60
C GLN A 175 -3.90 9.96 -7.13
N SER A 176 -4.69 10.98 -6.75
CA SER A 176 -5.14 11.09 -5.37
C SER A 176 -6.10 9.96 -5.00
N ALA A 177 -7.01 9.61 -5.92
CA ALA A 177 -7.99 8.57 -5.61
C ALA A 177 -7.35 7.19 -5.50
N HIS A 178 -6.31 6.92 -6.28
CA HIS A 178 -5.70 5.60 -6.30
C HIS A 178 -4.37 5.57 -5.56
N LYS A 179 -3.99 6.68 -4.92
CA LYS A 179 -2.84 6.75 -4.01
C LYS A 179 -1.55 6.32 -4.69
N VAL A 180 -1.30 6.89 -5.87
CA VAL A 180 -0.05 6.70 -6.59
C VAL A 180 0.44 8.06 -7.06
N ASP A 181 1.75 8.15 -7.30
CA ASP A 181 2.34 9.34 -7.89
C ASP A 181 2.71 9.14 -9.36
N ILE A 182 2.17 8.10 -9.99
CA ILE A 182 2.47 7.80 -11.38
C ILE A 182 1.24 8.08 -12.23
N SER A 183 1.45 8.08 -13.54
CA SER A 183 0.38 8.42 -14.48
C SER A 183 -0.64 7.29 -14.58
N PHE A 184 -1.80 7.63 -15.15
CA PHE A 184 -2.83 6.63 -15.42
C PHE A 184 -2.32 5.49 -16.30
N PRO A 185 -1.66 5.73 -17.45
CA PRO A 185 -1.19 4.60 -18.26
C PRO A 185 -0.18 3.70 -17.55
N GLN A 186 0.69 4.26 -16.70
CA GLN A 186 1.61 3.42 -15.95
C GLN A 186 0.88 2.67 -14.82
N TRP A 187 -0.14 3.28 -14.22
CA TRP A 187 -0.94 2.57 -13.23
C TRP A 187 -1.61 1.34 -13.85
N LEU A 188 -1.94 1.41 -15.14
CA LEU A 188 -2.51 0.25 -15.82
C LEU A 188 -1.47 -0.86 -15.97
N VAL A 189 -0.23 -0.48 -16.26
CA VAL A 189 0.83 -1.48 -16.47
C VAL A 189 1.08 -2.26 -15.18
N GLY A 190 0.99 -1.61 -14.04
CA GLY A 190 1.26 -2.23 -12.76
C GLY A 190 0.06 -2.75 -12.01
N ASN A 191 -1.13 -2.74 -12.60
CA ASN A 191 -2.35 -3.19 -11.92
C ASN A 191 -3.18 -4.06 -12.87
N PRO A 192 -2.68 -5.25 -13.21
CA PRO A 192 -3.48 -6.16 -14.03
C PRO A 192 -4.70 -6.62 -13.27
N PRO A 193 -5.79 -6.97 -13.98
CA PRO A 193 -5.96 -6.96 -15.43
C PRO A 193 -6.63 -5.69 -15.94
N TYR A 194 -6.32 -4.52 -15.36
CA TYR A 194 -7.03 -3.31 -15.76
C TYR A 194 -6.49 -2.72 -17.06
N LEU A 195 -5.28 -3.09 -17.46
CA LEU A 195 -4.84 -2.72 -18.81
C LEU A 195 -5.64 -3.50 -19.85
N GLN A 196 -5.79 -4.81 -19.65
CA GLN A 196 -6.62 -5.61 -20.55
C GLN A 196 -8.07 -5.17 -20.50
N TYR A 197 -8.55 -4.75 -19.32
CA TYR A 197 -9.91 -4.22 -19.21
C TYR A 197 -10.05 -2.92 -19.98
N PHE A 198 -9.01 -2.09 -19.99
CA PHE A 198 -9.06 -0.84 -20.72
C PHE A 198 -9.08 -1.07 -22.23
N ASN A 199 -8.26 -2.01 -22.73
CA ASN A 199 -8.19 -2.23 -24.17
C ASN A 199 -9.50 -2.79 -24.73
N SER A 200 -10.17 -3.67 -23.98
CA SER A 200 -11.48 -4.16 -24.43
C SER A 200 -12.53 -3.06 -24.36
N TYR A 201 -12.44 -2.22 -23.33
CA TYR A 201 -13.36 -1.10 -23.16
C TYR A 201 -13.32 -0.14 -24.35
N MET A 202 -12.19 -0.06 -25.04
CA MET A 202 -12.09 0.88 -26.14
C MET A 202 -12.86 0.41 -27.37
N SER A 203 -13.34 -0.82 -27.37
CA SER A 203 -14.25 -1.32 -28.39
C SER A 203 -15.72 -1.09 -28.05
N ALA A 204 -16.04 -0.66 -26.81
CA ALA A 204 -17.43 -0.52 -26.39
C ALA A 204 -17.86 0.90 -26.06
N TYR A 205 -16.93 1.81 -25.73
CA TYR A 205 -17.31 3.10 -25.15
C TYR A 205 -18.22 3.90 -26.08
N ARG A 206 -18.04 3.80 -27.40
CA ARG A 206 -18.94 4.48 -28.33
C ARG A 206 -19.55 3.50 -29.33
N ALA A 207 -19.63 2.22 -28.98
CA ALA A 207 -20.17 1.20 -29.87
C ALA A 207 -21.64 1.44 -30.16
N GLY A 208 -22.04 1.13 -31.39
CA GLY A 208 -23.42 1.28 -31.82
C GLY A 208 -23.78 2.67 -32.33
N LYS A 209 -22.89 3.61 -32.25
CA LYS A 209 -23.14 4.94 -32.76
C LYS A 209 -22.46 5.13 -34.11
N PRO A 210 -23.03 5.96 -34.99
CA PRO A 210 -22.50 6.07 -36.36
C PRO A 210 -21.03 6.43 -36.36
N ASN A 211 -20.28 5.78 -37.25
CA ASN A 211 -18.86 6.01 -37.41
C ASN A 211 -18.60 7.16 -38.38
N TRP A 212 -17.42 7.77 -38.23
CA TRP A 212 -16.98 8.84 -39.13
C TRP A 212 -17.08 8.42 -40.59
N CYS A 213 -16.84 7.15 -40.90
CA CYS A 213 -16.82 6.68 -42.28
C CYS A 213 -18.21 6.33 -42.82
N ASP A 214 -19.24 6.35 -41.97
CA ASP A 214 -20.59 5.97 -42.40
C ASP A 214 -21.10 6.95 -43.45
N ASN A 215 -22.13 6.51 -44.18
CA ASN A 215 -22.74 7.37 -45.20
C ASN A 215 -23.38 8.58 -44.54
N GLY A 216 -23.14 9.76 -45.12
CA GLY A 216 -23.61 11.00 -44.55
C GLY A 216 -22.69 11.65 -43.54
N PHE A 217 -21.61 10.97 -43.14
CA PHE A 217 -20.65 11.55 -42.21
C PHE A 217 -19.42 12.02 -42.99
N TYR A 218 -18.33 11.25 -42.97
CA TYR A 218 -17.19 11.73 -43.77
C TYR A 218 -17.26 11.11 -45.18
N PRO A 219 -17.12 11.92 -46.24
CA PRO A 219 -17.09 11.35 -47.60
C PRO A 219 -15.79 10.59 -47.87
N VAL A 220 -15.73 9.33 -47.47
CA VAL A 220 -14.52 8.55 -47.61
C VAL A 220 -14.19 8.30 -49.09
N ALA A 221 -15.18 7.84 -49.86
CA ALA A 221 -14.92 7.48 -51.25
C ALA A 221 -14.47 8.67 -52.06
N ASP A 222 -15.14 9.82 -51.89
CA ASP A 222 -14.78 11.02 -52.65
C ASP A 222 -13.41 11.54 -52.26
N ARG A 223 -13.11 11.61 -50.95
CA ARG A 223 -11.87 12.23 -50.50
C ARG A 223 -10.69 11.26 -50.48
N LEU A 224 -10.91 9.97 -50.22
CA LEU A 224 -9.82 9.02 -50.04
C LEU A 224 -9.68 8.02 -51.18
N LEU A 225 -10.79 7.38 -51.59
CA LEU A 225 -10.69 6.34 -52.61
C LEU A 225 -10.45 6.94 -53.99
N ASN A 226 -11.25 7.94 -54.36
CA ASN A 226 -11.00 8.65 -55.62
C ASN A 226 -9.67 9.37 -55.53
N GLY A 227 -8.80 9.09 -56.51
CA GLY A 227 -7.47 9.66 -56.49
C GLY A 227 -6.43 8.88 -55.71
N PHE A 228 -6.81 7.76 -55.10
CA PHE A 228 -5.82 6.90 -54.46
C PHE A 228 -4.78 6.48 -55.49
N ASP A 229 -3.51 6.50 -55.09
CA ASP A 229 -2.40 6.35 -56.02
C ASP A 229 -1.37 5.38 -55.44
N ALA A 230 -1.38 4.14 -55.94
CA ALA A 230 -0.43 3.13 -55.43
C ALA A 230 1.02 3.53 -55.68
N SER A 231 1.28 4.32 -56.73
CA SER A 231 2.65 4.73 -57.02
C SER A 231 3.17 5.77 -56.03
N VAL A 232 2.28 6.41 -55.26
CA VAL A 232 2.72 7.28 -54.17
C VAL A 232 2.98 6.46 -52.92
N SER A 233 2.08 5.53 -52.62
CA SER A 233 2.17 4.59 -51.51
C SER A 233 1.02 3.60 -51.65
N ASP A 234 1.27 2.36 -51.26
CA ASP A 234 0.22 1.35 -51.30
C ASP A 234 -0.63 1.30 -50.04
N VAL A 235 -0.41 2.21 -49.10
CA VAL A 235 -1.14 2.23 -47.84
C VAL A 235 -2.33 3.18 -47.96
N LEU A 236 -3.54 2.65 -47.74
CA LEU A 236 -4.75 3.46 -47.82
C LEU A 236 -4.97 4.26 -46.54
N LEU A 237 -4.88 3.60 -45.38
CA LEU A 237 -5.16 4.30 -44.13
C LEU A 237 -4.33 3.72 -43.00
N VAL A 238 -3.67 4.61 -42.26
CA VAL A 238 -3.03 4.29 -41.00
C VAL A 238 -3.95 4.76 -39.88
N ASP A 239 -4.25 3.87 -38.93
CA ASP A 239 -5.00 4.22 -37.72
C ASP A 239 -3.98 4.35 -36.59
N VAL A 240 -3.64 5.59 -36.25
CA VAL A 240 -2.61 5.88 -35.26
C VAL A 240 -3.25 5.89 -33.87
N GLY A 241 -2.81 4.97 -33.02
CA GLY A 241 -3.42 4.81 -31.71
C GLY A 241 -4.76 4.11 -31.74
N GLY A 242 -4.98 3.23 -32.73
CA GLY A 242 -6.26 2.61 -33.00
C GLY A 242 -6.63 1.43 -32.14
N GLY A 243 -5.94 1.20 -31.02
CA GLY A 243 -6.33 0.13 -30.13
C GLY A 243 -6.14 -1.25 -30.75
N ARG A 244 -7.03 -2.17 -30.38
CA ARG A 244 -6.97 -3.53 -30.90
C ARG A 244 -7.55 -3.64 -32.31
N GLY A 245 -7.85 -2.51 -32.95
CA GLY A 245 -8.22 -2.51 -34.36
C GLY A 245 -9.70 -2.64 -34.66
N HIS A 246 -10.58 -2.36 -33.69
CA HIS A 246 -12.01 -2.37 -33.98
C HIS A 246 -12.39 -1.27 -34.96
N ASP A 247 -11.81 -0.09 -34.80
CA ASP A 247 -12.14 1.03 -35.68
C ASP A 247 -11.65 0.78 -37.10
N ILE A 248 -10.43 0.24 -37.24
CA ILE A 248 -9.88 0.02 -38.57
C ILE A 248 -10.49 -1.21 -39.22
N ALA A 249 -10.98 -2.17 -38.43
CA ALA A 249 -11.69 -3.32 -39.00
C ALA A 249 -13.02 -2.89 -39.61
N THR A 250 -13.73 -1.97 -38.95
CA THR A 250 -14.98 -1.45 -39.50
C THR A 250 -14.75 -0.76 -40.84
N PHE A 251 -13.71 0.07 -40.93
CA PHE A 251 -13.41 0.76 -42.18
C PHE A 251 -13.19 -0.23 -43.33
N GLY A 252 -12.36 -1.25 -43.09
CA GLY A 252 -12.04 -2.20 -44.15
C GLY A 252 -13.26 -2.94 -44.68
N SER A 253 -14.24 -3.22 -43.82
CA SER A 253 -15.43 -3.93 -44.26
C SER A 253 -16.45 -3.03 -44.94
N GLN A 254 -16.29 -1.70 -44.85
CA GLN A 254 -17.21 -0.80 -45.53
C GLN A 254 -16.71 -0.37 -46.90
N PHE A 255 -15.42 -0.51 -47.19
CA PHE A 255 -14.86 0.04 -48.42
C PHE A 255 -14.03 -1.00 -49.16
N SER A 256 -14.38 -2.27 -48.98
CA SER A 256 -13.77 -3.39 -49.67
C SER A 256 -14.44 -3.63 -51.02
N PRO A 257 -13.71 -4.15 -52.02
CA PRO A 257 -12.27 -4.49 -52.02
C PRO A 257 -11.36 -3.28 -51.84
N LEU A 258 -10.48 -3.34 -50.84
CA LEU A 258 -9.66 -2.18 -50.50
C LEU A 258 -8.61 -1.92 -51.59
N PRO A 259 -8.42 -0.66 -51.98
CA PRO A 259 -7.38 -0.35 -52.99
C PRO A 259 -5.97 -0.32 -52.43
N GLY A 260 -5.81 -0.17 -51.11
CA GLY A 260 -4.50 -0.13 -50.51
C GLY A 260 -4.52 -0.78 -49.14
N ARG A 261 -3.34 -0.83 -48.52
CA ARG A 261 -3.21 -1.49 -47.22
C ARG A 261 -3.82 -0.64 -46.11
N LEU A 262 -4.26 -1.33 -45.06
CA LEU A 262 -4.63 -0.70 -43.79
C LEU A 262 -3.58 -1.07 -42.76
N VAL A 263 -3.13 -0.08 -42.00
CA VAL A 263 -2.08 -0.27 -40.99
C VAL A 263 -2.59 0.23 -39.66
N LEU A 264 -2.60 -0.65 -38.66
CA LEU A 264 -2.95 -0.27 -37.30
C LEU A 264 -1.68 0.03 -36.52
N GLN A 265 -1.72 1.09 -35.70
CA GLN A 265 -0.58 1.46 -34.87
C GLN A 265 -1.08 1.69 -33.45
N ASP A 266 -0.35 1.14 -32.48
CA ASP A 266 -0.62 1.34 -31.06
C ASP A 266 0.58 0.80 -30.29
N ARG A 267 0.45 0.79 -28.95
CA ARG A 267 1.51 0.29 -28.09
C ARG A 267 1.77 -1.19 -28.34
N GLU A 268 3.00 -1.62 -28.02
CA GLU A 268 3.37 -3.03 -28.21
C GLU A 268 2.45 -3.94 -27.40
N GLN A 269 2.09 -3.53 -26.19
CA GLN A 269 1.25 -4.38 -25.35
C GLN A 269 -0.15 -4.52 -25.95
N VAL A 270 -0.65 -3.48 -26.61
CA VAL A 270 -1.94 -3.57 -27.29
C VAL A 270 -1.82 -4.47 -28.51
N ILE A 271 -0.77 -4.28 -29.30
CA ILE A 271 -0.61 -5.00 -30.57
C ILE A 271 -0.43 -6.48 -30.31
N ASN A 272 0.32 -6.83 -29.27
CA ASN A 272 0.62 -8.24 -29.01
C ASN A 272 -0.55 -8.98 -28.35
N SER A 273 -1.63 -8.29 -28.02
CA SER A 273 -2.81 -8.91 -27.45
C SER A 273 -3.92 -9.16 -28.47
N ILE A 274 -3.70 -8.78 -29.73
CA ILE A 274 -4.68 -8.96 -30.80
C ILE A 274 -4.60 -10.39 -31.32
N PRO A 275 -5.71 -11.15 -31.28
CA PRO A 275 -5.72 -12.48 -31.88
C PRO A 275 -5.12 -12.50 -33.28
N ALA A 276 -4.22 -13.44 -33.52
CA ALA A 276 -3.72 -13.67 -34.88
C ALA A 276 -4.85 -14.21 -35.74
N ASP A 277 -5.08 -13.58 -36.89
CA ASP A 277 -6.30 -13.84 -37.66
C ASP A 277 -5.99 -13.79 -39.15
N GLU A 278 -6.35 -14.86 -39.86
CA GLU A 278 -6.17 -14.89 -41.31
C GLU A 278 -7.19 -13.99 -42.01
N SER A 279 -8.40 -13.87 -41.48
CA SER A 279 -9.45 -13.04 -42.06
C SER A 279 -9.30 -11.57 -41.70
N ARG A 280 -8.18 -11.18 -41.10
CA ARG A 280 -7.95 -9.80 -40.71
C ARG A 280 -7.50 -8.98 -41.90
N GLN A 281 -8.03 -7.75 -42.02
CA GLN A 281 -7.77 -6.90 -43.17
C GLN A 281 -6.80 -5.75 -42.87
N PHE A 282 -6.10 -5.81 -41.75
CA PHE A 282 -5.19 -4.73 -41.37
C PHE A 282 -3.92 -5.31 -40.76
N GLU A 283 -2.85 -4.55 -40.88
CA GLU A 283 -1.57 -4.91 -40.27
C GLU A 283 -1.52 -4.33 -38.87
N ALA A 284 -1.28 -5.19 -37.87
CA ALA A 284 -1.15 -4.76 -36.49
C ALA A 284 0.33 -4.50 -36.19
N THR A 285 0.70 -3.23 -36.06
CA THR A 285 2.09 -2.84 -35.88
C THR A 285 2.26 -1.97 -34.65
N THR A 286 3.42 -2.10 -34.01
CA THR A 286 3.78 -1.29 -32.86
C THR A 286 4.34 0.05 -33.34
N HIS A 287 3.87 1.14 -32.72
CA HIS A 287 4.38 2.47 -33.05
C HIS A 287 4.10 3.40 -31.87
N ASP A 288 5.12 4.14 -31.46
CA ASP A 288 4.99 5.19 -30.45
C ASP A 288 4.57 6.48 -31.15
N ILE A 289 3.39 7.00 -30.79
CA ILE A 289 2.88 8.22 -31.40
C ILE A 289 3.74 9.43 -31.10
N PHE A 290 4.67 9.32 -30.14
CA PHE A 290 5.61 10.39 -29.84
C PHE A 290 6.92 10.26 -30.59
N THR A 291 6.95 9.41 -31.62
CA THR A 291 8.08 9.32 -32.53
C THR A 291 7.57 9.55 -33.95
N THR A 292 8.51 9.86 -34.85
CA THR A 292 8.15 10.21 -36.22
C THR A 292 7.37 9.07 -36.86
N GLN A 293 6.31 9.44 -37.58
CA GLN A 293 5.47 8.48 -38.29
C GLN A 293 6.29 7.77 -39.36
N PRO A 294 6.45 6.44 -39.29
CA PRO A 294 7.38 5.75 -40.20
C PRO A 294 6.76 5.34 -41.52
N VAL A 295 5.43 5.31 -41.61
CA VAL A 295 4.73 4.96 -42.84
C VAL A 295 4.58 6.24 -43.66
N LYS A 296 5.29 6.31 -44.77
CA LYS A 296 5.39 7.54 -45.55
C LYS A 296 4.37 7.60 -46.68
N HIS A 297 3.73 8.77 -46.81
CA HIS A 297 2.94 9.14 -47.99
C HIS A 297 1.66 8.35 -48.14
N ALA A 298 1.13 7.81 -47.05
CA ALA A 298 -0.14 7.10 -47.11
C ALA A 298 -1.27 8.06 -47.48
N ARG A 299 -2.38 7.48 -47.93
CA ARG A 299 -3.52 8.29 -48.33
C ARG A 299 -4.16 8.98 -47.12
N ALA A 300 -4.25 8.29 -45.99
CA ALA A 300 -4.95 8.83 -44.83
C ALA A 300 -4.27 8.44 -43.54
N TYR A 301 -4.06 9.42 -42.67
CA TYR A 301 -3.60 9.21 -41.31
C TYR A 301 -4.75 9.62 -40.38
N TYR A 302 -5.17 8.69 -39.52
CA TYR A 302 -6.41 8.81 -38.78
C TYR A 302 -6.13 8.56 -37.30
N MET A 303 -6.65 9.45 -36.44
CA MET A 303 -6.66 9.24 -35.00
C MET A 303 -8.07 9.43 -34.47
N HIS A 304 -8.41 8.64 -33.45
CA HIS A 304 -9.73 8.66 -32.84
C HIS A 304 -9.52 8.56 -31.32
N SER A 305 -9.87 9.63 -30.60
CA SER A 305 -9.79 9.65 -29.14
C SER A 305 -8.35 9.45 -28.66
N VAL A 306 -7.41 10.09 -29.35
CA VAL A 306 -6.00 9.93 -28.98
C VAL A 306 -5.46 11.25 -28.43
N PRO A 307 -5.28 12.33 -29.21
CA PRO A 307 -4.70 13.54 -28.62
C PRO A 307 -5.59 14.22 -27.58
N HIS A 308 -6.89 13.90 -27.52
CA HIS A 308 -7.73 14.52 -26.49
C HIS A 308 -7.33 14.10 -25.08
N GLY A 309 -6.49 13.08 -24.94
CA GLY A 309 -6.00 12.69 -23.63
C GLY A 309 -4.77 13.42 -23.15
N PHE A 310 -4.21 14.33 -23.95
CA PHE A 310 -2.93 14.92 -23.65
C PHE A 310 -3.02 16.44 -23.65
N GLY A 311 -2.06 17.06 -22.95
CA GLY A 311 -1.99 18.51 -22.89
C GLY A 311 -1.59 19.12 -24.23
N ASP A 312 -1.62 20.45 -24.26
CA ASP A 312 -1.44 21.17 -25.52
C ASP A 312 -0.08 20.88 -26.14
N GLU A 313 0.98 20.94 -25.35
CA GLU A 313 2.32 20.72 -25.88
C GLU A 313 2.48 19.33 -26.46
N ASP A 314 1.88 18.32 -25.81
CA ASP A 314 2.02 16.94 -26.27
C ASP A 314 1.09 16.65 -27.44
N ALA A 315 -0.11 17.23 -27.45
CA ALA A 315 -0.99 17.10 -28.61
C ALA A 315 -0.35 17.70 -29.85
N VAL A 316 0.32 18.84 -29.72
CA VAL A 316 1.07 19.42 -30.83
C VAL A 316 2.10 18.42 -31.34
N LYS A 317 2.84 17.79 -30.43
CA LYS A 317 3.85 16.82 -30.82
C LYS A 317 3.22 15.60 -31.50
N ILE A 318 2.12 15.09 -30.95
CA ILE A 318 1.46 13.92 -31.53
C ILE A 318 1.08 14.18 -32.98
N MET A 319 0.52 15.36 -33.27
CA MET A 319 0.15 15.68 -34.64
C MET A 319 1.38 15.97 -35.49
N ALA A 320 2.36 16.70 -34.94
CA ALA A 320 3.55 17.07 -35.69
C ALA A 320 4.40 15.86 -36.06
N ASN A 321 4.32 14.77 -35.31
CA ASN A 321 5.03 13.56 -35.70
C ASN A 321 4.46 12.92 -36.96
N LEU A 322 3.24 13.30 -37.36
CA LEU A 322 2.69 12.87 -38.62
C LEU A 322 3.24 13.67 -39.80
N VAL A 323 3.71 14.88 -39.57
CA VAL A 323 4.02 15.84 -40.64
C VAL A 323 5.15 15.35 -41.55
N PRO A 324 6.29 14.86 -41.02
CA PRO A 324 7.35 14.40 -41.93
C PRO A 324 6.96 13.22 -42.81
N ALA A 325 5.82 12.57 -42.56
CA ALA A 325 5.38 11.45 -43.36
C ALA A 325 4.40 11.82 -44.46
N LEU A 326 3.74 12.97 -44.35
CA LEU A 326 2.67 13.32 -45.28
C LEU A 326 3.24 13.67 -46.65
N ALA A 327 2.45 13.36 -47.69
CA ALA A 327 2.77 13.73 -49.06
C ALA A 327 1.89 14.92 -49.45
N LYS A 328 2.53 16.06 -49.73
CA LYS A 328 1.81 17.29 -50.02
C LYS A 328 0.87 17.10 -51.21
N GLY A 329 -0.37 17.55 -51.05
CA GLY A 329 -1.37 17.38 -52.07
C GLY A 329 -2.00 16.00 -52.13
N TYR A 330 -1.63 15.09 -51.22
CA TYR A 330 -2.10 13.72 -51.32
C TYR A 330 -2.51 13.15 -49.96
N SER A 331 -1.68 13.32 -48.93
CA SER A 331 -1.93 12.67 -47.64
C SER A 331 -2.93 13.47 -46.82
N ARG A 332 -4.02 12.81 -46.43
CA ARG A 332 -5.02 13.42 -45.56
C ARG A 332 -4.68 13.14 -44.11
N VAL A 333 -5.06 14.07 -43.25
CA VAL A 333 -5.03 13.87 -41.80
C VAL A 333 -6.47 13.98 -41.31
N LEU A 334 -6.97 12.91 -40.69
CA LEU A 334 -8.36 12.83 -40.27
C LEU A 334 -8.40 12.67 -38.75
N LEU A 335 -8.80 13.72 -38.04
CA LEU A 335 -8.79 13.74 -36.59
C LEU A 335 -10.22 13.57 -36.08
N ASN A 336 -10.51 12.37 -35.56
CA ASN A 336 -11.85 11.99 -35.10
C ASN A 336 -11.94 12.32 -33.60
N GLU A 337 -12.29 13.58 -33.29
CA GLU A 337 -12.32 14.02 -31.91
C GLU A 337 -13.53 14.92 -31.67
N ILE A 338 -14.01 14.91 -30.43
CA ILE A 338 -15.05 15.84 -30.02
C ILE A 338 -14.58 17.28 -30.23
N VAL A 339 -15.48 18.11 -30.72
CA VAL A 339 -15.25 19.55 -30.84
C VAL A 339 -16.27 20.23 -29.94
N VAL A 340 -15.80 20.77 -28.82
CA VAL A 340 -16.69 21.38 -27.84
C VAL A 340 -17.28 22.67 -28.37
N ASP A 341 -18.58 22.85 -28.18
CA ASP A 341 -19.30 24.08 -28.51
C ASP A 341 -19.70 24.70 -27.17
N GLU A 342 -18.82 25.54 -26.62
CA GLU A 342 -19.03 26.09 -25.28
C GLU A 342 -20.36 26.81 -25.14
N GLU A 343 -20.93 27.30 -26.25
CA GLU A 343 -22.24 27.96 -26.19
C GLU A 343 -23.37 26.96 -26.05
N ARG A 344 -23.21 25.73 -26.55
CA ARG A 344 -24.23 24.68 -26.48
C ARG A 344 -23.61 23.46 -25.82
N PRO A 345 -23.59 23.41 -24.49
CA PRO A 345 -23.00 22.25 -23.80
C PRO A 345 -23.90 21.02 -23.92
N VAL A 346 -23.35 19.95 -24.50
CA VAL A 346 -24.08 18.69 -24.64
C VAL A 346 -23.43 17.64 -23.76
N MET A 347 -24.22 16.63 -23.39
CA MET A 347 -23.76 15.57 -22.49
C MET A 347 -22.59 14.81 -23.09
N SER A 348 -22.62 14.57 -24.41
CA SER A 348 -21.59 13.75 -25.04
C SER A 348 -20.19 14.34 -24.83
N ALA A 349 -20.08 15.67 -24.86
CA ALA A 349 -18.78 16.31 -24.67
C ALA A 349 -18.41 16.45 -23.20
N THR A 350 -19.37 16.85 -22.35
CA THR A 350 -19.06 17.03 -20.94
C THR A 350 -18.76 15.70 -20.26
N ASN A 351 -19.46 14.63 -20.67
CA ASN A 351 -19.13 13.27 -20.28
C ASN A 351 -17.65 12.98 -20.45
N MET A 352 -17.20 12.96 -21.72
CA MET A 352 -15.83 12.59 -22.03
C MET A 352 -14.82 13.63 -21.55
N ASP A 353 -15.23 14.89 -21.43
CA ASP A 353 -14.33 15.91 -20.91
C ASP A 353 -13.89 15.58 -19.48
N LEU A 354 -14.85 15.24 -18.63
CA LEU A 354 -14.54 14.92 -17.24
C LEU A 354 -13.93 13.53 -17.09
N ILE A 355 -14.22 12.63 -18.03
CA ILE A 355 -13.48 11.37 -18.11
C ILE A 355 -12.00 11.65 -18.37
N MET A 356 -11.70 12.67 -19.20
CA MET A 356 -10.31 13.04 -19.40
C MET A 356 -9.70 13.57 -18.11
N LEU A 357 -10.43 14.45 -17.42
CA LEU A 357 -9.95 14.99 -16.15
C LEU A 357 -9.73 13.89 -15.12
N ALA A 358 -10.67 12.93 -15.04
CA ALA A 358 -10.62 11.92 -14.00
C ALA A 358 -9.56 10.83 -14.26
N HIS A 359 -9.11 10.66 -15.50
CA HIS A 359 -8.10 9.66 -15.82
C HIS A 359 -6.79 10.27 -16.31
N MET A 360 -6.84 11.21 -17.24
CA MET A 360 -5.65 11.75 -17.89
C MET A 360 -5.25 13.13 -17.38
N GLY A 361 -6.10 13.81 -16.62
CA GLY A 361 -5.84 15.19 -16.29
C GLY A 361 -5.92 16.14 -17.46
N ALA A 362 -6.66 15.77 -18.51
CA ALA A 362 -6.75 16.52 -19.75
C ALA A 362 -8.18 17.04 -19.94
N LYS A 363 -8.49 17.49 -21.17
CA LYS A 363 -9.80 18.06 -21.46
C LYS A 363 -10.14 17.89 -22.93
N GLU A 364 -11.42 18.03 -23.24
CA GLU A 364 -11.84 18.17 -24.63
C GLU A 364 -11.66 19.62 -25.06
N ARG A 365 -11.69 19.84 -26.38
CA ARG A 365 -11.26 21.11 -26.93
C ARG A 365 -12.29 21.67 -27.91
N THR A 366 -12.33 23.00 -27.98
CA THR A 366 -13.17 23.71 -28.93
C THR A 366 -12.52 23.69 -30.32
N GLU A 367 -13.28 24.16 -31.31
CA GLU A 367 -12.72 24.27 -32.65
C GLU A 367 -11.52 25.21 -32.67
N ALA A 368 -11.60 26.33 -31.95
CA ALA A 368 -10.47 27.24 -31.87
C ALA A 368 -9.29 26.61 -31.15
N ASP A 369 -9.56 25.77 -30.15
CA ASP A 369 -8.49 25.04 -29.48
C ASP A 369 -7.76 24.11 -30.44
N TRP A 370 -8.52 23.30 -31.19
CA TRP A 370 -7.92 22.34 -32.12
C TRP A 370 -7.15 23.05 -33.22
N ARG A 371 -7.69 24.16 -33.74
CA ARG A 371 -6.98 24.88 -34.79
C ARG A 371 -5.62 25.36 -34.33
N SER A 372 -5.52 25.77 -33.06
CA SER A 372 -4.23 26.21 -32.53
C SER A 372 -3.23 25.06 -32.47
N ILE A 373 -3.67 23.88 -32.03
CA ILE A 373 -2.78 22.72 -31.97
C ILE A 373 -2.32 22.32 -33.36
N LEU A 374 -3.24 22.24 -34.31
CA LEU A 374 -2.87 21.82 -35.66
C LEU A 374 -1.98 22.85 -36.34
N THR A 375 -2.23 24.14 -36.13
CA THR A 375 -1.36 25.16 -36.71
C THR A 375 0.03 25.12 -36.09
N ARG A 376 0.11 24.86 -34.78
CA ARG A 376 1.42 24.74 -34.15
C ARG A 376 2.12 23.46 -34.58
N ALA A 377 1.36 22.44 -34.99
CA ALA A 377 1.95 21.21 -35.52
C ALA A 377 2.35 21.34 -36.98
N GLY A 378 1.99 22.43 -37.64
CA GLY A 378 2.25 22.58 -39.06
C GLY A 378 1.15 22.03 -39.95
N LEU A 379 -0.09 22.02 -39.48
CA LEU A 379 -1.22 21.52 -40.26
C LEU A 379 -2.30 22.61 -40.36
N LYS A 380 -3.05 22.58 -41.45
CA LYS A 380 -4.18 23.48 -41.65
C LYS A 380 -5.44 22.66 -41.90
N VAL A 381 -6.54 23.11 -41.31
CA VAL A 381 -7.81 22.37 -41.40
C VAL A 381 -8.42 22.57 -42.78
N VAL A 382 -8.82 21.48 -43.41
CA VAL A 382 -9.51 21.54 -44.69
C VAL A 382 -11.02 21.68 -44.50
N ASN A 383 -11.59 20.86 -43.62
CA ASN A 383 -13.03 20.90 -43.34
C ASN A 383 -13.28 20.15 -42.04
N ILE A 384 -14.40 20.47 -41.39
CA ILE A 384 -14.82 19.80 -40.16
C ILE A 384 -16.20 19.19 -40.40
N TYR A 385 -16.30 17.88 -40.23
CA TYR A 385 -17.53 17.13 -40.47
C TYR A 385 -18.14 16.69 -39.15
N SER A 386 -19.46 16.84 -39.02
CA SER A 386 -20.16 16.40 -37.83
C SER A 386 -21.42 15.66 -38.25
N TYR A 387 -22.00 14.93 -37.30
CA TYR A 387 -23.17 14.09 -37.54
C TYR A 387 -24.13 14.26 -36.38
N PRO A 388 -25.42 14.49 -36.65
CA PRO A 388 -26.38 14.66 -35.54
C PRO A 388 -26.39 13.44 -34.63
N GLY A 389 -26.13 13.68 -33.35
CA GLY A 389 -26.21 12.64 -32.34
C GLY A 389 -24.93 11.90 -32.08
N VAL A 390 -23.84 12.23 -32.77
CA VAL A 390 -22.53 11.61 -32.56
C VAL A 390 -21.70 12.54 -31.70
N ALA A 391 -20.87 11.95 -30.83
CA ALA A 391 -20.02 12.76 -29.95
C ALA A 391 -18.94 13.49 -30.73
N GLU A 392 -18.19 12.76 -31.54
CA GLU A 392 -16.97 13.27 -32.17
C GLU A 392 -17.27 13.89 -33.53
N SER A 393 -16.44 14.86 -33.90
CA SER A 393 -16.36 15.36 -35.27
C SER A 393 -15.22 14.65 -36.01
N LEU A 394 -15.21 14.81 -37.33
CA LEU A 394 -14.07 14.40 -38.16
C LEU A 394 -13.45 15.68 -38.70
N ILE A 395 -12.24 15.98 -38.25
CA ILE A 395 -11.49 17.12 -38.73
C ILE A 395 -10.51 16.64 -39.78
N GLU A 396 -10.69 17.10 -41.03
CA GLU A 396 -9.70 16.85 -42.06
C GLU A 396 -8.72 18.02 -42.09
N ALA A 397 -7.43 17.70 -42.06
CA ALA A 397 -6.37 18.68 -42.17
C ALA A 397 -5.37 18.20 -43.21
N GLU A 398 -4.35 19.02 -43.44
CA GLU A 398 -3.31 18.72 -44.41
C GLU A 398 -2.08 19.55 -44.05
N LEU A 399 -0.99 19.32 -44.78
CA LEU A 399 0.22 20.11 -44.61
C LEU A 399 -0.07 21.60 -44.73
N ALA A 400 0.46 22.38 -43.80
CA ALA A 400 0.27 23.83 -43.81
C ALA A 400 0.97 24.45 -45.02
N ALA B 6 -41.82 -3.23 -23.93
CA ALA B 6 -42.63 -2.30 -24.72
C ALA B 6 -41.75 -1.50 -25.67
N SER B 7 -42.25 -1.27 -26.88
CA SER B 7 -41.50 -0.58 -27.90
C SER B 7 -41.51 0.92 -27.64
N PRO B 8 -40.54 1.66 -28.21
CA PRO B 8 -40.59 3.13 -28.11
C PRO B 8 -41.91 3.72 -28.56
N ALA B 9 -42.51 3.20 -29.63
CA ALA B 9 -43.76 3.75 -30.14
C ALA B 9 -44.88 3.67 -29.12
N SER B 10 -44.96 2.56 -28.37
CA SER B 10 -46.00 2.45 -27.35
C SER B 10 -45.66 3.23 -26.09
N ILE B 11 -44.37 3.50 -25.83
CA ILE B 11 -44.02 4.37 -24.72
C ILE B 11 -44.32 5.82 -25.08
N ILE B 12 -44.07 6.22 -26.33
CA ILE B 12 -44.43 7.56 -26.78
C ILE B 12 -45.93 7.79 -26.60
N GLN B 13 -46.74 6.76 -26.83
CA GLN B 13 -48.17 6.86 -26.64
C GLN B 13 -48.53 6.99 -25.17
N GLU B 14 -47.96 6.12 -24.33
CA GLU B 14 -48.20 6.22 -22.88
C GLU B 14 -47.70 7.56 -22.33
N LEU B 15 -46.57 8.05 -22.85
CA LEU B 15 -46.05 9.33 -22.41
C LEU B 15 -47.01 10.46 -22.72
N ALA B 16 -47.59 10.45 -23.93
CA ALA B 16 -48.59 11.47 -24.28
C ALA B 16 -49.87 11.29 -23.48
N SER B 17 -50.24 10.04 -23.15
CA SER B 17 -51.40 9.81 -22.31
C SER B 17 -51.17 10.32 -20.89
N ALA B 18 -49.96 10.09 -20.36
CA ALA B 18 -49.62 10.63 -19.05
C ALA B 18 -49.58 12.15 -19.06
N ALA B 19 -49.25 12.74 -20.22
CA ALA B 19 -49.20 14.20 -20.33
C ALA B 19 -50.57 14.82 -20.04
N LYS B 20 -51.60 14.37 -20.77
CA LYS B 20 -52.95 14.90 -20.56
C LYS B 20 -53.35 14.83 -19.09
N GLN B 21 -53.12 13.69 -18.45
CA GLN B 21 -53.45 13.53 -17.04
C GLN B 21 -52.72 14.54 -16.17
N TYR B 22 -51.48 14.90 -16.55
CA TYR B 22 -50.73 15.89 -15.81
C TYR B 22 -51.27 17.29 -16.03
N GLU B 23 -51.67 17.61 -17.27
CA GLU B 23 -52.31 18.90 -17.52
C GLU B 23 -53.64 19.00 -16.80
N ASN B 24 -54.36 17.90 -16.67
CA ASN B 24 -55.62 17.85 -15.93
C ASN B 24 -55.41 17.77 -14.42
N ASN B 25 -54.16 17.95 -13.96
CA ASN B 25 -53.82 18.00 -12.53
C ASN B 25 -54.20 16.72 -11.79
N GLU B 26 -54.33 15.61 -12.51
CA GLU B 26 -54.69 14.34 -11.87
C GLU B 26 -53.55 13.89 -10.96
N SER B 27 -53.90 13.38 -9.79
CA SER B 27 -52.91 13.01 -8.80
C SER B 27 -52.03 11.88 -9.30
N GLY B 28 -50.74 11.94 -8.99
CA GLY B 28 -49.78 10.96 -9.42
C GLY B 28 -49.30 11.10 -10.86
N ALA B 29 -49.99 11.89 -11.68
CA ALA B 29 -49.66 11.95 -13.11
C ALA B 29 -48.29 12.55 -13.34
N ARG B 30 -47.87 13.51 -12.52
CA ARG B 30 -46.53 14.08 -12.65
C ARG B 30 -45.47 12.99 -12.51
N GLU B 31 -45.61 12.14 -11.49
CA GLU B 31 -44.66 11.03 -11.31
C GLU B 31 -44.77 10.00 -12.43
N ALA B 32 -45.97 9.82 -12.99
CA ALA B 32 -46.13 8.89 -14.12
C ALA B 32 -45.52 9.45 -15.39
N LEU B 33 -45.59 10.77 -15.58
CA LEU B 33 -44.89 11.40 -16.70
C LEU B 33 -43.38 11.21 -16.56
N ILE B 34 -42.86 11.35 -15.34
CA ILE B 34 -41.45 11.07 -15.08
C ILE B 34 -41.12 9.61 -15.37
N ALA B 35 -42.02 8.70 -15.00
CA ALA B 35 -41.78 7.27 -15.21
C ALA B 35 -41.79 6.92 -16.69
N GLN B 36 -42.78 7.43 -17.44
CA GLN B 36 -42.83 7.15 -18.87
C GLN B 36 -41.64 7.76 -19.60
N SER B 37 -41.13 8.91 -19.13
CA SER B 37 -39.95 9.50 -19.75
C SER B 37 -38.74 8.59 -19.61
N ARG B 38 -38.55 8.00 -18.42
CA ARG B 38 -37.38 7.15 -18.20
C ARG B 38 -37.48 5.86 -18.99
N ALA B 39 -38.68 5.27 -19.10
CA ALA B 39 -38.84 4.06 -19.88
C ALA B 39 -38.53 4.30 -21.35
N LEU B 40 -38.90 5.47 -21.87
CA LEU B 40 -38.55 5.83 -23.24
C LEU B 40 -37.03 5.85 -23.42
N ILE B 41 -36.33 6.52 -22.49
CA ILE B 41 -34.87 6.63 -22.58
C ILE B 41 -34.22 5.26 -22.63
N ALA B 42 -34.65 4.36 -21.73
CA ALA B 42 -34.06 3.02 -21.71
C ALA B 42 -34.44 2.21 -22.94
N SER B 43 -35.60 2.50 -23.53
CA SER B 43 -36.03 1.85 -24.76
C SER B 43 -35.30 2.36 -25.99
N LEU B 44 -34.63 3.50 -25.88
CA LEU B 44 -33.96 4.14 -27.02
C LEU B 44 -32.43 4.11 -26.93
N GLU B 45 -31.87 4.04 -25.73
CA GLU B 45 -30.43 4.11 -25.57
C GLU B 45 -29.75 2.83 -26.04
N VAL B 46 -28.58 2.98 -26.66
CA VAL B 46 -27.76 1.83 -27.04
C VAL B 46 -26.89 1.49 -25.82
N PRO B 47 -26.35 0.28 -25.72
CA PRO B 47 -25.55 -0.08 -24.53
C PRO B 47 -24.39 0.85 -24.23
N SER B 48 -23.75 1.44 -25.24
CA SER B 48 -22.64 2.34 -24.95
C SER B 48 -23.11 3.64 -24.30
N GLU B 49 -24.34 4.08 -24.61
CA GLU B 49 -24.88 5.28 -23.99
C GLU B 49 -25.30 5.02 -22.55
N PHE B 50 -25.91 3.85 -22.30
CA PHE B 50 -26.19 3.46 -20.92
C PHE B 50 -24.92 3.47 -20.09
N ILE B 51 -23.82 2.93 -20.64
CA ILE B 51 -22.56 2.86 -19.91
C ILE B 51 -22.04 4.26 -19.61
N GLN B 52 -22.05 5.15 -20.61
CA GLN B 52 -21.58 6.51 -20.39
C GLN B 52 -22.45 7.23 -19.36
N HIS B 53 -23.78 7.08 -19.45
CA HIS B 53 -24.64 7.79 -18.51
C HIS B 53 -24.52 7.20 -17.10
N THR B 54 -24.55 5.87 -16.99
CA THR B 54 -24.50 5.24 -15.68
C THR B 54 -23.17 5.48 -14.99
N PHE B 55 -22.08 5.42 -15.75
CA PHE B 55 -20.75 5.39 -15.13
C PHE B 55 -19.93 6.66 -15.36
N TRP B 56 -20.36 7.57 -16.23
CA TRP B 56 -19.65 8.85 -16.37
C TRP B 56 -20.50 10.01 -15.89
N SER B 57 -21.65 10.27 -16.54
CA SER B 57 -22.46 11.44 -16.23
C SER B 57 -22.86 11.46 -14.76
N GLN B 58 -23.44 10.35 -14.28
CA GLN B 58 -23.98 10.34 -12.92
C GLN B 58 -22.89 10.44 -11.86
N PRO B 59 -21.77 9.70 -11.94
CA PRO B 59 -20.70 9.93 -10.95
C PRO B 59 -20.15 11.35 -11.01
N ALA B 60 -19.92 11.88 -12.21
CA ALA B 60 -19.46 13.27 -12.31
C ALA B 60 -20.52 14.24 -11.81
N LEU B 61 -21.81 13.91 -11.97
CA LEU B 61 -22.86 14.78 -11.48
C LEU B 61 -22.90 14.79 -9.95
N SER B 62 -22.81 13.61 -9.32
CA SER B 62 -22.71 13.55 -7.87
C SER B 62 -21.55 14.38 -7.37
N ALA B 63 -20.39 14.24 -8.02
CA ALA B 63 -19.18 14.92 -7.55
C ALA B 63 -19.31 16.43 -7.65
N ILE B 64 -19.87 16.93 -8.75
CA ILE B 64 -19.96 18.37 -8.97
C ILE B 64 -21.04 18.99 -8.10
N VAL B 65 -22.16 18.28 -7.91
CA VAL B 65 -23.20 18.73 -6.99
C VAL B 65 -22.65 18.80 -5.58
N ARG B 66 -21.87 17.79 -5.17
CA ARG B 66 -21.19 17.82 -3.87
C ARG B 66 -20.23 19.00 -3.79
N LEU B 67 -19.39 19.18 -4.81
CA LEU B 67 -18.44 20.28 -4.83
C LEU B 67 -19.16 21.63 -4.73
N ALA B 68 -20.35 21.73 -5.33
CA ALA B 68 -21.07 22.99 -5.31
C ALA B 68 -21.41 23.44 -3.90
N THR B 69 -21.59 22.50 -2.96
CA THR B 69 -21.85 22.86 -1.57
C THR B 69 -20.61 23.37 -0.85
N ASP B 70 -19.43 23.22 -1.44
CA ASP B 70 -18.20 23.73 -0.87
C ASP B 70 -17.88 25.14 -1.33
N VAL B 71 -18.44 25.58 -2.45
CA VAL B 71 -18.10 26.85 -3.06
C VAL B 71 -19.30 27.79 -3.18
N ASN B 72 -20.44 27.43 -2.58
CA ASN B 72 -21.60 28.32 -2.49
C ASN B 72 -22.23 28.59 -3.86
N LEU B 73 -22.11 27.63 -4.79
CA LEU B 73 -22.46 27.89 -6.18
C LEU B 73 -23.96 28.15 -6.35
N PHE B 74 -24.80 27.25 -5.84
CA PHE B 74 -26.24 27.42 -6.00
C PHE B 74 -26.74 28.66 -5.26
N GLN B 75 -26.15 28.98 -4.12
CA GLN B 75 -26.51 30.21 -3.42
C GLN B 75 -26.19 31.43 -4.28
N TYR B 76 -25.06 31.42 -4.97
CA TYR B 76 -24.73 32.54 -5.85
C TYR B 76 -25.72 32.67 -7.00
N LEU B 77 -26.07 31.53 -7.63
CA LEU B 77 -26.98 31.58 -8.76
C LEU B 77 -28.38 32.00 -8.32
N LYS B 78 -28.82 31.55 -7.14
CA LYS B 78 -30.12 31.99 -6.62
C LYS B 78 -30.13 33.50 -6.42
N ASP B 79 -29.08 34.04 -5.80
CA ASP B 79 -29.02 35.48 -5.55
C ASP B 79 -29.05 36.27 -6.84
N ALA B 80 -28.45 35.74 -7.91
CA ALA B 80 -28.39 36.46 -9.18
C ALA B 80 -29.75 36.53 -9.86
N GLN B 81 -30.70 35.69 -9.46
CA GLN B 81 -32.07 35.66 -10.01
C GLN B 81 -31.97 35.61 -11.55
N GLU B 82 -32.60 36.53 -12.26
CA GLU B 82 -32.71 36.47 -13.71
C GLU B 82 -31.49 37.06 -14.43
N GLU B 83 -30.60 37.73 -13.71
CA GLU B 83 -29.40 38.30 -14.32
C GLU B 83 -28.35 37.25 -14.61
N GLY B 84 -28.28 36.19 -13.81
CA GLY B 84 -27.28 35.16 -14.00
C GLY B 84 -25.87 35.65 -13.70
N LEU B 85 -24.90 34.80 -14.04
CA LEU B 85 -23.49 35.09 -13.88
C LEU B 85 -22.70 34.34 -14.95
N ASN B 86 -21.71 35.01 -15.53
CA ASN B 86 -20.82 34.33 -16.48
C ASN B 86 -19.77 33.52 -15.71
N ALA B 87 -18.97 32.75 -16.45
CA ALA B 87 -17.97 31.90 -15.80
C ALA B 87 -16.92 32.72 -15.07
N GLU B 88 -16.58 33.89 -15.60
CA GLU B 88 -15.60 34.75 -14.95
C GLU B 88 -16.12 35.28 -13.61
N ALA B 89 -17.39 35.68 -13.56
CA ALA B 89 -17.95 36.19 -12.31
C ALA B 89 -18.15 35.09 -11.28
N LEU B 90 -18.50 33.88 -11.71
CA LEU B 90 -18.72 32.79 -10.78
C LEU B 90 -17.39 32.23 -10.26
N ALA B 91 -16.39 32.11 -11.13
CA ALA B 91 -15.07 31.69 -10.69
C ALA B 91 -14.51 32.65 -9.64
N SER B 92 -14.73 33.95 -9.84
CA SER B 92 -14.27 34.94 -8.87
C SER B 92 -14.96 34.76 -7.52
N LYS B 93 -16.28 34.61 -7.53
CA LYS B 93 -17.02 34.47 -6.28
C LYS B 93 -16.67 33.17 -5.56
N THR B 94 -16.46 32.09 -6.32
CA THR B 94 -16.17 30.78 -5.73
C THR B 94 -14.68 30.55 -5.48
N GLY B 95 -13.82 31.46 -5.95
CA GLY B 95 -12.40 31.26 -5.81
C GLY B 95 -11.86 30.09 -6.60
N MET B 96 -12.46 29.79 -7.75
CA MET B 96 -12.08 28.64 -8.56
C MET B 96 -11.36 29.12 -9.82
N ASP B 97 -10.48 28.27 -10.35
CA ASP B 97 -9.94 28.52 -11.68
C ASP B 97 -11.10 28.64 -12.68
N VAL B 98 -11.00 29.62 -13.57
CA VAL B 98 -12.10 29.91 -14.48
C VAL B 98 -12.39 28.73 -15.40
N SER B 99 -11.33 28.09 -15.89
CA SER B 99 -11.52 26.99 -16.85
C SER B 99 -12.10 25.76 -16.17
N LEU B 100 -11.60 25.41 -14.98
CA LEU B 100 -12.16 24.28 -14.25
C LEU B 100 -13.64 24.51 -13.92
N PHE B 101 -13.98 25.71 -13.45
CA PHE B 101 -15.38 25.98 -13.11
C PHE B 101 -16.27 25.81 -14.32
N ALA B 102 -15.87 26.39 -15.46
CA ALA B 102 -16.71 26.34 -16.65
C ALA B 102 -16.92 24.91 -17.12
N ARG B 103 -15.91 24.06 -16.99
CA ARG B 103 -16.05 22.67 -17.40
C ARG B 103 -16.98 21.90 -16.47
N LEU B 104 -16.94 22.20 -15.17
CA LEU B 104 -17.87 21.58 -14.23
C LEU B 104 -19.26 22.17 -14.36
N ALA B 105 -19.34 23.48 -14.57
CA ALA B 105 -20.64 24.12 -14.73
C ALA B 105 -21.36 23.63 -15.98
N ARG B 106 -20.63 23.46 -17.09
CA ARG B 106 -21.26 23.03 -18.32
C ARG B 106 -21.84 21.61 -18.20
N HIS B 107 -21.25 20.76 -17.36
CA HIS B 107 -21.86 19.44 -17.15
C HIS B 107 -23.17 19.57 -16.38
N LEU B 108 -23.22 20.45 -15.38
CA LEU B 108 -24.47 20.74 -14.69
C LEU B 108 -25.53 21.23 -15.67
N VAL B 109 -25.13 22.11 -16.61
CA VAL B 109 -26.03 22.51 -17.69
C VAL B 109 -26.48 21.30 -18.48
N ALA B 110 -25.52 20.52 -18.99
CA ALA B 110 -25.84 19.35 -19.80
C ALA B 110 -26.66 18.33 -19.01
N MET B 111 -26.53 18.34 -17.68
CA MET B 111 -27.28 17.42 -16.82
C MET B 111 -28.61 18.02 -16.37
N ASN B 112 -28.98 19.19 -16.90
CA ASN B 112 -30.29 19.81 -16.70
C ASN B 112 -30.50 20.33 -15.28
N VAL B 113 -29.41 20.73 -14.61
CA VAL B 113 -29.48 21.24 -13.25
C VAL B 113 -29.49 22.76 -13.22
N ILE B 114 -28.71 23.40 -14.09
CA ILE B 114 -28.74 24.83 -14.34
C ILE B 114 -28.86 25.04 -15.84
N THR B 115 -29.10 26.28 -16.25
CA THR B 115 -29.17 26.60 -17.68
C THR B 115 -28.10 27.62 -18.04
N SER B 116 -27.96 27.84 -19.35
CA SER B 116 -26.95 28.75 -19.86
C SER B 116 -27.41 29.34 -21.19
N ARG B 117 -27.42 30.67 -21.28
CA ARG B 117 -27.54 31.40 -22.54
C ARG B 117 -26.34 32.30 -22.72
N ASN B 118 -25.66 32.18 -23.86
CA ASN B 118 -24.66 33.15 -24.30
C ASN B 118 -23.56 33.34 -23.25
N GLY B 119 -23.06 32.22 -22.74
CA GLY B 119 -21.99 32.25 -21.76
C GLY B 119 -22.38 32.70 -20.38
N VAL B 120 -23.67 32.97 -20.13
CA VAL B 120 -24.16 33.30 -18.80
C VAL B 120 -24.84 32.05 -18.23
N PHE B 121 -24.64 31.81 -16.93
CA PHE B 121 -25.24 30.68 -16.24
C PHE B 121 -26.40 31.18 -15.37
N TYR B 122 -27.48 30.39 -15.32
CA TYR B 122 -28.69 30.77 -14.60
C TYR B 122 -29.14 29.66 -13.68
N GLY B 123 -29.53 30.04 -12.46
CA GLY B 123 -30.16 29.09 -11.56
C GLY B 123 -31.51 28.63 -12.09
N THR B 124 -31.90 27.44 -11.64
CA THR B 124 -33.18 26.83 -11.97
C THR B 124 -33.98 26.58 -10.69
N ALA B 125 -35.24 26.20 -10.86
CA ALA B 125 -36.05 25.83 -9.71
C ALA B 125 -35.37 24.75 -8.87
N LEU B 126 -34.72 23.80 -9.55
CA LEU B 126 -34.01 22.73 -8.85
C LEU B 126 -32.81 23.26 -8.08
N SER B 127 -31.97 24.07 -8.72
CA SER B 127 -30.74 24.51 -8.08
C SER B 127 -31.00 25.56 -7.01
N ASN B 128 -32.03 26.39 -7.18
CA ASN B 128 -32.41 27.31 -6.11
C ASN B 128 -32.96 26.57 -4.90
N GLY B 129 -33.61 25.43 -5.11
CA GLY B 129 -34.04 24.61 -4.00
C GLY B 129 -32.85 23.98 -3.28
N LEU B 130 -31.90 23.44 -4.03
CA LEU B 130 -30.69 22.87 -3.44
C LEU B 130 -29.84 23.89 -2.70
N ALA B 131 -30.11 25.19 -2.87
CA ALA B 131 -29.38 26.22 -2.15
C ALA B 131 -29.77 26.30 -0.68
N ALA B 132 -30.96 25.78 -0.32
CA ALA B 132 -31.36 25.76 1.08
C ALA B 132 -30.46 24.83 1.87
N GLU B 133 -30.27 25.17 3.14
CA GLU B 133 -29.20 24.53 3.90
C GLU B 133 -29.50 23.07 4.21
N ASN B 134 -30.77 22.68 4.31
CA ASN B 134 -31.02 21.26 4.59
C ASN B 134 -30.70 20.38 3.39
N TYR B 135 -30.86 20.89 2.17
CA TYR B 135 -30.42 20.14 0.99
C TYR B 135 -28.90 20.14 0.86
N GLN B 136 -28.25 21.25 1.26
CA GLN B 136 -26.78 21.31 1.20
C GLN B 136 -26.15 20.24 2.08
N GLN B 137 -26.67 20.07 3.31
CA GLN B 137 -26.16 19.03 4.19
C GLN B 137 -26.58 17.64 3.73
N SER B 138 -27.78 17.54 3.11
CA SER B 138 -28.21 16.28 2.50
C SER B 138 -27.23 15.84 1.41
N ILE B 139 -26.78 16.79 0.59
CA ILE B 139 -25.83 16.47 -0.49
C ILE B 139 -24.51 15.98 0.11
N ARG B 140 -24.00 16.68 1.13
CA ARG B 140 -22.77 16.26 1.77
C ARG B 140 -22.92 14.86 2.37
N PHE B 141 -23.98 14.64 3.15
CA PHE B 141 -24.23 13.30 3.70
C PHE B 141 -24.24 12.24 2.61
N CYS B 142 -24.91 12.52 1.49
CA CYS B 142 -25.13 11.50 0.47
C CYS B 142 -23.84 11.11 -0.25
N HIS B 143 -22.96 12.09 -0.47
CA HIS B 143 -21.71 11.80 -1.18
C HIS B 143 -20.59 11.36 -0.26
N ASP B 144 -20.63 11.76 1.02
CA ASP B 144 -19.57 11.44 1.96
C ASP B 144 -19.84 10.17 2.75
N VAL B 145 -21.10 9.82 3.00
CA VAL B 145 -21.46 8.72 3.88
C VAL B 145 -22.11 7.58 3.09
N SER B 146 -23.11 7.89 2.26
CA SER B 146 -23.86 6.86 1.54
C SER B 146 -23.09 6.31 0.35
N ARG B 147 -22.42 7.19 -0.40
CA ARG B 147 -21.74 6.76 -1.63
C ARG B 147 -20.69 5.69 -1.37
N PRO B 148 -19.79 5.82 -0.39
CA PRO B 148 -18.83 4.74 -0.15
C PRO B 148 -19.50 3.42 0.18
N SER B 149 -20.71 3.45 0.72
CA SER B 149 -21.36 2.20 1.10
C SER B 149 -21.90 1.47 -0.12
N PHE B 150 -22.55 2.18 -1.05
CA PHE B 150 -22.96 1.57 -2.30
C PHE B 150 -21.77 1.08 -3.10
N GLY B 151 -20.69 1.85 -3.12
CA GLY B 151 -19.51 1.44 -3.87
C GLY B 151 -18.89 0.16 -3.36
N ALA B 152 -19.09 -0.14 -2.08
CA ALA B 152 -18.56 -1.36 -1.48
C ALA B 152 -19.43 -2.58 -1.75
N PHE B 153 -20.64 -2.41 -2.29
CA PHE B 153 -21.55 -3.54 -2.50
C PHE B 153 -20.91 -4.72 -3.22
N PRO B 154 -20.28 -4.55 -4.39
CA PRO B 154 -19.78 -5.74 -5.10
C PRO B 154 -18.73 -6.52 -4.32
N SER B 155 -17.79 -5.84 -3.67
CA SER B 155 -16.76 -6.56 -2.92
C SER B 155 -17.28 -7.07 -1.58
N PHE B 156 -18.15 -6.32 -0.90
CA PHE B 156 -18.66 -6.78 0.38
C PHE B 156 -19.46 -8.07 0.22
N PHE B 157 -20.45 -8.07 -0.68
CA PHE B 157 -21.30 -9.24 -0.80
C PHE B 157 -20.55 -10.42 -1.41
N LYS B 158 -19.55 -10.15 -2.25
CA LYS B 158 -18.64 -11.21 -2.66
C LYS B 158 -17.87 -11.77 -1.46
N GLY B 159 -17.46 -10.89 -0.54
CA GLY B 159 -16.75 -11.30 0.67
C GLY B 159 -17.62 -11.99 1.71
N ASN B 160 -18.92 -11.70 1.75
CA ASN B 160 -19.81 -12.33 2.72
C ASN B 160 -20.62 -13.49 2.13
N GLY B 161 -20.29 -13.94 0.92
CA GLY B 161 -20.97 -15.06 0.32
C GLY B 161 -22.31 -14.73 -0.29
N TYR B 162 -22.56 -13.46 -0.60
CA TYR B 162 -23.82 -13.01 -1.19
C TYR B 162 -25.00 -13.34 -0.29
N LYS B 163 -24.87 -12.98 0.98
CA LYS B 163 -25.89 -13.19 1.99
C LYS B 163 -26.52 -11.87 2.39
N THR B 164 -27.79 -11.95 2.78
CA THR B 164 -28.40 -10.84 3.51
C THR B 164 -27.63 -10.63 4.82
N PRO B 165 -27.39 -9.39 5.24
CA PRO B 165 -26.81 -9.17 6.58
C PRO B 165 -27.60 -9.90 7.66
N ALA B 166 -26.90 -10.78 8.39
CA ALA B 166 -27.59 -11.62 9.36
C ALA B 166 -28.04 -10.82 10.58
N LEU B 167 -27.10 -10.08 11.19
CA LEU B 167 -27.46 -9.26 12.35
C LEU B 167 -28.13 -7.97 11.92
N GLY B 168 -27.75 -7.43 10.76
CA GLY B 168 -28.31 -6.19 10.27
C GLY B 168 -27.43 -5.00 10.54
N THR B 169 -27.55 -4.41 11.73
CA THR B 169 -26.96 -3.11 12.01
C THR B 169 -25.43 -3.14 12.09
N THR B 170 -24.82 -4.30 12.35
CA THR B 170 -23.38 -4.35 12.56
C THR B 170 -22.64 -5.26 11.57
N ASP B 171 -23.33 -5.87 10.62
CA ASP B 171 -22.67 -6.74 9.65
C ASP B 171 -23.21 -6.46 8.24
N GLY B 172 -23.27 -5.18 7.88
CA GLY B 172 -23.72 -4.78 6.57
C GLY B 172 -22.64 -4.03 5.82
N PRO B 173 -22.93 -3.62 4.58
CA PRO B 173 -21.92 -2.92 3.77
C PRO B 173 -21.50 -1.56 4.34
N PHE B 174 -22.30 -0.97 5.23
CA PHE B 174 -21.87 0.29 5.86
C PHE B 174 -20.61 0.10 6.66
N GLN B 175 -20.53 -1.01 7.43
CA GLN B 175 -19.37 -1.25 8.27
C GLN B 175 -18.11 -1.46 7.45
N SER B 176 -18.23 -2.20 6.35
CA SER B 176 -17.08 -2.52 5.51
C SER B 176 -16.53 -1.27 4.81
N ALA B 177 -17.41 -0.41 4.29
CA ALA B 177 -16.95 0.76 3.56
C ALA B 177 -16.27 1.76 4.49
N HIS B 178 -16.77 1.91 5.71
CA HIS B 178 -16.24 2.88 6.65
C HIS B 178 -15.29 2.28 7.68
N LYS B 179 -15.09 0.96 7.63
CA LYS B 179 -14.06 0.28 8.42
C LYS B 179 -14.30 0.44 9.92
N VAL B 180 -15.50 0.07 10.36
CA VAL B 180 -15.89 0.12 11.75
C VAL B 180 -16.66 -1.14 12.09
N ASP B 181 -16.66 -1.49 13.38
CA ASP B 181 -17.50 -2.57 13.87
C ASP B 181 -18.84 -2.08 14.37
N ILE B 182 -19.05 -0.77 14.42
CA ILE B 182 -20.19 -0.19 15.10
C ILE B 182 -21.30 0.10 14.11
N SER B 183 -22.50 0.31 14.63
CA SER B 183 -23.69 0.54 13.83
C SER B 183 -23.70 1.95 13.25
N PHE B 184 -24.54 2.13 12.22
CA PHE B 184 -24.70 3.44 11.59
C PHE B 184 -25.11 4.52 12.59
N PRO B 185 -26.10 4.32 13.46
CA PRO B 185 -26.40 5.35 14.47
C PRO B 185 -25.23 5.66 15.40
N GLN B 186 -24.43 4.66 15.76
CA GLN B 186 -23.29 4.92 16.62
C GLN B 186 -22.15 5.61 15.88
N TRP B 187 -22.00 5.33 14.58
CA TRP B 187 -21.02 6.03 13.76
C TRP B 187 -21.34 7.52 13.66
N LEU B 188 -22.62 7.87 13.58
CA LEU B 188 -22.99 9.28 13.48
C LEU B 188 -22.54 10.06 14.71
N VAL B 189 -22.76 9.48 15.90
CA VAL B 189 -22.31 10.11 17.16
C VAL B 189 -20.82 10.39 17.12
N GLY B 190 -20.04 9.51 16.48
CA GLY B 190 -18.59 9.61 16.49
C GLY B 190 -17.97 10.42 15.37
N ASN B 191 -18.76 10.86 14.39
CA ASN B 191 -18.22 11.51 13.18
C ASN B 191 -18.97 12.79 12.86
N PRO B 192 -18.83 13.83 13.67
CA PRO B 192 -19.35 15.13 13.27
C PRO B 192 -18.69 15.59 12.00
N PRO B 193 -19.42 16.32 11.13
CA PRO B 193 -20.77 16.88 11.33
C PRO B 193 -21.92 16.04 10.75
N TYR B 194 -21.76 14.73 10.56
CA TYR B 194 -22.74 13.96 9.80
C TYR B 194 -24.00 13.62 10.58
N LEU B 195 -23.97 13.71 11.92
CA LEU B 195 -25.22 13.58 12.67
C LEU B 195 -26.08 14.82 12.49
N GLN B 196 -25.47 16.01 12.51
CA GLN B 196 -26.20 17.21 12.14
C GLN B 196 -26.67 17.14 10.70
N TYR B 197 -25.81 16.63 9.80
CA TYR B 197 -26.21 16.50 8.41
C TYR B 197 -27.34 15.50 8.25
N PHE B 198 -27.30 14.39 8.99
CA PHE B 198 -28.38 13.42 8.91
C PHE B 198 -29.70 14.00 9.43
N ASN B 199 -29.65 14.77 10.52
CA ASN B 199 -30.87 15.30 11.11
C ASN B 199 -31.51 16.37 10.22
N SER B 200 -30.71 17.20 9.56
CA SER B 200 -31.25 18.15 8.58
C SER B 200 -31.82 17.40 7.38
N TYR B 201 -31.11 16.35 6.95
CA TYR B 201 -31.46 15.55 5.78
C TYR B 201 -32.83 14.88 5.90
N MET B 202 -33.37 14.72 7.10
CA MET B 202 -34.69 14.10 7.20
C MET B 202 -35.84 15.07 6.98
N SER B 203 -35.58 16.38 7.01
CA SER B 203 -36.59 17.33 6.57
C SER B 203 -36.60 17.52 5.06
N ALA B 204 -35.72 16.83 4.34
CA ALA B 204 -35.56 17.02 2.91
C ALA B 204 -35.75 15.77 2.06
N TYR B 205 -35.51 14.56 2.61
CA TYR B 205 -35.39 13.36 1.77
C TYR B 205 -36.69 13.05 1.02
N ARG B 206 -37.84 13.47 1.55
CA ARG B 206 -39.12 13.27 0.84
C ARG B 206 -39.97 14.53 0.81
N ALA B 207 -39.37 15.70 1.06
CA ALA B 207 -40.12 16.94 1.07
C ALA B 207 -40.70 17.24 -0.31
N GLY B 208 -41.69 18.13 -0.34
CA GLY B 208 -42.33 18.49 -1.59
C GLY B 208 -43.25 17.44 -2.18
N LYS B 209 -43.56 16.40 -1.42
CA LYS B 209 -44.49 15.36 -1.80
C LYS B 209 -45.64 15.33 -0.81
N PRO B 210 -46.81 14.83 -1.21
CA PRO B 210 -47.95 14.82 -0.29
C PRO B 210 -47.64 14.12 1.03
N ASN B 211 -48.10 14.72 2.13
CA ASN B 211 -47.98 14.13 3.45
C ASN B 211 -49.15 13.18 3.71
N TRP B 212 -48.95 12.30 4.70
CA TRP B 212 -50.00 11.35 5.09
C TRP B 212 -51.29 12.07 5.48
N CYS B 213 -51.18 13.32 5.93
CA CYS B 213 -52.29 14.08 6.46
C CYS B 213 -52.86 15.07 5.44
N ASP B 214 -52.45 14.98 4.18
CA ASP B 214 -53.01 15.83 3.14
C ASP B 214 -54.34 15.26 2.64
N ASN B 215 -55.16 16.15 2.08
CA ASN B 215 -56.46 15.77 1.55
C ASN B 215 -56.34 14.62 0.57
N GLY B 216 -57.26 13.66 0.67
CA GLY B 216 -57.24 12.50 -0.20
C GLY B 216 -56.24 11.43 0.19
N PHE B 217 -55.56 11.57 1.33
CA PHE B 217 -54.66 10.55 1.83
C PHE B 217 -55.28 9.92 3.08
N TYR B 218 -54.72 10.19 4.25
CA TYR B 218 -55.36 9.63 5.44
C TYR B 218 -56.38 10.62 6.00
N PRO B 219 -57.58 10.14 6.35
CA PRO B 219 -58.64 11.04 6.88
C PRO B 219 -58.41 11.43 8.34
N VAL B 220 -57.59 12.47 8.53
CA VAL B 220 -57.22 12.89 9.88
C VAL B 220 -58.44 13.38 10.64
N ALA B 221 -59.31 14.14 9.98
CA ALA B 221 -60.41 14.79 10.69
C ALA B 221 -61.44 13.78 11.19
N ASP B 222 -61.85 12.84 10.33
CA ASP B 222 -62.88 11.90 10.72
C ASP B 222 -62.37 10.79 11.63
N ARG B 223 -61.07 10.44 11.52
CA ARG B 223 -60.53 9.35 12.33
C ARG B 223 -59.91 9.82 13.66
N LEU B 224 -59.27 10.99 13.67
CA LEU B 224 -58.56 11.46 14.85
C LEU B 224 -59.27 12.60 15.56
N LEU B 225 -59.71 13.62 14.83
CA LEU B 225 -60.30 14.82 15.45
C LEU B 225 -61.72 14.54 15.93
N ASN B 226 -62.55 13.98 15.06
CA ASN B 226 -63.86 13.50 15.47
C ASN B 226 -63.71 12.37 16.48
N GLY B 227 -64.27 12.57 17.67
CA GLY B 227 -64.12 11.63 18.75
C GLY B 227 -62.98 11.90 19.70
N PHE B 228 -62.14 12.91 19.42
CA PHE B 228 -61.10 13.30 20.35
C PHE B 228 -61.72 13.57 21.72
N ASP B 229 -61.12 13.00 22.76
CA ASP B 229 -61.68 13.05 24.10
C ASP B 229 -60.57 13.42 25.07
N ALA B 230 -60.54 14.71 25.46
CA ALA B 230 -59.55 15.19 26.40
C ALA B 230 -59.65 14.51 27.76
N SER B 231 -60.82 13.96 28.10
CA SER B 231 -60.94 13.24 29.37
C SER B 231 -60.28 11.87 29.31
N VAL B 232 -59.92 11.38 28.12
CA VAL B 232 -59.09 10.17 28.02
C VAL B 232 -57.62 10.54 28.07
N SER B 233 -57.25 11.62 27.37
CA SER B 233 -55.91 12.18 27.38
C SER B 233 -55.96 13.50 26.65
N ASP B 234 -55.19 14.48 27.14
CA ASP B 234 -55.11 15.78 26.51
C ASP B 234 -54.07 15.83 25.41
N VAL B 235 -53.61 14.67 24.93
CA VAL B 235 -52.61 14.58 23.87
C VAL B 235 -53.29 14.07 22.61
N LEU B 236 -53.16 14.83 21.51
CA LEU B 236 -53.76 14.44 20.24
C LEU B 236 -52.85 13.49 19.46
N LEU B 237 -51.57 13.82 19.31
CA LEU B 237 -50.71 13.02 18.46
C LEU B 237 -49.29 12.98 19.00
N VAL B 238 -48.70 11.78 18.98
CA VAL B 238 -47.28 11.57 19.29
C VAL B 238 -46.58 11.15 18.00
N ASP B 239 -45.52 11.87 17.63
CA ASP B 239 -44.63 11.48 16.54
C ASP B 239 -43.42 10.80 17.17
N VAL B 240 -43.32 9.48 16.99
CA VAL B 240 -42.30 8.65 17.62
C VAL B 240 -41.19 8.44 16.61
N GLY B 241 -39.99 8.96 16.92
CA GLY B 241 -38.93 9.03 15.94
C GLY B 241 -39.11 10.15 14.93
N GLY B 242 -39.66 11.29 15.36
CA GLY B 242 -39.99 12.38 14.46
C GLY B 242 -38.87 13.30 14.06
N GLY B 243 -37.62 12.97 14.39
CA GLY B 243 -36.51 13.84 14.00
C GLY B 243 -36.58 15.19 14.71
N ARG B 244 -36.21 16.24 13.99
CA ARG B 244 -36.31 17.59 14.52
C ARG B 244 -37.72 18.15 14.49
N GLY B 245 -38.70 17.39 14.02
CA GLY B 245 -40.10 17.77 14.14
C GLY B 245 -40.76 18.33 12.89
N HIS B 246 -40.19 18.10 11.71
CA HIS B 246 -40.77 18.65 10.48
C HIS B 246 -42.15 18.08 10.22
N ASP B 247 -42.35 16.78 10.47
CA ASP B 247 -43.63 16.14 10.18
C ASP B 247 -44.70 16.57 11.18
N ILE B 248 -44.34 16.68 12.46
CA ILE B 248 -45.36 17.02 13.46
C ILE B 248 -45.70 18.50 13.39
N ALA B 249 -44.78 19.33 12.90
CA ALA B 249 -45.10 20.74 12.70
C ALA B 249 -46.02 20.93 11.50
N THR B 250 -45.77 20.17 10.43
CA THR B 250 -46.68 20.15 9.28
C THR B 250 -48.09 19.81 9.73
N PHE B 251 -48.24 18.75 10.54
CA PHE B 251 -49.54 18.38 11.08
C PHE B 251 -50.19 19.54 11.83
N GLY B 252 -49.40 20.24 12.65
CA GLY B 252 -49.97 21.28 13.50
C GLY B 252 -50.59 22.42 12.71
N SER B 253 -49.93 22.83 11.61
CA SER B 253 -50.46 23.92 10.81
C SER B 253 -51.64 23.49 9.94
N GLN B 254 -51.74 22.20 9.60
CA GLN B 254 -52.86 21.74 8.79
C GLN B 254 -54.14 21.64 9.60
N PHE B 255 -54.05 21.41 10.91
CA PHE B 255 -55.23 21.03 11.68
C PHE B 255 -55.43 21.90 12.92
N SER B 256 -55.02 23.19 12.84
CA SER B 256 -55.22 24.16 13.90
C SER B 256 -56.59 24.84 13.76
N PRO B 257 -57.20 25.31 14.86
CA PRO B 257 -56.75 25.20 16.26
C PRO B 257 -56.73 23.75 16.73
N LEU B 258 -55.68 23.34 17.42
CA LEU B 258 -55.52 21.94 17.78
C LEU B 258 -56.28 21.64 19.07
N PRO B 259 -57.10 20.59 19.11
CA PRO B 259 -57.82 20.26 20.35
C PRO B 259 -56.96 19.58 21.40
N GLY B 260 -55.78 19.07 21.04
CA GLY B 260 -54.93 18.37 21.97
C GLY B 260 -53.46 18.63 21.70
N ARG B 261 -52.61 18.08 22.56
CA ARG B 261 -51.19 18.34 22.48
C ARG B 261 -50.53 17.56 21.34
N LEU B 262 -49.51 18.18 20.75
CA LEU B 262 -48.59 17.50 19.84
C LEU B 262 -47.29 17.24 20.59
N VAL B 263 -46.89 15.97 20.67
CA VAL B 263 -45.73 15.55 21.44
C VAL B 263 -44.72 14.93 20.50
N LEU B 264 -43.50 15.47 20.47
CA LEU B 264 -42.41 14.95 19.66
C LEU B 264 -41.44 14.16 20.53
N GLN B 265 -41.09 12.95 20.09
CA GLN B 265 -40.13 12.10 20.78
C GLN B 265 -39.05 11.70 19.80
N ASP B 266 -37.80 11.73 20.26
CA ASP B 266 -36.66 11.28 19.46
C ASP B 266 -35.46 11.18 20.39
N ARG B 267 -34.26 11.08 19.82
CA ARG B 267 -33.05 10.97 20.62
C ARG B 267 -32.73 12.30 21.29
N GLU B 268 -31.98 12.22 22.39
CA GLU B 268 -31.65 13.41 23.18
C GLU B 268 -30.89 14.42 22.34
N GLN B 269 -29.88 13.97 21.58
CA GLN B 269 -29.09 14.89 20.78
C GLN B 269 -29.93 15.59 19.73
N VAL B 270 -30.90 14.86 19.14
CA VAL B 270 -31.81 15.47 18.17
C VAL B 270 -32.66 16.55 18.85
N ILE B 271 -33.24 16.21 20.00
CA ILE B 271 -34.13 17.15 20.69
C ILE B 271 -33.41 18.44 21.03
N ASN B 272 -32.17 18.33 21.55
CA ASN B 272 -31.43 19.53 21.94
C ASN B 272 -31.05 20.40 20.74
N SER B 273 -30.93 19.80 19.56
CA SER B 273 -30.59 20.55 18.35
C SER B 273 -31.78 21.31 17.78
N ILE B 274 -32.94 21.24 18.43
CA ILE B 274 -34.13 21.93 17.96
C ILE B 274 -34.07 23.36 18.48
N PRO B 275 -33.90 24.36 17.61
CA PRO B 275 -33.84 25.75 18.07
C PRO B 275 -35.13 26.15 18.76
N ALA B 276 -34.98 26.97 19.81
CA ALA B 276 -36.14 27.45 20.55
C ALA B 276 -37.05 28.28 19.63
N ASP B 277 -38.35 28.18 19.87
CA ASP B 277 -39.34 28.89 19.05
C ASP B 277 -40.68 28.85 19.77
N GLU B 278 -41.18 30.02 20.16
CA GLU B 278 -42.45 30.11 20.85
C GLU B 278 -43.65 30.08 19.91
N SER B 279 -43.44 30.09 18.61
CA SER B 279 -44.49 29.80 17.65
C SER B 279 -44.59 28.32 17.34
N ARG B 280 -43.73 27.50 17.94
CA ARG B 280 -43.75 26.06 17.72
C ARG B 280 -44.96 25.45 18.40
N GLN B 281 -45.60 24.50 17.72
CA GLN B 281 -46.87 23.94 18.19
C GLN B 281 -46.73 22.58 18.83
N PHE B 282 -45.50 22.09 19.02
CA PHE B 282 -45.28 20.78 19.61
C PHE B 282 -44.32 20.89 20.78
N GLU B 283 -44.29 19.84 21.60
CA GLU B 283 -43.32 19.72 22.67
C GLU B 283 -42.24 18.74 22.24
N ALA B 284 -40.98 19.18 22.34
CA ALA B 284 -39.84 18.38 21.92
C ALA B 284 -39.32 17.63 23.15
N THR B 285 -39.57 16.32 23.19
CA THR B 285 -39.18 15.48 24.32
C THR B 285 -38.32 14.33 23.83
N THR B 286 -37.39 13.91 24.68
CA THR B 286 -36.51 12.78 24.40
C THR B 286 -37.19 11.49 24.83
N HIS B 287 -37.15 10.48 23.95
CA HIS B 287 -37.67 9.16 24.29
C HIS B 287 -36.99 8.12 23.42
N ASP B 288 -36.57 7.02 24.04
CA ASP B 288 -35.95 5.88 23.36
C ASP B 288 -37.06 4.95 22.86
N ILE B 289 -37.09 4.73 21.54
CA ILE B 289 -38.15 3.90 20.95
C ILE B 289 -38.10 2.46 21.41
N PHE B 290 -37.01 2.04 22.05
CA PHE B 290 -36.88 0.69 22.59
C PHE B 290 -37.28 0.61 24.06
N THR B 291 -37.86 1.68 24.60
CA THR B 291 -38.47 1.69 25.91
C THR B 291 -39.98 1.86 25.75
N THR B 292 -40.72 1.40 26.77
CA THR B 292 -42.17 1.48 26.71
C THR B 292 -42.62 2.93 26.58
N GLN B 293 -43.74 3.13 25.88
CA GLN B 293 -44.24 4.47 25.57
C GLN B 293 -44.76 5.14 26.84
N PRO B 294 -44.21 6.28 27.26
CA PRO B 294 -44.65 6.90 28.51
C PRO B 294 -45.84 7.84 28.37
N VAL B 295 -46.15 8.27 27.15
CA VAL B 295 -47.33 9.08 26.89
C VAL B 295 -48.50 8.12 26.70
N LYS B 296 -49.45 8.14 27.63
CA LYS B 296 -50.48 7.12 27.74
C LYS B 296 -51.82 7.60 27.23
N HIS B 297 -52.50 6.73 26.47
CA HIS B 297 -53.88 6.90 26.04
C HIS B 297 -54.09 8.08 25.10
N ALA B 298 -53.04 8.51 24.41
CA ALA B 298 -53.18 9.55 23.41
C ALA B 298 -54.04 9.08 22.25
N ARG B 299 -54.60 10.05 21.52
CA ARG B 299 -55.49 9.71 20.41
C ARG B 299 -54.74 9.02 19.28
N ALA B 300 -53.49 9.41 19.03
CA ALA B 300 -52.75 8.90 17.87
C ALA B 300 -51.27 8.79 18.20
N TYR B 301 -50.68 7.66 17.81
CA TYR B 301 -49.24 7.44 17.84
C TYR B 301 -48.77 7.20 16.41
N TYR B 302 -47.91 8.08 15.91
CA TYR B 302 -47.49 8.10 14.52
C TYR B 302 -46.01 7.79 14.41
N MET B 303 -45.63 7.12 13.32
CA MET B 303 -44.26 6.70 13.08
C MET B 303 -43.99 6.79 11.58
N HIS B 304 -42.91 7.47 11.21
CA HIS B 304 -42.56 7.67 9.81
C HIS B 304 -41.11 7.28 9.62
N SER B 305 -40.85 6.27 8.78
CA SER B 305 -39.50 5.85 8.43
C SER B 305 -38.70 5.48 9.68
N VAL B 306 -39.32 4.75 10.60
CA VAL B 306 -38.63 4.35 11.82
C VAL B 306 -38.40 2.83 11.79
N PRO B 307 -39.41 1.95 11.96
CA PRO B 307 -39.08 0.51 12.02
C PRO B 307 -38.55 -0.07 10.71
N HIS B 308 -38.69 0.62 9.57
CA HIS B 308 -38.17 0.09 8.31
C HIS B 308 -36.66 -0.01 8.32
N GLY B 309 -35.98 0.65 9.26
CA GLY B 309 -34.54 0.57 9.39
C GLY B 309 -34.03 -0.51 10.31
N PHE B 310 -34.91 -1.38 10.81
CA PHE B 310 -34.54 -2.35 11.82
C PHE B 310 -34.94 -3.75 11.39
N GLY B 311 -34.35 -4.75 12.06
CA GLY B 311 -34.69 -6.12 11.80
C GLY B 311 -36.05 -6.49 12.37
N ASP B 312 -36.48 -7.72 12.08
CA ASP B 312 -37.81 -8.17 12.49
C ASP B 312 -37.98 -8.08 14.00
N GLU B 313 -37.00 -8.57 14.76
CA GLU B 313 -37.10 -8.56 16.21
C GLU B 313 -37.15 -7.13 16.77
N ASP B 314 -36.28 -6.24 16.26
CA ASP B 314 -36.31 -4.86 16.73
C ASP B 314 -37.61 -4.16 16.35
N ALA B 315 -38.10 -4.40 15.12
CA ALA B 315 -39.31 -3.72 14.67
C ALA B 315 -40.53 -4.17 15.46
N VAL B 316 -40.57 -5.44 15.84
CA VAL B 316 -41.64 -5.90 16.73
C VAL B 316 -41.49 -5.26 18.11
N LYS B 317 -40.24 -5.01 18.54
CA LYS B 317 -40.03 -4.31 19.81
C LYS B 317 -40.52 -2.86 19.73
N ILE B 318 -40.21 -2.18 18.63
CA ILE B 318 -40.61 -0.79 18.47
C ILE B 318 -42.14 -0.65 18.52
N MET B 319 -42.84 -1.53 17.81
CA MET B 319 -44.30 -1.46 17.77
C MET B 319 -44.92 -1.90 19.09
N ALA B 320 -44.42 -2.99 19.68
CA ALA B 320 -44.99 -3.52 20.92
C ALA B 320 -44.78 -2.57 22.10
N ASN B 321 -43.77 -1.69 22.05
CA ASN B 321 -43.59 -0.69 23.09
C ASN B 321 -44.70 0.36 23.08
N LEU B 322 -45.50 0.42 22.03
CA LEU B 322 -46.68 1.28 22.02
C LEU B 322 -47.86 0.65 22.76
N VAL B 323 -47.90 -0.68 22.81
CA VAL B 323 -49.11 -1.38 23.27
C VAL B 323 -49.53 -0.99 24.68
N PRO B 324 -48.63 -0.92 25.68
CA PRO B 324 -49.09 -0.55 27.03
C PRO B 324 -49.72 0.84 27.11
N ALA B 325 -49.46 1.71 26.14
CA ALA B 325 -49.97 3.07 26.16
C ALA B 325 -51.31 3.24 25.47
N LEU B 326 -51.75 2.25 24.69
CA LEU B 326 -52.94 2.39 23.87
C LEU B 326 -54.21 2.23 24.70
N ALA B 327 -55.15 3.16 24.52
CA ALA B 327 -56.48 3.06 25.12
C ALA B 327 -57.39 2.28 24.18
N LYS B 328 -57.98 1.20 24.69
CA LYS B 328 -58.80 0.33 23.86
C LYS B 328 -59.97 1.09 23.26
N GLY B 329 -60.16 0.93 21.96
CA GLY B 329 -61.19 1.65 21.24
C GLY B 329 -60.88 3.10 20.94
N TYR B 330 -59.76 3.63 21.43
CA TYR B 330 -59.50 5.07 21.33
C TYR B 330 -58.21 5.43 20.63
N SER B 331 -57.08 4.81 21.00
CA SER B 331 -55.79 5.19 20.45
C SER B 331 -55.56 4.56 19.08
N ARG B 332 -55.22 5.39 18.10
CA ARG B 332 -54.79 4.93 16.79
C ARG B 332 -53.28 4.77 16.75
N VAL B 333 -52.81 3.80 15.96
CA VAL B 333 -51.40 3.66 15.62
C VAL B 333 -51.27 3.88 14.12
N LEU B 334 -50.46 4.86 13.74
CA LEU B 334 -50.33 5.31 12.35
C LEU B 334 -48.90 5.05 11.90
N LEU B 335 -48.72 4.10 10.99
CA LEU B 335 -47.39 3.68 10.54
C LEU B 335 -47.17 4.17 9.11
N ASN B 336 -46.36 5.21 8.96
CA ASN B 336 -46.09 5.84 7.66
C ASN B 336 -44.83 5.20 7.08
N GLU B 337 -45.01 4.07 6.38
CA GLU B 337 -43.89 3.33 5.81
C GLU B 337 -44.23 2.85 4.42
N ILE B 338 -43.18 2.65 3.62
CA ILE B 338 -43.34 2.00 2.32
C ILE B 338 -43.92 0.61 2.50
N VAL B 339 -44.89 0.28 1.66
CA VAL B 339 -45.38 -1.09 1.51
C VAL B 339 -44.92 -1.59 0.16
N VAL B 340 -43.95 -2.52 0.17
CA VAL B 340 -43.42 -3.06 -1.07
C VAL B 340 -44.47 -3.94 -1.73
N ASP B 341 -44.68 -3.71 -3.02
CA ASP B 341 -45.54 -4.54 -3.87
C ASP B 341 -44.57 -5.30 -4.78
N GLU B 342 -44.15 -6.49 -4.34
CA GLU B 342 -43.05 -7.17 -5.01
C GLU B 342 -43.37 -7.56 -6.44
N GLU B 343 -44.64 -7.72 -6.78
CA GLU B 343 -45.03 -7.99 -8.17
C GLU B 343 -44.94 -6.75 -9.06
N ARG B 344 -44.79 -5.57 -8.48
CA ARG B 344 -44.68 -4.32 -9.24
C ARG B 344 -43.60 -3.45 -8.60
N PRO B 345 -42.33 -3.71 -8.93
CA PRO B 345 -41.24 -2.94 -8.31
C PRO B 345 -41.24 -1.50 -8.81
N VAL B 346 -41.38 -0.56 -7.88
CA VAL B 346 -41.30 0.88 -8.17
C VAL B 346 -39.96 1.37 -7.67
N MET B 347 -39.41 2.37 -8.36
N MET B 347 -39.40 2.36 -8.37
CA MET B 347 -38.09 2.89 -8.00
CA MET B 347 -38.10 2.90 -8.01
C MET B 347 -38.11 3.51 -6.61
C MET B 347 -38.11 3.50 -6.60
N SER B 348 -39.22 4.13 -6.21
CA SER B 348 -39.29 4.75 -4.89
C SER B 348 -39.21 3.73 -3.78
N ALA B 349 -39.64 2.49 -4.03
CA ALA B 349 -39.52 1.44 -3.03
C ALA B 349 -38.13 0.82 -3.06
N THR B 350 -37.62 0.50 -4.25
CA THR B 350 -36.30 -0.08 -4.37
C THR B 350 -35.22 0.89 -3.90
N ASN B 351 -35.41 2.20 -4.15
CA ASN B 351 -34.49 3.23 -3.68
C ASN B 351 -34.27 3.11 -2.17
N MET B 352 -35.35 3.23 -1.40
CA MET B 352 -35.25 3.21 0.05
C MET B 352 -34.83 1.84 0.58
N ASP B 353 -35.25 0.76 -0.09
CA ASP B 353 -34.82 -0.57 0.30
C ASP B 353 -33.30 -0.67 0.27
N LEU B 354 -32.68 -0.22 -0.82
CA LEU B 354 -31.23 -0.34 -0.94
C LEU B 354 -30.52 0.67 -0.04
N ILE B 355 -31.14 1.82 0.21
CA ILE B 355 -30.61 2.74 1.21
C ILE B 355 -30.63 2.10 2.60
N MET B 356 -31.66 1.31 2.91
CA MET B 356 -31.69 0.61 4.19
C MET B 356 -30.54 -0.39 4.28
N LEU B 357 -30.35 -1.17 3.22
CA LEU B 357 -29.25 -2.13 3.18
C LEU B 357 -27.91 -1.43 3.33
N ALA B 358 -27.75 -0.27 2.69
CA ALA B 358 -26.46 0.42 2.67
C ALA B 358 -26.14 1.09 3.99
N HIS B 359 -27.15 1.44 4.80
CA HIS B 359 -26.93 2.11 6.08
C HIS B 359 -27.21 1.23 7.29
N MET B 360 -28.36 0.57 7.32
CA MET B 360 -28.79 -0.18 8.49
C MET B 360 -28.73 -1.68 8.30
N GLY B 361 -28.31 -2.15 7.12
CA GLY B 361 -28.38 -3.58 6.82
C GLY B 361 -29.79 -4.11 6.82
N ALA B 362 -30.78 -3.26 6.55
CA ALA B 362 -32.18 -3.61 6.63
C ALA B 362 -32.88 -3.52 5.28
N LYS B 363 -34.22 -3.49 5.28
CA LYS B 363 -34.99 -3.57 4.04
C LYS B 363 -36.37 -2.96 4.24
N GLU B 364 -37.09 -2.80 3.12
CA GLU B 364 -38.48 -2.38 3.10
C GLU B 364 -39.38 -3.61 3.04
N ARG B 365 -40.58 -3.49 3.62
CA ARG B 365 -41.44 -4.63 3.86
C ARG B 365 -42.71 -4.58 3.02
N THR B 366 -43.22 -5.76 2.69
CA THR B 366 -44.48 -5.92 2.00
C THR B 366 -45.63 -5.85 3.01
N GLU B 367 -46.86 -5.81 2.48
CA GLU B 367 -48.03 -5.82 3.35
C GLU B 367 -48.04 -7.04 4.26
N ALA B 368 -47.72 -8.22 3.70
CA ALA B 368 -47.69 -9.44 4.50
C ALA B 368 -46.61 -9.38 5.56
N ASP B 369 -45.42 -8.87 5.21
CA ASP B 369 -44.35 -8.68 6.20
C ASP B 369 -44.82 -7.78 7.34
N TRP B 370 -45.42 -6.64 6.99
CA TRP B 370 -45.83 -5.68 8.02
C TRP B 370 -46.90 -6.27 8.93
N ARG B 371 -47.90 -6.96 8.37
CA ARG B 371 -48.94 -7.56 9.19
C ARG B 371 -48.34 -8.57 10.16
N SER B 372 -47.35 -9.33 9.72
CA SER B 372 -46.63 -10.24 10.62
C SER B 372 -45.97 -9.46 11.75
N ILE B 373 -45.30 -8.35 11.41
CA ILE B 373 -44.67 -7.51 12.43
C ILE B 373 -45.71 -7.02 13.43
N LEU B 374 -46.83 -6.49 12.93
CA LEU B 374 -47.83 -5.88 13.81
C LEU B 374 -48.58 -6.93 14.62
N THR B 375 -48.83 -8.11 14.05
CA THR B 375 -49.50 -9.16 14.80
C THR B 375 -48.65 -9.63 15.98
N ARG B 376 -47.36 -9.90 15.73
CA ARG B 376 -46.49 -10.33 16.82
C ARG B 376 -46.31 -9.23 17.87
N ALA B 377 -46.41 -7.97 17.47
CA ALA B 377 -46.36 -6.86 18.41
C ALA B 377 -47.62 -6.74 19.25
N GLY B 378 -48.70 -7.41 18.87
CA GLY B 378 -49.98 -7.28 19.54
C GLY B 378 -50.92 -6.27 18.92
N LEU B 379 -50.72 -5.92 17.65
CA LEU B 379 -51.58 -4.98 16.95
C LEU B 379 -52.26 -5.69 15.79
N LYS B 380 -53.19 -4.98 15.14
CA LYS B 380 -53.84 -5.51 13.96
C LYS B 380 -54.28 -4.34 13.08
N VAL B 381 -54.28 -4.58 11.78
CA VAL B 381 -54.47 -3.51 10.81
C VAL B 381 -55.96 -3.21 10.68
N VAL B 382 -56.31 -1.93 10.74
CA VAL B 382 -57.67 -1.49 10.46
C VAL B 382 -57.85 -1.12 9.00
N ASN B 383 -56.89 -0.37 8.44
CA ASN B 383 -56.94 0.06 7.06
C ASN B 383 -55.52 0.45 6.63
N ILE B 384 -55.28 0.42 5.33
CA ILE B 384 -54.03 0.89 4.75
C ILE B 384 -54.37 1.95 3.69
N TYR B 385 -53.71 3.09 3.76
CA TYR B 385 -53.96 4.22 2.87
C TYR B 385 -52.72 4.47 2.02
N SER B 386 -52.93 4.84 0.76
CA SER B 386 -51.85 5.23 -0.13
C SER B 386 -52.30 6.41 -0.98
N TYR B 387 -51.38 6.94 -1.79
CA TYR B 387 -51.63 8.12 -2.57
C TYR B 387 -50.88 7.96 -3.88
N PRO B 388 -51.47 8.34 -5.01
CA PRO B 388 -50.77 8.21 -6.29
C PRO B 388 -49.48 9.02 -6.31
N GLY B 389 -48.37 8.34 -6.54
CA GLY B 389 -47.07 8.97 -6.63
C GLY B 389 -46.28 9.05 -5.33
N VAL B 390 -46.90 8.74 -4.20
CA VAL B 390 -46.24 8.81 -2.89
C VAL B 390 -45.62 7.45 -2.59
N ALA B 391 -44.42 7.47 -1.99
CA ALA B 391 -43.71 6.23 -1.73
C ALA B 391 -44.29 5.49 -0.54
N GLU B 392 -44.58 6.20 0.54
CA GLU B 392 -45.02 5.59 1.78
C GLU B 392 -46.52 5.32 1.76
N SER B 393 -46.92 4.30 2.52
CA SER B 393 -48.32 4.08 2.86
C SER B 393 -48.58 4.58 4.27
N LEU B 394 -49.86 4.71 4.61
CA LEU B 394 -50.29 4.98 5.96
C LEU B 394 -51.07 3.76 6.43
N ILE B 395 -50.54 3.06 7.42
CA ILE B 395 -51.16 1.86 7.98
C ILE B 395 -51.78 2.26 9.31
N GLU B 396 -53.11 2.22 9.40
CA GLU B 396 -53.80 2.43 10.67
C GLU B 396 -53.95 1.08 11.37
N ALA B 397 -53.44 0.98 12.59
CA ALA B 397 -53.53 -0.22 13.39
C ALA B 397 -54.18 0.11 14.74
N GLU B 398 -54.54 -0.95 15.46
CA GLU B 398 -55.15 -0.83 16.78
C GLU B 398 -54.71 -2.01 17.64
N LEU B 399 -55.07 -1.95 18.91
CA LEU B 399 -54.90 -3.10 19.80
C LEU B 399 -55.53 -4.34 19.19
N ALA B 400 -54.77 -5.44 19.14
CA ALA B 400 -55.29 -6.71 18.63
C ALA B 400 -56.32 -7.28 19.61
N PRO C 8 22.33 17.25 39.83
CA PRO C 8 21.16 16.85 40.61
C PRO C 8 21.10 17.56 41.96
N ALA C 9 22.17 17.40 42.76
CA ALA C 9 22.24 18.13 44.03
C ALA C 9 22.17 19.63 43.83
N SER C 10 22.71 20.13 42.71
CA SER C 10 22.62 21.55 42.40
C SER C 10 21.19 21.97 42.10
N ILE C 11 20.49 21.18 41.27
CA ILE C 11 19.11 21.49 40.91
C ILE C 11 18.18 21.34 42.12
N ILE C 12 18.50 20.42 43.03
CA ILE C 12 17.65 20.21 44.21
C ILE C 12 17.63 21.45 45.08
N GLN C 13 18.79 22.09 45.29
CA GLN C 13 18.83 23.32 46.08
C GLN C 13 18.10 24.45 45.36
N GLU C 14 18.33 24.59 44.06
CA GLU C 14 17.65 25.63 43.29
C GLU C 14 16.14 25.41 43.29
N LEU C 15 15.72 24.13 43.26
CA LEU C 15 14.30 23.82 43.37
C LEU C 15 13.74 24.25 44.72
N ALA C 16 14.49 24.01 45.80
CA ALA C 16 14.05 24.44 47.13
C ALA C 16 14.04 25.96 47.24
N SER C 17 14.89 26.64 46.46
CA SER C 17 14.88 28.10 46.48
C SER C 17 13.68 28.64 45.71
N ALA C 18 13.42 28.11 44.51
CA ALA C 18 12.28 28.55 43.74
C ALA C 18 10.96 28.22 44.43
N ALA C 19 10.92 27.13 45.21
CA ALA C 19 9.72 26.78 45.95
C ALA C 19 9.48 27.72 47.13
N LYS C 20 10.55 28.27 47.71
CA LYS C 20 10.38 29.30 48.73
C LYS C 20 9.73 30.55 48.14
N GLN C 21 10.24 31.01 46.99
CA GLN C 21 9.65 32.17 46.31
C GLN C 21 8.23 31.87 45.85
N TYR C 22 7.95 30.63 45.49
CA TYR C 22 6.58 30.23 45.15
C TYR C 22 5.65 30.41 46.35
N GLU C 23 6.09 29.95 47.52
CA GLU C 23 5.29 30.08 48.72
C GLU C 23 5.14 31.54 49.15
N ASN C 24 6.06 32.40 48.74
CA ASN C 24 5.96 33.84 48.98
C ASN C 24 5.26 34.58 47.85
N ASN C 25 4.58 33.86 46.95
CA ASN C 25 3.70 34.45 45.93
C ASN C 25 4.44 35.41 45.00
N GLU C 26 5.73 35.18 44.76
CA GLU C 26 6.47 36.00 43.81
C GLU C 26 6.08 35.62 42.38
N SER C 27 5.86 36.64 41.55
CA SER C 27 5.45 36.41 40.17
C SER C 27 6.52 35.61 39.43
N GLY C 28 6.06 34.67 38.61
CA GLY C 28 6.95 33.80 37.86
C GLY C 28 7.48 32.61 38.64
N ALA C 29 7.21 32.52 39.94
CA ALA C 29 7.80 31.46 40.75
C ALA C 29 7.10 30.12 40.55
N ARG C 30 5.80 30.11 40.24
CA ARG C 30 5.13 28.88 39.86
C ARG C 30 5.79 28.26 38.63
N GLU C 31 6.13 29.09 37.65
CA GLU C 31 6.69 28.62 36.40
C GLU C 31 8.16 28.24 36.52
N ALA C 32 8.91 28.94 37.39
CA ALA C 32 10.30 28.57 37.61
C ALA C 32 10.40 27.24 38.36
N LEU C 33 9.55 27.04 39.37
CA LEU C 33 9.52 25.77 40.07
C LEU C 33 9.22 24.61 39.13
N ILE C 34 8.25 24.80 38.23
CA ILE C 34 7.98 23.80 37.20
C ILE C 34 9.23 23.55 36.36
N ALA C 35 9.91 24.64 35.97
CA ALA C 35 11.08 24.51 35.10
C ALA C 35 12.20 23.75 35.79
N GLN C 36 12.40 23.97 37.09
CA GLN C 36 13.46 23.28 37.81
C GLN C 36 13.14 21.80 37.99
N SER C 37 11.88 21.48 38.30
CA SER C 37 11.47 20.08 38.41
C SER C 37 11.68 19.36 37.09
N ARG C 38 11.46 20.05 35.97
CA ARG C 38 11.73 19.46 34.67
C ARG C 38 13.22 19.24 34.47
N ALA C 39 14.05 20.19 34.89
CA ALA C 39 15.49 20.01 34.80
C ALA C 39 15.97 18.86 35.68
N LEU C 40 15.44 18.78 36.91
CA LEU C 40 15.82 17.69 37.81
C LEU C 40 15.54 16.33 37.20
N ILE C 41 14.35 16.16 36.60
CA ILE C 41 14.03 14.90 35.95
C ILE C 41 15.06 14.58 34.87
N ALA C 42 15.51 15.59 34.14
CA ALA C 42 16.48 15.38 33.07
C ALA C 42 17.83 14.95 33.63
N SER C 43 18.25 15.53 34.75
CA SER C 43 19.52 15.16 35.35
C SER C 43 19.52 13.74 35.90
N LEU C 44 18.35 13.19 36.24
CA LEU C 44 18.23 11.88 36.86
C LEU C 44 17.95 10.75 35.87
N GLU C 45 17.12 11.02 34.86
CA GLU C 45 16.66 9.95 33.97
C GLU C 45 17.80 9.35 33.16
N VAL C 46 17.84 8.02 33.09
CA VAL C 46 18.76 7.32 32.20
C VAL C 46 18.11 7.24 30.82
N PRO C 47 18.88 7.08 29.74
CA PRO C 47 18.29 7.15 28.39
C PRO C 47 17.08 6.25 28.15
N SER C 48 17.08 5.02 28.66
CA SER C 48 15.93 4.15 28.44
C SER C 48 14.66 4.73 29.04
N GLU C 49 14.77 5.33 30.24
CA GLU C 49 13.62 6.00 30.82
C GLU C 49 13.17 7.19 29.97
N PHE C 50 14.11 7.89 29.32
CA PHE C 50 13.75 8.99 28.44
C PHE C 50 13.03 8.48 27.19
N ILE C 51 13.51 7.37 26.63
CA ILE C 51 12.83 6.77 25.47
C ILE C 51 11.40 6.42 25.83
N GLN C 52 11.20 5.80 26.99
CA GLN C 52 9.86 5.37 27.39
C GLN C 52 8.94 6.57 27.62
N HIS C 53 9.41 7.58 28.35
CA HIS C 53 8.55 8.73 28.62
C HIS C 53 8.19 9.46 27.32
N THR C 54 9.20 9.75 26.50
CA THR C 54 8.97 10.55 25.29
C THR C 54 8.17 9.78 24.25
N PHE C 55 8.48 8.48 24.06
CA PHE C 55 7.89 7.73 22.96
C PHE C 55 6.80 6.74 23.38
N TRP C 56 6.63 6.48 24.66
CA TRP C 56 5.52 5.65 25.12
C TRP C 56 4.53 6.46 25.94
N SER C 57 4.98 7.10 27.03
CA SER C 57 4.07 7.69 28.00
C SER C 57 3.32 8.88 27.42
N GLN C 58 3.98 9.67 26.59
CA GLN C 58 3.34 10.88 26.09
C GLN C 58 2.45 10.61 24.88
N PRO C 59 2.89 9.84 23.86
CA PRO C 59 1.92 9.47 22.80
C PRO C 59 0.72 8.71 23.34
N ALA C 60 0.91 7.86 24.35
CA ALA C 60 -0.23 7.19 24.96
C ALA C 60 -1.12 8.18 25.71
N LEU C 61 -0.51 9.10 26.46
CA LEU C 61 -1.29 10.08 27.22
C LEU C 61 -2.09 11.01 26.32
N SER C 62 -1.46 11.51 25.25
CA SER C 62 -2.18 12.36 24.31
C SER C 62 -3.36 11.63 23.68
N ALA C 63 -3.18 10.34 23.40
CA ALA C 63 -4.24 9.56 22.76
C ALA C 63 -5.39 9.29 23.72
N ILE C 64 -5.08 8.99 24.98
CA ILE C 64 -6.13 8.76 25.97
C ILE C 64 -6.88 10.05 26.25
N VAL C 65 -6.15 11.16 26.39
CA VAL C 65 -6.80 12.46 26.59
C VAL C 65 -7.73 12.79 25.43
N ARG C 66 -7.32 12.44 24.21
CA ARG C 66 -8.19 12.63 23.04
C ARG C 66 -9.41 11.71 23.09
N LEU C 67 -9.20 10.44 23.46
CA LEU C 67 -10.32 9.52 23.62
C LEU C 67 -11.29 10.00 24.69
N ALA C 68 -10.76 10.59 25.78
CA ALA C 68 -11.61 11.07 26.86
C ALA C 68 -12.68 12.05 26.38
N THR C 69 -12.38 12.85 25.36
CA THR C 69 -13.36 13.79 24.83
C THR C 69 -14.44 13.13 24.01
N ASP C 70 -14.21 11.90 23.53
CA ASP C 70 -15.23 11.17 22.78
C ASP C 70 -16.22 10.46 23.69
N VAL C 71 -15.84 10.21 24.96
CA VAL C 71 -16.66 9.42 25.88
C VAL C 71 -17.04 10.20 27.13
N ASN C 72 -16.83 11.53 27.14
CA ASN C 72 -17.31 12.40 28.22
C ASN C 72 -16.64 12.10 29.56
N LEU C 73 -15.42 11.54 29.54
CA LEU C 73 -14.80 11.07 30.78
C LEU C 73 -14.59 12.21 31.78
N PHE C 74 -13.99 13.31 31.33
CA PHE C 74 -13.62 14.37 32.25
C PHE C 74 -14.84 15.04 32.87
N GLN C 75 -15.95 15.11 32.12
CA GLN C 75 -17.17 15.69 32.67
C GLN C 75 -17.82 14.75 33.68
N TYR C 76 -17.75 13.44 33.43
CA TYR C 76 -18.31 12.47 34.39
C TYR C 76 -17.56 12.52 35.71
N LEU C 77 -16.24 12.64 35.66
CA LEU C 77 -15.47 12.71 36.90
C LEU C 77 -15.69 14.03 37.62
N LYS C 78 -15.94 15.11 36.88
CA LYS C 78 -16.26 16.38 37.52
C LYS C 78 -17.64 16.34 38.15
N ASP C 79 -18.61 15.71 37.47
CA ASP C 79 -19.93 15.53 38.04
C ASP C 79 -19.87 14.67 39.30
N ALA C 80 -18.83 13.85 39.42
CA ALA C 80 -18.70 12.93 40.54
C ALA C 80 -18.13 13.60 41.79
N GLN C 81 -17.53 14.78 41.66
CA GLN C 81 -17.04 15.58 42.80
C GLN C 81 -16.11 14.73 43.65
N GLU C 82 -16.18 14.78 44.98
CA GLU C 82 -15.30 14.03 45.87
C GLU C 82 -15.68 12.56 46.01
N GLU C 83 -16.88 12.18 45.57
CA GLU C 83 -17.27 10.78 45.66
C GLU C 83 -16.49 9.93 44.67
N GLY C 84 -16.25 10.45 43.48
CA GLY C 84 -15.54 9.68 42.47
C GLY C 84 -16.42 8.59 41.85
N LEU C 85 -15.79 7.81 40.97
CA LEU C 85 -16.45 6.71 40.27
C LEU C 85 -15.44 5.59 40.03
N ASN C 86 -15.82 4.36 40.37
CA ASN C 86 -14.93 3.23 40.12
C ASN C 86 -14.96 2.87 38.63
N ALA C 87 -14.17 1.85 38.24
CA ALA C 87 -14.04 1.53 36.82
C ALA C 87 -15.34 0.97 36.25
N GLU C 88 -16.10 0.21 37.05
CA GLU C 88 -17.33 -0.39 36.56
C GLU C 88 -18.38 0.69 36.24
N ALA C 89 -18.54 1.66 37.14
CA ALA C 89 -19.45 2.78 36.87
C ALA C 89 -19.00 3.58 35.66
N LEU C 90 -17.72 3.90 35.58
CA LEU C 90 -17.23 4.71 34.47
C LEU C 90 -17.28 3.95 33.15
N ALA C 91 -17.06 2.63 33.18
CA ALA C 91 -17.20 1.85 31.95
C ALA C 91 -18.65 1.76 31.51
N SER C 92 -19.58 1.75 32.46
CA SER C 92 -21.00 1.78 32.12
C SER C 92 -21.40 3.15 31.57
N LYS C 93 -20.87 4.23 32.16
CA LYS C 93 -21.27 5.58 31.75
C LYS C 93 -20.66 5.95 30.39
N THR C 94 -19.42 5.55 30.14
CA THR C 94 -18.73 5.91 28.91
C THR C 94 -18.99 4.95 27.76
N GLY C 95 -19.68 3.84 28.01
CA GLY C 95 -19.90 2.84 26.98
C GLY C 95 -18.69 2.00 26.65
N MET C 96 -17.81 1.76 27.61
CA MET C 96 -16.54 1.10 27.39
C MET C 96 -16.52 -0.27 28.07
N ASP C 97 -15.78 -1.20 27.48
CA ASP C 97 -15.44 -2.42 28.18
C ASP C 97 -14.62 -2.07 29.41
N VAL C 98 -14.93 -2.73 30.54
CA VAL C 98 -14.34 -2.31 31.81
C VAL C 98 -12.83 -2.54 31.82
N SER C 99 -12.40 -3.69 31.30
CA SER C 99 -10.96 -3.96 31.23
C SER C 99 -10.25 -2.94 30.36
N LEU C 100 -10.87 -2.55 29.25
CA LEU C 100 -10.27 -1.54 28.39
C LEU C 100 -10.24 -0.19 29.09
N PHE C 101 -11.35 0.21 29.71
CA PHE C 101 -11.40 1.51 30.36
C PHE C 101 -10.37 1.61 31.48
N ALA C 102 -10.32 0.59 32.35
CA ALA C 102 -9.48 0.68 33.54
C ALA C 102 -8.00 0.84 33.18
N ARG C 103 -7.56 0.16 32.12
CA ARG C 103 -6.17 0.26 31.70
C ARG C 103 -5.80 1.68 31.27
N LEU C 104 -6.67 2.33 30.47
CA LEU C 104 -6.40 3.69 30.05
C LEU C 104 -6.46 4.65 31.23
N ALA C 105 -7.44 4.46 32.13
CA ALA C 105 -7.56 5.30 33.31
C ALA C 105 -6.38 5.13 34.25
N ARG C 106 -5.76 3.95 34.27
CA ARG C 106 -4.57 3.78 35.09
C ARG C 106 -3.38 4.56 34.53
N HIS C 107 -3.31 4.74 33.21
CA HIS C 107 -2.26 5.58 32.66
C HIS C 107 -2.50 7.05 33.00
N LEU C 108 -3.77 7.49 32.98
CA LEU C 108 -4.08 8.84 33.41
C LEU C 108 -3.71 9.05 34.87
N VAL C 109 -3.87 8.02 35.70
CA VAL C 109 -3.45 8.10 37.10
C VAL C 109 -1.93 8.15 37.19
N ALA C 110 -1.23 7.41 36.32
CA ALA C 110 0.22 7.36 36.37
C ALA C 110 0.88 8.65 35.91
N MET C 111 0.20 9.45 35.10
CA MET C 111 0.70 10.76 34.69
C MET C 111 0.02 11.91 35.43
N ASN C 112 -0.71 11.60 36.50
CA ASN C 112 -1.27 12.62 37.39
C ASN C 112 -2.32 13.50 36.70
N VAL C 113 -3.04 12.96 35.71
CA VAL C 113 -4.16 13.71 35.14
C VAL C 113 -5.41 13.52 36.00
N ILE C 114 -5.65 12.30 36.48
CA ILE C 114 -6.66 11.98 37.47
C ILE C 114 -5.99 11.18 38.57
N THR C 115 -6.69 11.04 39.70
CA THR C 115 -6.16 10.29 40.83
C THR C 115 -7.04 9.07 41.11
N SER C 116 -6.51 8.17 41.93
CA SER C 116 -7.22 6.94 42.28
C SER C 116 -6.86 6.51 43.70
N ARG C 117 -7.88 6.09 44.45
CA ARG C 117 -7.69 5.53 45.78
C ARG C 117 -8.72 4.44 46.00
N ASN C 118 -8.25 3.26 46.44
CA ASN C 118 -9.12 2.11 46.74
C ASN C 118 -10.01 1.75 45.56
N GLY C 119 -9.45 1.78 44.36
CA GLY C 119 -10.18 1.41 43.17
C GLY C 119 -11.20 2.42 42.69
N VAL C 120 -11.26 3.61 43.28
CA VAL C 120 -12.16 4.67 42.85
C VAL C 120 -11.34 5.75 42.16
N PHE C 121 -11.84 6.26 41.05
CA PHE C 121 -11.18 7.32 40.29
C PHE C 121 -11.80 8.66 40.64
N TYR C 122 -10.97 9.70 40.65
CA TYR C 122 -11.36 11.03 41.11
C TYR C 122 -10.86 12.08 40.12
N GLY C 123 -11.74 13.02 39.78
CA GLY C 123 -11.30 14.19 39.03
C GLY C 123 -10.33 15.04 39.84
N THR C 124 -9.54 15.81 39.11
CA THR C 124 -8.55 16.72 39.68
C THR C 124 -8.91 18.16 39.32
N ALA C 125 -8.04 19.09 39.71
CA ALA C 125 -8.19 20.45 39.21
C ALA C 125 -7.98 20.49 37.71
N LEU C 126 -6.96 19.78 37.22
CA LEU C 126 -6.67 19.75 35.78
C LEU C 126 -7.82 19.13 35.00
N SER C 127 -8.22 17.90 35.36
CA SER C 127 -9.24 17.19 34.57
C SER C 127 -10.58 17.91 34.62
N ASN C 128 -10.96 18.44 35.78
CA ASN C 128 -12.17 19.25 35.85
C ASN C 128 -12.07 20.46 34.93
N GLY C 129 -10.87 21.04 34.79
CA GLY C 129 -10.69 22.11 33.84
C GLY C 129 -10.71 21.64 32.40
N LEU C 130 -10.16 20.45 32.14
CA LEU C 130 -10.15 19.89 30.79
C LEU C 130 -11.54 19.45 30.33
N ALA C 131 -12.51 19.34 31.24
CA ALA C 131 -13.88 18.99 30.85
C ALA C 131 -14.59 20.12 30.12
N ALA C 132 -14.09 21.36 30.21
CA ALA C 132 -14.73 22.47 29.55
C ALA C 132 -14.66 22.34 28.03
N GLU C 133 -15.69 22.85 27.34
CA GLU C 133 -15.81 22.62 25.91
C GLU C 133 -14.65 23.25 25.14
N ASN C 134 -14.18 24.42 25.57
CA ASN C 134 -13.06 25.03 24.86
C ASN C 134 -11.79 24.20 24.98
N TYR C 135 -11.58 23.55 26.13
CA TYR C 135 -10.45 22.63 26.23
C TYR C 135 -10.74 21.32 25.50
N GLN C 136 -11.99 20.85 25.52
CA GLN C 136 -12.35 19.64 24.77
C GLN C 136 -12.06 19.82 23.29
N GLN C 137 -12.48 20.95 22.72
CA GLN C 137 -12.23 21.22 21.31
C GLN C 137 -10.76 21.53 21.05
N SER C 138 -10.05 22.06 22.05
CA SER C 138 -8.61 22.24 21.95
C SER C 138 -7.90 20.89 21.81
N ILE C 139 -8.29 19.92 22.65
CA ILE C 139 -7.70 18.58 22.60
C ILE C 139 -7.95 17.94 21.25
N ARG C 140 -9.15 18.12 20.70
CA ARG C 140 -9.48 17.50 19.42
C ARG C 140 -8.66 18.10 18.29
N PHE C 141 -8.59 19.43 18.21
CA PHE C 141 -7.77 20.08 17.20
C PHE C 141 -6.32 19.61 17.28
N CYS C 142 -5.75 19.61 18.48
CA CYS C 142 -4.35 19.26 18.66
C CYS C 142 -4.08 17.83 18.19
N HIS C 143 -4.85 16.87 18.69
CA HIS C 143 -4.59 15.49 18.32
C HIS C 143 -4.91 15.21 16.85
N ASP C 144 -5.94 15.86 16.30
CA ASP C 144 -6.36 15.56 14.94
C ASP C 144 -5.58 16.36 13.90
N VAL C 145 -5.28 17.63 14.18
CA VAL C 145 -4.70 18.53 13.19
C VAL C 145 -3.22 18.75 13.43
N SER C 146 -2.85 19.18 14.65
CA SER C 146 -1.46 19.52 14.95
C SER C 146 -0.57 18.29 14.95
N ARG C 147 -1.00 17.22 15.61
CA ARG C 147 -0.13 16.06 15.81
C ARG C 147 0.37 15.42 14.52
N PRO C 148 -0.45 15.25 13.47
CA PRO C 148 0.11 14.70 12.23
C PRO C 148 1.19 15.57 11.62
N SER C 149 1.05 16.89 11.70
CA SER C 149 2.08 17.77 11.14
C SER C 149 3.43 17.53 11.82
N PHE C 150 3.46 17.52 13.16
CA PHE C 150 4.67 17.12 13.86
C PHE C 150 5.12 15.73 13.45
N GLY C 151 4.16 14.82 13.23
CA GLY C 151 4.50 13.48 12.82
C GLY C 151 5.22 13.44 11.49
N ALA C 152 5.01 14.47 10.66
CA ALA C 152 5.63 14.55 9.34
C ALA C 152 6.91 15.38 9.32
N PHE C 153 7.35 15.93 10.45
CA PHE C 153 8.59 16.70 10.46
C PHE C 153 9.79 15.93 9.91
N PRO C 154 10.08 14.70 10.35
CA PRO C 154 11.28 14.03 9.81
C PRO C 154 11.22 13.77 8.31
N SER C 155 10.09 13.27 7.82
CA SER C 155 9.98 12.97 6.39
C SER C 155 9.79 14.23 5.56
N PHE C 156 9.18 15.28 6.11
CA PHE C 156 9.03 16.49 5.29
C PHE C 156 10.36 17.18 5.07
N PHE C 157 11.18 17.28 6.12
CA PHE C 157 12.42 18.03 6.00
C PHE C 157 13.52 17.21 5.34
N LYS C 158 13.48 15.89 5.44
CA LYS C 158 14.38 15.08 4.62
C LYS C 158 14.08 15.27 3.14
N GLY C 159 12.80 15.35 2.78
CA GLY C 159 12.43 15.49 1.38
C GLY C 159 12.72 16.86 0.81
N ASN C 160 12.53 17.91 1.61
CA ASN C 160 12.69 19.28 1.12
C ASN C 160 14.12 19.79 1.20
N GLY C 161 15.07 18.94 1.58
CA GLY C 161 16.45 19.37 1.72
C GLY C 161 16.76 20.07 3.02
N TYR C 162 15.97 19.83 4.07
CA TYR C 162 16.14 20.46 5.39
C TYR C 162 16.20 21.98 5.26
N LYS C 163 15.19 22.53 4.58
CA LYS C 163 15.10 23.95 4.30
C LYS C 163 13.94 24.57 5.07
N THR C 164 14.11 25.81 5.49
CA THR C 164 12.99 26.58 5.99
C THR C 164 11.99 26.82 4.86
N PRO C 165 10.68 26.67 5.11
CA PRO C 165 9.70 26.90 4.04
C PRO C 165 9.85 28.28 3.40
N ALA C 166 10.15 28.29 2.10
CA ALA C 166 10.51 29.53 1.43
C ALA C 166 9.33 30.48 1.32
N LEU C 167 8.12 29.95 1.12
CA LEU C 167 6.92 30.79 1.08
C LEU C 167 6.30 30.95 2.46
N GLY C 168 6.07 29.83 3.15
CA GLY C 168 5.40 29.85 4.44
C GLY C 168 4.17 28.95 4.48
N THR C 169 2.99 29.53 4.19
CA THR C 169 1.73 28.84 4.44
C THR C 169 1.42 27.73 3.46
N THR C 170 2.16 27.61 2.35
CA THR C 170 1.79 26.65 1.31
C THR C 170 2.88 25.63 0.99
N ASP C 171 4.01 25.65 1.69
CA ASP C 171 5.10 24.74 1.36
C ASP C 171 5.74 24.19 2.64
N GLY C 172 4.92 23.86 3.64
CA GLY C 172 5.41 23.40 4.90
C GLY C 172 4.92 22.02 5.28
N PRO C 173 5.23 21.58 6.51
CA PRO C 173 4.81 20.24 6.93
C PRO C 173 3.30 20.02 6.93
N PHE C 174 2.51 21.07 7.18
CA PHE C 174 1.05 20.92 7.21
C PHE C 174 0.53 20.42 5.87
N GLN C 175 0.99 21.03 4.78
CA GLN C 175 0.58 20.60 3.45
C GLN C 175 0.96 19.15 3.20
N SER C 176 2.15 18.75 3.67
CA SER C 176 2.61 17.37 3.51
C SER C 176 1.79 16.42 4.39
N ALA C 177 1.59 16.78 5.67
CA ALA C 177 0.91 15.89 6.60
C ALA C 177 -0.56 15.72 6.25
N HIS C 178 -1.22 16.78 5.80
CA HIS C 178 -2.64 16.74 5.48
C HIS C 178 -2.91 16.58 3.99
N LYS C 179 -1.87 16.40 3.18
CA LYS C 179 -2.00 15.98 1.77
C LYS C 179 -2.77 17.01 0.94
N VAL C 180 -2.46 18.30 1.13
CA VAL C 180 -3.09 19.38 0.38
C VAL C 180 -2.00 20.33 -0.09
N ASP C 181 -2.39 21.21 -1.02
CA ASP C 181 -1.55 22.31 -1.44
C ASP C 181 -1.98 23.65 -0.85
N ILE C 182 -3.11 23.69 -0.16
CA ILE C 182 -3.69 24.94 0.31
C ILE C 182 -3.10 25.31 1.66
N SER C 183 -3.30 26.56 2.06
CA SER C 183 -2.82 27.02 3.35
C SER C 183 -3.67 26.43 4.48
N PHE C 184 -3.16 26.58 5.70
CA PHE C 184 -3.87 26.06 6.87
C PHE C 184 -5.23 26.73 7.09
N PRO C 185 -5.36 28.07 7.03
CA PRO C 185 -6.70 28.66 7.17
C PRO C 185 -7.70 28.23 6.10
N GLN C 186 -7.27 28.12 4.84
CA GLN C 186 -8.14 27.57 3.81
C GLN C 186 -8.50 26.11 4.11
N TRP C 187 -7.56 25.34 4.63
CA TRP C 187 -7.86 23.97 5.05
C TRP C 187 -8.94 23.94 6.14
N LEU C 188 -8.85 24.87 7.10
CA LEU C 188 -9.87 24.95 8.15
C LEU C 188 -11.24 25.26 7.58
N VAL C 189 -11.31 26.05 6.51
CA VAL C 189 -12.58 26.42 5.91
C VAL C 189 -13.34 25.18 5.46
N GLY C 190 -12.68 24.30 4.72
CA GLY C 190 -13.34 23.14 4.15
C GLY C 190 -13.37 21.90 4.99
N ASN C 191 -12.89 21.97 6.23
CA ASN C 191 -12.76 20.79 7.09
C ASN C 191 -13.43 21.02 8.43
N PRO C 192 -14.77 21.09 8.46
CA PRO C 192 -15.46 21.13 9.75
C PRO C 192 -15.32 19.79 10.46
N PRO C 193 -15.38 19.79 11.79
CA PRO C 193 -15.63 20.93 12.67
C PRO C 193 -14.34 21.59 13.15
N TYR C 194 -13.26 21.55 12.37
CA TYR C 194 -11.97 21.97 12.91
C TYR C 194 -11.79 23.49 12.90
N LEU C 195 -12.47 24.20 12.00
CA LEU C 195 -12.50 25.65 12.10
C LEU C 195 -13.13 26.09 13.41
N GLN C 196 -14.31 25.54 13.73
CA GLN C 196 -14.95 25.84 15.00
C GLN C 196 -14.04 25.51 16.18
N TYR C 197 -13.39 24.34 16.13
CA TYR C 197 -12.49 23.94 17.21
C TYR C 197 -11.36 24.95 17.39
N PHE C 198 -10.80 25.41 16.28
CA PHE C 198 -9.68 26.37 16.35
C PHE C 198 -10.11 27.66 17.03
N ASN C 199 -11.27 28.19 16.66
CA ASN C 199 -11.75 29.44 17.26
C ASN C 199 -12.00 29.26 18.76
N SER C 200 -12.45 28.08 19.20
CA SER C 200 -12.57 27.80 20.63
C SER C 200 -11.19 27.65 21.26
N TYR C 201 -10.29 26.94 20.57
CA TYR C 201 -8.92 26.72 21.02
C TYR C 201 -8.20 28.05 21.32
N MET C 202 -8.48 29.09 20.54
CA MET C 202 -7.84 30.38 20.79
C MET C 202 -8.17 30.93 22.17
N SER C 203 -9.34 30.61 22.72
CA SER C 203 -9.66 31.02 24.08
C SER C 203 -9.00 30.16 25.14
N ALA C 204 -8.29 29.10 24.74
CA ALA C 204 -7.73 28.14 25.70
C ALA C 204 -6.22 27.98 25.64
N TYR C 205 -5.56 28.36 24.55
CA TYR C 205 -4.15 28.00 24.39
C TYR C 205 -3.24 28.68 25.41
N ARG C 206 -3.63 29.85 25.96
CA ARG C 206 -2.82 30.51 26.99
C ARG C 206 -3.67 30.97 28.17
N ALA C 207 -4.86 30.41 28.35
CA ALA C 207 -5.73 30.80 29.45
C ALA C 207 -5.10 30.43 30.79
N GLY C 208 -5.46 31.19 31.83
CA GLY C 208 -4.94 30.97 33.17
C GLY C 208 -3.62 31.65 33.44
N LYS C 209 -3.03 32.33 32.45
CA LYS C 209 -1.79 33.06 32.60
C LYS C 209 -2.07 34.56 32.60
N PRO C 210 -1.29 35.35 33.34
CA PRO C 210 -1.53 36.79 33.41
C PRO C 210 -1.60 37.43 32.03
N ASN C 211 -2.64 38.23 31.81
CA ASN C 211 -2.83 38.92 30.55
C ASN C 211 -1.96 40.17 30.48
N TRP C 212 -1.77 40.66 29.24
CA TRP C 212 -0.94 41.84 29.01
C TRP C 212 -1.44 43.03 29.83
N CYS C 213 -2.75 43.14 30.01
CA CYS C 213 -3.33 44.31 30.66
C CYS C 213 -3.45 44.15 32.17
N ASP C 214 -3.16 42.96 32.71
CA ASP C 214 -3.28 42.73 34.14
C ASP C 214 -2.40 43.69 34.94
N ASN C 215 -2.68 43.77 36.24
CA ASN C 215 -1.95 44.67 37.12
C ASN C 215 -0.47 44.27 37.19
N GLY C 216 0.41 45.25 36.99
CA GLY C 216 1.84 45.00 36.99
C GLY C 216 2.41 44.63 35.65
N PHE C 217 1.59 44.50 34.61
CA PHE C 217 2.08 44.21 33.27
C PHE C 217 2.11 45.51 32.46
N TYR C 218 1.26 45.63 31.45
CA TYR C 218 1.25 46.88 30.69
C TYR C 218 0.44 47.93 31.45
N PRO C 219 0.97 49.14 31.64
CA PRO C 219 0.24 50.19 32.39
C PRO C 219 -0.88 50.84 31.56
N VAL C 220 -2.00 50.13 31.47
CA VAL C 220 -3.12 50.55 30.62
C VAL C 220 -3.62 51.93 31.05
N ALA C 221 -3.98 52.08 32.33
CA ALA C 221 -4.62 53.31 32.79
C ALA C 221 -3.73 54.53 32.56
N ASP C 222 -2.41 54.37 32.74
CA ASP C 222 -1.52 55.51 32.54
C ASP C 222 -1.30 55.82 31.06
N ARG C 223 -1.15 54.79 30.22
CA ARG C 223 -0.86 55.00 28.81
C ARG C 223 -2.10 55.20 27.95
N LEU C 224 -3.24 54.59 28.31
CA LEU C 224 -4.42 54.64 27.47
C LEU C 224 -5.55 55.47 28.08
N LEU C 225 -5.99 55.14 29.30
CA LEU C 225 -7.10 55.86 29.90
C LEU C 225 -6.72 57.29 30.23
N ASN C 226 -5.54 57.50 30.81
CA ASN C 226 -5.01 58.85 30.98
C ASN C 226 -4.78 59.48 29.61
N GLY C 227 -5.48 60.58 29.34
CA GLY C 227 -5.37 61.27 28.08
C GLY C 227 -6.37 60.85 27.03
N PHE C 228 -7.27 59.93 27.35
CA PHE C 228 -8.31 59.54 26.39
C PHE C 228 -9.13 60.77 25.99
N ASP C 229 -9.38 60.90 24.70
CA ASP C 229 -10.01 62.11 24.16
C ASP C 229 -11.09 61.69 23.17
N ALA C 230 -12.35 61.86 23.57
CA ALA C 230 -13.46 61.51 22.69
C ALA C 230 -13.57 62.45 21.50
N SER C 231 -12.93 63.62 21.54
CA SER C 231 -12.93 64.50 20.39
C SER C 231 -11.99 64.02 19.29
N VAL C 232 -11.03 63.17 19.63
CA VAL C 232 -10.21 62.52 18.60
C VAL C 232 -10.93 61.30 18.05
N SER C 233 -11.51 60.49 18.94
CA SER C 233 -12.20 59.26 18.60
C SER C 233 -12.86 58.71 19.85
N ASP C 234 -14.04 58.11 19.70
CA ASP C 234 -14.70 57.46 20.82
C ASP C 234 -14.31 55.99 20.96
N VAL C 235 -13.29 55.55 20.24
CA VAL C 235 -12.77 54.19 20.34
C VAL C 235 -11.58 54.21 21.29
N LEU C 236 -11.61 53.31 22.28
CA LEU C 236 -10.49 53.15 23.20
C LEU C 236 -9.51 52.07 22.73
N LEU C 237 -10.02 50.93 22.27
CA LEU C 237 -9.15 49.86 21.81
C LEU C 237 -9.80 49.09 20.67
N VAL C 238 -9.03 48.84 19.62
CA VAL C 238 -9.43 47.93 18.54
C VAL C 238 -8.60 46.66 18.69
N ASP C 239 -9.26 45.52 18.81
CA ASP C 239 -8.58 44.23 18.88
C ASP C 239 -8.60 43.63 17.48
N VAL C 240 -7.52 43.85 16.74
CA VAL C 240 -7.38 43.36 15.37
C VAL C 240 -7.01 41.88 15.41
N GLY C 241 -7.87 41.03 14.85
CA GLY C 241 -7.64 39.61 14.87
C GLY C 241 -7.91 38.93 16.20
N GLY C 242 -8.81 39.49 17.01
CA GLY C 242 -9.03 39.00 18.36
C GLY C 242 -9.93 37.79 18.51
N GLY C 243 -10.27 37.10 17.42
CA GLY C 243 -11.03 35.87 17.55
C GLY C 243 -12.47 36.14 17.98
N ARG C 244 -13.00 35.23 18.82
CA ARG C 244 -14.36 35.39 19.33
C ARG C 244 -14.48 36.47 20.39
N GLY C 245 -13.39 37.11 20.79
CA GLY C 245 -13.43 38.25 21.68
C GLY C 245 -13.05 38.01 23.11
N HIS C 246 -12.45 36.86 23.43
CA HIS C 246 -12.10 36.56 24.82
C HIS C 246 -11.16 37.61 25.40
N ASP C 247 -10.17 38.06 24.61
CA ASP C 247 -9.21 39.04 25.11
C ASP C 247 -9.86 40.39 25.35
N ILE C 248 -10.64 40.88 24.38
CA ILE C 248 -11.24 42.20 24.52
C ILE C 248 -12.31 42.19 25.60
N ALA C 249 -12.96 41.06 25.82
CA ALA C 249 -13.92 40.96 26.91
C ALA C 249 -13.25 41.13 28.26
N THR C 250 -12.06 40.51 28.42
CA THR C 250 -11.31 40.65 29.66
C THR C 250 -10.84 42.08 29.87
N PHE C 251 -10.32 42.72 28.81
CA PHE C 251 -9.93 44.12 28.87
C PHE C 251 -11.08 44.99 29.35
N GLY C 252 -12.27 44.78 28.79
CA GLY C 252 -13.43 45.56 29.23
C GLY C 252 -13.79 45.33 30.68
N SER C 253 -13.71 44.07 31.12
CA SER C 253 -14.10 43.73 32.49
C SER C 253 -13.12 44.27 33.53
N GLN C 254 -11.92 44.67 33.14
CA GLN C 254 -10.93 45.18 34.09
C GLN C 254 -10.89 46.70 34.17
N PHE C 255 -11.44 47.42 33.18
CA PHE C 255 -11.26 48.86 33.10
C PHE C 255 -12.58 49.58 32.90
N SER C 256 -13.65 49.04 33.48
CA SER C 256 -14.99 49.59 33.47
C SER C 256 -15.18 50.63 34.57
N PRO C 257 -16.06 51.63 34.36
CA PRO C 257 -16.80 51.93 33.13
C PRO C 257 -15.84 52.38 32.02
N LEU C 258 -16.01 51.86 30.81
CA LEU C 258 -15.08 52.19 29.73
C LEU C 258 -15.36 53.60 29.22
N PRO C 259 -14.33 54.44 29.06
CA PRO C 259 -14.57 55.79 28.53
C PRO C 259 -14.85 55.81 27.04
N GLY C 260 -14.55 54.73 26.32
CA GLY C 260 -14.74 54.67 24.88
C GLY C 260 -15.05 53.25 24.46
N ARG C 261 -15.25 53.09 23.14
CA ARG C 261 -15.75 51.84 22.61
C ARG C 261 -14.65 50.80 22.48
N LEU C 262 -15.06 49.54 22.46
CA LEU C 262 -14.18 48.40 22.22
C LEU C 262 -14.63 47.72 20.92
N VAL C 263 -13.74 47.67 19.94
CA VAL C 263 -14.05 47.14 18.61
C VAL C 263 -13.22 45.89 18.39
N LEU C 264 -13.88 44.74 18.32
CA LEU C 264 -13.23 43.49 17.95
C LEU C 264 -13.28 43.34 16.43
N GLN C 265 -12.18 42.82 15.86
CA GLN C 265 -12.05 42.63 14.42
C GLN C 265 -11.50 41.24 14.14
N ASP C 266 -12.20 40.49 13.29
CA ASP C 266 -11.70 39.20 12.81
C ASP C 266 -12.46 38.84 11.54
N ARG C 267 -12.26 37.61 11.05
CA ARG C 267 -12.92 37.15 9.83
C ARG C 267 -14.43 37.05 10.03
N GLU C 268 -15.15 37.09 8.91
CA GLU C 268 -16.61 37.07 8.95
C GLU C 268 -17.13 35.80 9.62
N GLN C 269 -16.44 34.66 9.42
CA GLN C 269 -16.90 33.41 10.04
C GLN C 269 -16.74 33.45 11.55
N VAL C 270 -15.67 34.07 12.04
CA VAL C 270 -15.46 34.16 13.48
C VAL C 270 -16.49 35.06 14.13
N ILE C 271 -16.68 36.25 13.55
CA ILE C 271 -17.59 37.25 14.12
C ILE C 271 -19.03 36.73 14.12
N ASN C 272 -19.44 36.08 13.03
CA ASN C 272 -20.77 35.50 12.95
C ASN C 272 -20.93 34.21 13.74
N SER C 273 -19.85 33.70 14.34
CA SER C 273 -19.94 32.59 15.28
C SER C 273 -20.25 33.05 16.70
N ILE C 274 -20.04 34.34 16.99
CA ILE C 274 -20.28 34.91 18.31
C ILE C 274 -21.78 35.02 18.54
N PRO C 275 -22.32 34.42 19.60
CA PRO C 275 -23.75 34.56 19.86
C PRO C 275 -24.12 36.01 20.18
N ALA C 276 -25.35 36.38 19.82
CA ALA C 276 -25.84 37.71 20.11
C ALA C 276 -26.06 37.87 21.62
N ASP C 277 -25.39 38.85 22.21
CA ASP C 277 -25.44 39.09 23.65
C ASP C 277 -25.40 40.58 23.90
N GLU C 278 -26.38 41.08 24.67
CA GLU C 278 -26.45 42.51 24.94
C GLU C 278 -25.57 42.92 26.11
N SER C 279 -25.35 42.02 27.07
CA SER C 279 -24.44 42.28 28.18
C SER C 279 -23.00 42.46 27.72
N ARG C 280 -22.69 42.06 26.49
CA ARG C 280 -21.34 42.14 25.94
C ARG C 280 -20.88 43.60 25.83
N GLN C 281 -19.57 43.81 26.03
CA GLN C 281 -19.00 45.16 26.11
C GLN C 281 -18.21 45.57 24.88
N PHE C 282 -18.14 44.74 23.84
CA PHE C 282 -17.37 45.09 22.65
C PHE C 282 -18.24 44.96 21.41
N GLU C 283 -17.80 45.65 20.36
CA GLU C 283 -18.46 45.59 19.06
C GLU C 283 -17.76 44.54 18.20
N ALA C 284 -18.50 43.50 17.82
CA ALA C 284 -17.97 42.46 16.95
C ALA C 284 -18.09 42.94 15.51
N THR C 285 -16.96 43.08 14.82
CA THR C 285 -16.94 43.58 13.46
C THR C 285 -16.04 42.72 12.59
N THR C 286 -16.33 42.71 11.30
CA THR C 286 -15.57 41.97 10.30
C THR C 286 -14.56 42.91 9.64
N HIS C 287 -13.30 42.48 9.58
CA HIS C 287 -12.25 43.28 8.96
C HIS C 287 -11.07 42.40 8.57
N ASP C 288 -10.69 42.47 7.30
CA ASP C 288 -9.51 41.77 6.79
C ASP C 288 -8.25 42.51 7.21
N ILE C 289 -7.40 41.87 8.00
CA ILE C 289 -6.17 42.49 8.47
C ILE C 289 -5.20 42.81 7.34
N PHE C 290 -5.48 42.35 6.12
CA PHE C 290 -4.66 42.66 4.95
C PHE C 290 -5.22 43.83 4.15
N THR C 291 -6.20 44.55 4.68
CA THR C 291 -6.68 45.79 4.10
C THR C 291 -6.46 46.92 5.10
N THR C 292 -6.56 48.15 4.61
CA THR C 292 -6.32 49.32 5.45
C THR C 292 -7.29 49.34 6.62
N GLN C 293 -6.77 49.68 7.81
CA GLN C 293 -7.55 49.71 9.04
C GLN C 293 -8.68 50.74 8.92
N PRO C 294 -9.95 50.31 9.04
CA PRO C 294 -11.07 51.25 8.79
C PRO C 294 -11.43 52.15 9.95
N VAL C 295 -11.15 51.75 11.19
CA VAL C 295 -11.39 52.60 12.35
C VAL C 295 -10.26 53.61 12.47
N LYS C 296 -10.61 54.90 12.50
CA LYS C 296 -9.62 55.97 12.42
C LYS C 296 -9.39 56.59 13.79
N HIS C 297 -8.11 56.70 14.17
CA HIS C 297 -7.66 57.55 15.27
C HIS C 297 -8.04 57.01 16.65
N ALA C 298 -8.19 55.70 16.79
CA ALA C 298 -8.47 55.12 18.09
C ALA C 298 -7.29 55.28 19.05
N ARG C 299 -7.56 55.13 20.34
CA ARG C 299 -6.50 55.24 21.33
C ARG C 299 -5.53 54.07 21.27
N ALA C 300 -6.01 52.87 20.89
CA ALA C 300 -5.14 51.71 20.86
C ALA C 300 -5.58 50.74 19.77
N TYR C 301 -4.60 50.23 19.02
CA TYR C 301 -4.79 49.13 18.09
C TYR C 301 -3.98 47.94 18.61
N TYR C 302 -4.67 46.85 18.94
CA TYR C 302 -4.10 45.74 19.68
C TYR C 302 -4.12 44.48 18.83
N MET C 303 -3.00 43.74 18.83
CA MET C 303 -2.90 42.42 18.23
C MET C 303 -2.28 41.46 19.22
N HIS C 304 -2.79 40.24 19.24
CA HIS C 304 -2.26 39.16 20.07
C HIS C 304 -2.15 37.92 19.22
N SER C 305 -0.93 37.42 19.05
CA SER C 305 -0.68 36.18 18.31
C SER C 305 -1.27 36.23 16.89
N VAL C 306 -0.93 37.28 16.16
CA VAL C 306 -1.42 37.41 14.78
C VAL C 306 -0.24 37.49 13.80
N PRO C 307 0.60 38.54 13.77
CA PRO C 307 1.68 38.56 12.78
C PRO C 307 2.75 37.48 12.97
N HIS C 308 2.77 36.76 14.10
CA HIS C 308 3.70 35.65 14.24
C HIS C 308 3.36 34.49 13.32
N GLY C 309 2.13 34.44 12.80
CA GLY C 309 1.77 33.41 11.85
C GLY C 309 2.17 33.68 10.42
N PHE C 310 2.87 34.78 10.15
CA PHE C 310 3.11 35.22 8.78
C PHE C 310 4.58 35.55 8.56
N GLY C 311 5.02 35.35 7.32
CA GLY C 311 6.37 35.71 6.92
C GLY C 311 6.58 37.21 6.92
N ASP C 312 7.86 37.58 6.76
CA ASP C 312 8.28 38.96 6.98
C ASP C 312 7.47 39.94 6.13
N GLU C 313 7.36 39.69 4.83
CA GLU C 313 6.65 40.62 3.95
C GLU C 313 5.18 40.74 4.32
N ASP C 314 4.54 39.63 4.70
CA ASP C 314 3.14 39.69 5.12
C ASP C 314 3.00 40.31 6.50
N ALA C 315 3.95 40.08 7.40
CA ALA C 315 3.88 40.71 8.71
C ALA C 315 4.08 42.22 8.63
N VAL C 316 4.85 42.69 7.65
CA VAL C 316 5.01 44.13 7.46
C VAL C 316 3.67 44.74 7.05
N LYS C 317 3.00 44.15 6.07
CA LYS C 317 1.73 44.69 5.60
C LYS C 317 0.71 44.76 6.74
N ILE C 318 0.58 43.67 7.49
CA ILE C 318 -0.37 43.63 8.61
C ILE C 318 -0.12 44.80 9.54
N MET C 319 1.14 45.07 9.85
CA MET C 319 1.47 46.20 10.73
C MET C 319 1.28 47.53 10.01
N ALA C 320 1.71 47.61 8.74
CA ALA C 320 1.62 48.86 7.98
C ALA C 320 0.18 49.25 7.68
N ASN C 321 -0.75 48.28 7.64
CA ASN C 321 -2.14 48.58 7.37
C ASN C 321 -2.81 49.37 8.49
N LEU C 322 -2.18 49.44 9.67
CA LEU C 322 -2.68 50.31 10.73
C LEU C 322 -2.25 51.76 10.56
N VAL C 323 -1.15 52.02 9.85
CA VAL C 323 -0.54 53.35 9.86
C VAL C 323 -1.48 54.44 9.35
N PRO C 324 -2.19 54.28 8.23
CA PRO C 324 -3.06 55.37 7.76
C PRO C 324 -4.14 55.77 8.75
N ALA C 325 -4.48 54.92 9.72
CA ALA C 325 -5.51 55.19 10.70
C ALA C 325 -4.97 55.80 11.98
N LEU C 326 -3.65 55.84 12.17
CA LEU C 326 -3.07 56.28 13.43
C LEU C 326 -3.12 57.80 13.54
N ALA C 327 -3.65 58.28 14.68
CA ALA C 327 -3.54 59.69 15.02
C ALA C 327 -2.18 59.93 15.66
N LYS C 328 -1.36 60.76 15.03
CA LYS C 328 -0.02 61.01 15.54
C LYS C 328 -0.09 61.66 16.92
N GLY C 329 0.76 61.20 17.82
CA GLY C 329 0.74 61.71 19.18
C GLY C 329 -0.45 61.28 20.00
N TYR C 330 -1.21 60.27 19.55
CA TYR C 330 -2.38 59.82 20.30
C TYR C 330 -2.58 58.32 20.19
N SER C 331 -2.59 57.78 18.96
CA SER C 331 -2.86 56.36 18.76
C SER C 331 -1.65 55.51 19.15
N ARG C 332 -1.88 54.48 19.95
CA ARG C 332 -0.86 53.51 20.34
C ARG C 332 -1.03 52.24 19.52
N VAL C 333 0.09 51.61 19.18
CA VAL C 333 0.12 50.27 18.59
C VAL C 333 0.63 49.32 19.66
N LEU C 334 -0.18 48.32 20.00
CA LEU C 334 0.16 47.37 21.06
C LEU C 334 0.26 45.98 20.44
N LEU C 335 1.48 45.44 20.37
CA LEU C 335 1.73 44.12 19.80
C LEU C 335 2.05 43.16 20.94
N ASN C 336 1.13 42.23 21.19
CA ASN C 336 1.24 41.25 22.26
C ASN C 336 1.73 39.95 21.63
N GLU C 337 3.05 39.78 21.62
CA GLU C 337 3.67 38.64 20.93
C GLU C 337 4.90 38.19 21.69
N ILE C 338 5.27 36.92 21.48
CA ILE C 338 6.51 36.40 22.04
C ILE C 338 7.69 37.12 21.43
N VAL C 339 8.61 37.56 22.28
CA VAL C 339 9.90 38.08 21.88
C VAL C 339 10.94 37.04 22.27
N VAL C 340 11.58 36.43 21.28
CA VAL C 340 12.48 35.30 21.52
C VAL C 340 13.85 35.83 21.92
N ASP C 341 14.43 35.22 22.96
CA ASP C 341 15.84 35.38 23.30
C ASP C 341 16.51 34.08 22.89
N GLU C 342 17.19 34.08 21.74
CA GLU C 342 17.76 32.84 21.23
C GLU C 342 18.98 32.40 22.03
N GLU C 343 19.57 33.29 22.84
CA GLU C 343 20.65 32.89 23.73
C GLU C 343 20.13 32.06 24.89
N ARG C 344 18.91 32.34 25.35
CA ARG C 344 18.29 31.60 26.45
C ARG C 344 16.98 30.98 25.97
N PRO C 345 17.02 29.80 25.37
CA PRO C 345 15.77 29.16 24.91
C PRO C 345 14.94 28.69 26.09
N VAL C 346 13.63 28.95 26.02
CA VAL C 346 12.68 28.50 27.02
C VAL C 346 11.48 27.87 26.32
N MET C 347 10.77 27.02 27.07
CA MET C 347 9.68 26.23 26.51
C MET C 347 8.60 27.09 25.90
N SER C 348 8.26 28.21 26.53
CA SER C 348 7.16 29.04 26.05
C SER C 348 7.43 29.57 24.64
N ALA C 349 8.68 29.86 24.30
CA ALA C 349 9.00 30.41 23.00
C ALA C 349 9.15 29.31 21.94
N THR C 350 9.86 28.22 22.26
CA THR C 350 10.07 27.17 21.28
C THR C 350 8.79 26.38 21.02
N ASN C 351 7.93 26.24 22.02
CA ASN C 351 6.61 25.60 21.83
C ASN C 351 5.84 26.27 20.70
N MET C 352 5.59 27.57 20.85
CA MET C 352 4.83 28.30 19.84
C MET C 352 5.62 28.41 18.53
N ASP C 353 6.95 28.40 18.60
CA ASP C 353 7.74 28.51 17.37
C ASP C 353 7.51 27.31 16.46
N LEU C 354 7.53 26.11 17.02
CA LEU C 354 7.29 24.91 16.25
C LEU C 354 5.84 24.72 15.89
N ILE C 355 4.91 25.29 16.68
CA ILE C 355 3.51 25.32 16.28
C ILE C 355 3.33 26.18 15.04
N MET C 356 3.96 27.36 15.01
CA MET C 356 3.89 28.19 13.81
C MET C 356 4.52 27.49 12.61
N LEU C 357 5.62 26.78 12.82
CA LEU C 357 6.22 25.99 11.74
C LEU C 357 5.27 24.90 11.27
N ALA C 358 4.55 24.27 12.20
CA ALA C 358 3.75 23.09 11.88
C ALA C 358 2.41 23.44 11.24
N HIS C 359 1.88 24.63 11.47
CA HIS C 359 0.60 25.02 10.88
C HIS C 359 0.72 26.09 9.81
N MET C 360 1.55 27.11 10.03
CA MET C 360 1.66 28.23 9.10
C MET C 360 2.98 28.26 8.36
N GLY C 361 3.93 27.39 8.69
CA GLY C 361 5.27 27.52 8.17
C GLY C 361 5.96 28.78 8.63
N ALA C 362 5.51 29.35 9.75
CA ALA C 362 5.95 30.63 10.26
C ALA C 362 6.93 30.42 11.42
N LYS C 363 7.19 31.49 12.18
CA LYS C 363 8.23 31.45 13.19
C LYS C 363 8.03 32.58 14.20
N GLU C 364 8.49 32.33 15.43
CA GLU C 364 8.57 33.37 16.44
C GLU C 364 9.82 34.23 16.18
N ARG C 365 9.87 35.40 16.82
CA ARG C 365 10.84 36.41 16.41
C ARG C 365 11.56 37.01 17.60
N THR C 366 12.84 37.33 17.39
CA THR C 366 13.61 38.03 18.41
C THR C 366 13.18 39.48 18.48
N GLU C 367 13.81 40.23 19.39
CA GLU C 367 13.51 41.67 19.46
C GLU C 367 14.02 42.38 18.20
N ALA C 368 15.21 41.99 17.72
CA ALA C 368 15.72 42.60 16.49
C ALA C 368 14.84 42.25 15.29
N ASP C 369 14.25 41.05 15.28
CA ASP C 369 13.29 40.69 14.23
C ASP C 369 12.08 41.62 14.25
N TRP C 370 11.52 41.85 15.45
CA TRP C 370 10.32 42.69 15.54
C TRP C 370 10.64 44.15 15.22
N ARG C 371 11.77 44.67 15.72
CA ARG C 371 12.12 46.06 15.45
C ARG C 371 12.32 46.31 13.96
N SER C 372 12.81 45.32 13.23
CA SER C 372 13.07 45.49 11.81
C SER C 372 11.78 45.46 10.99
N ILE C 373 10.82 44.63 11.39
CA ILE C 373 9.53 44.56 10.70
C ILE C 373 8.72 45.82 10.96
N LEU C 374 8.65 46.24 12.23
CA LEU C 374 7.93 47.45 12.57
C LEU C 374 8.50 48.66 11.82
N THR C 375 9.82 48.73 11.72
CA THR C 375 10.45 49.84 11.01
C THR C 375 10.06 49.83 9.53
N ARG C 376 10.09 48.65 8.89
CA ARG C 376 9.67 48.54 7.50
C ARG C 376 8.20 48.90 7.31
N ALA C 377 7.39 48.81 8.37
CA ALA C 377 5.97 49.15 8.30
C ALA C 377 5.69 50.61 8.67
N GLY C 378 6.72 51.41 8.95
CA GLY C 378 6.52 52.79 9.34
C GLY C 378 6.17 53.01 10.79
N LEU C 379 6.71 52.18 11.69
CA LEU C 379 6.44 52.30 13.11
C LEU C 379 7.77 52.32 13.87
N LYS C 380 7.72 52.86 15.09
CA LYS C 380 8.88 52.94 15.96
C LYS C 380 8.49 52.41 17.34
N VAL C 381 9.32 51.53 17.90
CA VAL C 381 9.05 50.95 19.21
C VAL C 381 9.16 52.04 20.28
N VAL C 382 8.17 52.10 21.18
CA VAL C 382 8.20 52.99 22.34
C VAL C 382 8.88 52.26 23.50
N ASN C 383 8.34 51.11 23.89
CA ASN C 383 8.87 50.33 25.00
C ASN C 383 8.33 48.91 24.90
N ILE C 384 9.08 47.97 25.47
CA ILE C 384 8.71 46.56 25.48
C ILE C 384 8.50 46.14 26.93
N TYR C 385 7.31 45.61 27.22
CA TYR C 385 6.94 45.17 28.55
C TYR C 385 6.93 43.66 28.62
N SER C 386 7.33 43.12 29.78
CA SER C 386 7.30 41.68 29.98
C SER C 386 6.83 41.39 31.40
N TYR C 387 6.45 40.12 31.61
CA TYR C 387 5.98 39.65 32.90
C TYR C 387 6.62 38.30 33.15
N PRO C 388 7.17 38.05 34.35
CA PRO C 388 7.82 36.76 34.60
C PRO C 388 6.84 35.60 34.47
N GLY C 389 7.24 34.59 33.71
CA GLY C 389 6.44 33.40 33.51
C GLY C 389 5.41 33.49 32.41
N VAL C 390 5.22 34.65 31.81
CA VAL C 390 4.25 34.85 30.74
C VAL C 390 5.00 34.76 29.41
N ALA C 391 4.45 34.01 28.46
CA ALA C 391 5.15 33.72 27.22
C ALA C 391 5.40 34.99 26.41
N GLU C 392 4.36 35.82 26.25
CA GLU C 392 4.41 36.96 25.35
C GLU C 392 4.82 38.25 26.07
N SER C 393 5.44 39.15 25.30
CA SER C 393 5.69 40.51 25.71
C SER C 393 4.60 41.40 25.11
N LEU C 394 4.64 42.68 25.47
CA LEU C 394 3.79 43.71 24.87
C LEU C 394 4.70 44.80 24.31
N ILE C 395 4.84 44.83 22.99
CA ILE C 395 5.58 45.89 22.32
C ILE C 395 4.61 47.03 22.03
N GLU C 396 4.88 48.21 22.60
CA GLU C 396 4.16 49.42 22.23
C GLU C 396 4.95 50.15 21.17
N ALA C 397 4.31 50.45 20.05
CA ALA C 397 4.93 51.15 18.95
C ALA C 397 4.08 52.35 18.58
N GLU C 398 4.68 53.27 17.83
CA GLU C 398 4.01 54.47 17.38
C GLU C 398 4.51 54.82 15.99
N LEU C 399 3.82 55.75 15.35
CA LEU C 399 4.25 56.28 14.06
C LEU C 399 5.69 56.74 14.12
N ALA C 400 6.49 56.28 13.14
CA ALA C 400 7.89 56.70 13.01
C ALA C 400 8.02 58.21 12.85
N ALA D 6 -2.68 16.53 46.06
CA ALA D 6 -2.18 17.09 47.30
C ALA D 6 -1.63 18.50 47.09
N SER D 7 -1.41 19.20 48.19
CA SER D 7 -0.93 20.57 48.12
C SER D 7 0.47 20.60 47.52
N PRO D 8 0.79 21.60 46.69
CA PRO D 8 2.17 21.76 46.22
C PRO D 8 3.19 21.81 47.35
N ALA D 9 2.83 22.45 48.47
CA ALA D 9 3.72 22.50 49.62
C ALA D 9 4.02 21.10 50.15
N SER D 10 3.01 20.21 50.15
CA SER D 10 3.23 18.84 50.60
C SER D 10 4.21 18.11 49.68
N ILE D 11 4.02 18.23 48.37
CA ILE D 11 4.92 17.59 47.42
C ILE D 11 6.33 18.15 47.53
N ILE D 12 6.45 19.44 47.88
CA ILE D 12 7.76 20.03 48.08
C ILE D 12 8.48 19.36 49.24
N GLN D 13 7.77 19.12 50.35
CA GLN D 13 8.37 18.39 51.47
C GLN D 13 8.73 16.96 51.06
N GLU D 14 7.83 16.28 50.34
CA GLU D 14 8.11 14.92 49.91
C GLU D 14 9.25 14.86 48.90
N LEU D 15 9.40 15.91 48.09
CA LEU D 15 10.54 15.98 47.18
C LEU D 15 11.85 16.13 47.92
N ALA D 16 11.87 16.99 48.94
CA ALA D 16 13.09 17.18 49.73
C ALA D 16 13.46 15.91 50.48
N SER D 17 12.46 15.20 51.04
CA SER D 17 12.74 13.94 51.72
C SER D 17 13.27 12.89 50.74
N ALA D 18 12.68 12.81 49.55
CA ALA D 18 13.20 11.91 48.53
C ALA D 18 14.59 12.32 48.07
N ALA D 19 14.89 13.63 48.11
CA ALA D 19 16.22 14.09 47.73
C ALA D 19 17.26 13.65 48.75
N LYS D 20 16.89 13.66 50.03
CA LYS D 20 17.79 13.14 51.06
C LYS D 20 18.07 11.66 50.86
N GLN D 21 17.04 10.89 50.51
CA GLN D 21 17.21 9.46 50.26
C GLN D 21 18.11 9.22 49.05
N TYR D 22 18.01 10.08 48.04
CA TYR D 22 18.84 9.95 46.84
C TYR D 22 20.29 10.28 47.15
N GLU D 23 20.54 11.26 48.02
CA GLU D 23 21.89 11.59 48.44
C GLU D 23 22.45 10.61 49.45
N ASN D 24 21.77 9.48 49.66
CA ASN D 24 22.27 8.38 50.47
C ASN D 24 22.31 7.09 49.66
N ASN D 25 22.13 7.18 48.34
CA ASN D 25 22.14 6.03 47.43
C ASN D 25 21.21 4.92 47.90
N GLU D 26 20.05 5.29 48.44
CA GLU D 26 19.06 4.32 48.85
C GLU D 26 18.35 3.76 47.62
N SER D 27 18.06 2.46 47.67
CA SER D 27 17.48 1.76 46.53
C SER D 27 16.23 2.47 46.03
N GLY D 28 16.22 2.81 44.74
CA GLY D 28 15.05 3.41 44.10
C GLY D 28 14.82 4.87 44.40
N ALA D 29 15.67 5.50 45.23
CA ALA D 29 15.43 6.89 45.59
C ALA D 29 15.52 7.83 44.39
N ARG D 30 16.31 7.45 43.38
CA ARG D 30 16.37 8.23 42.15
C ARG D 30 15.02 8.27 41.46
N GLU D 31 14.42 7.08 41.27
CA GLU D 31 13.12 7.00 40.60
C GLU D 31 12.03 7.68 41.42
N ALA D 32 12.14 7.68 42.75
CA ALA D 32 11.15 8.36 43.58
C ALA D 32 11.27 9.87 43.47
N LEU D 33 12.51 10.38 43.36
CA LEU D 33 12.70 11.81 43.16
C LEU D 33 12.12 12.27 41.83
N ILE D 34 12.28 11.46 40.78
CA ILE D 34 11.61 11.73 39.52
C ILE D 34 10.10 11.76 39.70
N ALA D 35 9.56 10.79 40.44
CA ALA D 35 8.11 10.71 40.60
C ALA D 35 7.57 11.93 41.36
N GLN D 36 8.28 12.36 42.40
CA GLN D 36 7.85 13.55 43.14
C GLN D 36 7.96 14.81 42.28
N SER D 37 8.98 14.88 41.41
CA SER D 37 9.11 16.02 40.52
C SER D 37 7.96 16.08 39.53
N ARG D 38 7.59 14.94 38.95
CA ARG D 38 6.46 14.90 38.03
C ARG D 38 5.15 15.21 38.73
N ALA D 39 5.01 14.82 40.00
CA ALA D 39 3.80 15.12 40.75
C ALA D 39 3.70 16.62 41.04
N LEU D 40 4.82 17.26 41.35
CA LEU D 40 4.81 18.69 41.64
C LEU D 40 4.40 19.50 40.41
N ILE D 41 4.89 19.11 39.23
CA ILE D 41 4.52 19.80 38.01
C ILE D 41 3.01 19.70 37.77
N ALA D 42 2.44 18.52 38.00
CA ALA D 42 1.00 18.35 37.81
C ALA D 42 0.19 19.25 38.73
N SER D 43 0.62 19.38 40.00
CA SER D 43 -0.12 20.18 40.96
C SER D 43 0.04 21.69 40.73
N LEU D 44 1.04 22.10 39.95
CA LEU D 44 1.31 23.52 39.71
C LEU D 44 0.78 24.00 38.37
N GLU D 45 0.88 23.19 37.32
CA GLU D 45 0.55 23.65 35.98
C GLU D 45 -0.92 24.02 35.86
N VAL D 46 -1.19 25.06 35.07
CA VAL D 46 -2.55 25.42 34.70
C VAL D 46 -2.90 24.57 33.48
N PRO D 47 -4.18 24.37 33.16
CA PRO D 47 -4.50 23.46 32.03
C PRO D 47 -3.89 23.86 30.69
N SER D 48 -3.84 25.16 30.37
CA SER D 48 -3.27 25.56 29.08
C SER D 48 -1.79 25.18 28.97
N GLU D 49 -1.08 25.16 30.10
CA GLU D 49 0.30 24.70 30.07
C GLU D 49 0.39 23.18 29.91
N PHE D 50 -0.57 22.45 30.48
CA PHE D 50 -0.63 21.01 30.24
C PHE D 50 -0.95 20.71 28.78
N ILE D 51 -1.82 21.52 28.17
CA ILE D 51 -2.11 21.37 26.74
C ILE D 51 -0.86 21.60 25.89
N GLN D 52 -0.11 22.66 26.19
CA GLN D 52 1.09 22.96 25.42
C GLN D 52 2.16 21.89 25.60
N HIS D 53 2.37 21.42 26.83
CA HIS D 53 3.38 20.39 27.03
C HIS D 53 2.98 19.08 26.38
N THR D 54 1.74 18.62 26.61
CA THR D 54 1.29 17.32 26.12
C THR D 54 1.21 17.29 24.61
N PHE D 55 0.69 18.37 24.01
CA PHE D 55 0.34 18.38 22.61
C PHE D 55 1.26 19.21 21.72
N TRP D 56 2.07 20.10 22.29
CA TRP D 56 3.04 20.87 21.51
C TRP D 56 4.47 20.41 21.78
N SER D 57 4.91 20.48 23.04
CA SER D 57 6.32 20.26 23.35
C SER D 57 6.76 18.83 23.08
N GLN D 58 5.94 17.85 23.40
CA GLN D 58 6.41 16.48 23.34
C GLN D 58 6.36 15.93 21.92
N PRO D 59 5.25 16.07 21.16
CA PRO D 59 5.31 15.64 19.75
C PRO D 59 6.34 16.39 18.93
N ALA D 60 6.64 17.64 19.28
CA ALA D 60 7.76 18.34 18.66
C ALA D 60 9.10 17.73 19.09
N LEU D 61 9.26 17.43 20.38
CA LEU D 61 10.46 16.75 20.85
C LEU D 61 10.60 15.37 20.21
N SER D 62 9.51 14.60 20.19
CA SER D 62 9.48 13.31 19.52
C SER D 62 9.94 13.41 18.08
N ALA D 63 9.46 14.44 17.37
CA ALA D 63 9.81 14.61 15.96
C ALA D 63 11.27 14.98 15.78
N ILE D 64 11.78 15.91 16.60
CA ILE D 64 13.15 16.37 16.43
C ILE D 64 14.14 15.28 16.84
N VAL D 65 13.83 14.55 17.91
CA VAL D 65 14.68 13.42 18.30
C VAL D 65 14.75 12.41 17.17
N ARG D 66 13.63 12.19 16.47
CA ARG D 66 13.63 11.31 15.30
C ARG D 66 14.41 11.92 14.15
N LEU D 67 14.32 13.24 13.97
CA LEU D 67 15.09 13.91 12.93
C LEU D 67 16.58 13.83 13.19
N ALA D 68 16.99 13.80 14.47
CA ALA D 68 18.40 13.71 14.80
C ALA D 68 19.02 12.41 14.31
N THR D 69 18.25 11.33 14.26
CA THR D 69 18.78 10.06 13.77
C THR D 69 19.09 10.10 12.27
N ASP D 70 18.48 11.03 11.52
CA ASP D 70 18.74 11.11 10.09
C ASP D 70 19.98 11.93 9.77
N VAL D 71 20.31 12.93 10.61
CA VAL D 71 21.38 13.88 10.30
C VAL D 71 22.60 13.70 11.20
N ASN D 72 22.63 12.68 12.06
CA ASN D 72 23.80 12.32 12.87
C ASN D 72 24.10 13.36 13.94
N LEU D 73 23.06 14.06 14.43
CA LEU D 73 23.28 15.21 15.32
C LEU D 73 23.93 14.79 16.63
N PHE D 74 23.36 13.82 17.33
CA PHE D 74 23.85 13.47 18.67
C PHE D 74 25.27 12.95 18.62
N GLN D 75 25.67 12.29 17.54
CA GLN D 75 27.04 11.80 17.42
C GLN D 75 28.03 12.93 17.15
N TYR D 76 27.62 13.95 16.37
CA TYR D 76 28.46 15.12 16.22
C TYR D 76 28.69 15.81 17.56
N LEU D 77 27.63 15.96 18.35
CA LEU D 77 27.76 16.58 19.67
C LEU D 77 28.56 15.71 20.63
N LYS D 78 28.52 14.39 20.45
CA LYS D 78 29.38 13.52 21.25
C LYS D 78 30.84 13.62 20.80
N ASP D 79 31.07 13.68 19.49
CA ASP D 79 32.43 13.88 18.98
C ASP D 79 33.02 15.20 19.45
N ALA D 80 32.18 16.23 19.60
CA ALA D 80 32.69 17.56 19.94
C ALA D 80 33.17 17.66 21.38
N GLN D 81 32.80 16.71 22.23
CA GLN D 81 33.17 16.70 23.64
C GLN D 81 32.83 18.03 24.32
N GLU D 82 33.73 18.51 25.18
CA GLU D 82 33.44 19.73 25.94
C GLU D 82 33.54 20.99 25.09
N GLU D 83 33.96 20.89 23.83
CA GLU D 83 34.04 22.07 22.98
C GLU D 83 32.68 22.47 22.42
N GLY D 84 31.80 21.51 22.20
CA GLY D 84 30.50 21.79 21.60
C GLY D 84 30.62 22.32 20.18
N LEU D 85 29.49 22.69 19.59
CA LEU D 85 29.46 23.29 18.26
C LEU D 85 28.39 24.37 18.25
N ASN D 86 28.65 25.46 17.52
CA ASN D 86 27.65 26.50 17.37
C ASN D 86 26.67 26.12 16.26
N ALA D 87 25.66 26.98 16.03
CA ALA D 87 24.64 26.65 15.05
C ALA D 87 25.23 26.55 13.65
N GLU D 88 26.24 27.37 13.34
CA GLU D 88 26.81 27.39 12.01
C GLU D 88 27.54 26.07 11.72
N ALA D 89 28.34 25.60 12.67
CA ALA D 89 29.07 24.34 12.47
C ALA D 89 28.12 23.15 12.39
N LEU D 90 27.14 23.10 13.30
CA LEU D 90 26.23 21.96 13.33
C LEU D 90 25.35 21.92 12.09
N ALA D 91 24.88 23.07 11.61
CA ALA D 91 24.11 23.11 10.38
C ALA D 91 24.97 22.69 9.19
N SER D 92 26.25 23.08 9.21
CA SER D 92 27.15 22.73 8.11
C SER D 92 27.45 21.23 8.10
N LYS D 93 27.56 20.62 9.29
CA LYS D 93 27.83 19.19 9.37
C LYS D 93 26.60 18.36 9.02
N THR D 94 25.43 18.76 9.52
CA THR D 94 24.20 17.98 9.32
C THR D 94 23.57 18.22 7.96
N GLY D 95 24.10 19.13 7.15
CA GLY D 95 23.48 19.45 5.87
C GLY D 95 22.15 20.16 5.99
N MET D 96 21.98 20.98 7.02
CA MET D 96 20.71 21.64 7.32
C MET D 96 20.87 23.15 7.17
N ASP D 97 19.77 23.80 6.81
CA ASP D 97 19.74 25.26 6.84
C ASP D 97 19.95 25.74 8.28
N VAL D 98 20.70 26.83 8.43
CA VAL D 98 21.12 27.27 9.76
C VAL D 98 19.91 27.70 10.60
N SER D 99 19.04 28.53 10.03
CA SER D 99 17.89 29.02 10.77
C SER D 99 17.00 27.86 11.21
N LEU D 100 16.75 26.90 10.32
CA LEU D 100 15.93 25.76 10.69
C LEU D 100 16.61 24.94 11.79
N PHE D 101 17.90 24.63 11.61
CA PHE D 101 18.59 23.84 12.62
C PHE D 101 18.53 24.52 13.99
N ALA D 102 18.78 25.83 14.02
CA ALA D 102 18.83 26.53 15.30
C ALA D 102 17.49 26.43 16.03
N ARG D 103 16.39 26.48 15.29
CA ARG D 103 15.06 26.42 15.93
C ARG D 103 14.84 25.06 16.59
N LEU D 104 15.12 23.98 15.85
CA LEU D 104 14.96 22.64 16.41
C LEU D 104 15.92 22.43 17.58
N ALA D 105 17.14 22.94 17.46
CA ALA D 105 18.12 22.78 18.54
C ALA D 105 17.69 23.54 19.80
N ARG D 106 17.07 24.70 19.62
CA ARG D 106 16.63 25.48 20.78
C ARG D 106 15.47 24.80 21.51
N HIS D 107 14.66 24.01 20.80
CA HIS D 107 13.66 23.21 21.49
C HIS D 107 14.31 22.09 22.28
N LEU D 108 15.37 21.50 21.74
CA LEU D 108 16.09 20.45 22.46
C LEU D 108 16.72 20.98 23.74
N VAL D 109 17.17 22.24 23.72
CA VAL D 109 17.70 22.86 24.94
C VAL D 109 16.59 23.07 25.96
N ALA D 110 15.45 23.60 25.52
CA ALA D 110 14.31 23.81 26.41
C ALA D 110 13.76 22.51 26.96
N MET D 111 13.97 21.39 26.27
CA MET D 111 13.55 20.08 26.75
C MET D 111 14.62 19.40 27.59
N ASN D 112 15.77 20.04 27.79
CA ASN D 112 16.88 19.47 28.56
C ASN D 112 17.36 18.15 27.96
N VAL D 113 17.57 18.16 26.64
CA VAL D 113 18.18 17.03 25.95
C VAL D 113 19.62 17.34 25.57
N ILE D 114 19.88 18.60 25.20
CA ILE D 114 21.22 19.16 25.04
C ILE D 114 21.22 20.50 25.77
N THR D 115 22.41 21.10 25.88
CA THR D 115 22.53 22.40 26.53
C THR D 115 23.09 23.43 25.55
N SER D 116 23.06 24.69 25.99
CA SER D 116 23.57 25.81 25.20
C SER D 116 24.22 26.84 26.11
N ARG D 117 25.33 27.40 25.65
CA ARG D 117 25.98 28.52 26.33
C ARG D 117 26.63 29.39 25.27
N ASN D 118 26.22 30.66 25.21
CA ASN D 118 26.79 31.64 24.29
C ASN D 118 26.69 31.16 22.85
N GLY D 119 25.48 30.75 22.45
CA GLY D 119 25.23 30.32 21.09
C GLY D 119 25.88 29.01 20.69
N VAL D 120 26.56 28.33 21.61
CA VAL D 120 27.24 27.07 21.35
C VAL D 120 26.44 25.97 22.01
N PHE D 121 26.18 24.89 21.27
CA PHE D 121 25.40 23.76 21.77
C PHE D 121 26.34 22.65 22.24
N TYR D 122 25.95 21.98 23.33
CA TYR D 122 26.76 20.93 23.94
C TYR D 122 25.93 19.69 24.16
N GLY D 123 26.58 18.53 24.07
CA GLY D 123 25.92 17.29 24.38
C GLY D 123 25.75 17.09 25.87
N THR D 124 24.83 16.18 26.20
CA THR D 124 24.54 15.79 27.58
C THR D 124 24.82 14.30 27.71
N ALA D 125 24.77 13.81 28.95
CA ALA D 125 24.83 12.36 29.16
C ALA D 125 23.73 11.67 28.37
N LEU D 126 22.54 12.29 28.33
CA LEU D 126 21.42 11.73 27.59
C LEU D 126 21.70 11.66 26.09
N SER D 127 21.98 12.82 25.47
CA SER D 127 22.18 12.84 24.03
C SER D 127 23.44 12.07 23.62
N ASN D 128 24.50 12.10 24.45
CA ASN D 128 25.64 11.24 24.19
C ASN D 128 25.24 9.77 24.24
N GLY D 129 24.35 9.41 25.16
CA GLY D 129 23.85 8.05 25.22
C GLY D 129 22.95 7.71 24.04
N LEU D 130 22.16 8.67 23.58
CA LEU D 130 21.27 8.49 22.44
C LEU D 130 22.01 8.31 21.13
N ALA D 131 23.31 8.65 21.07
CA ALA D 131 24.11 8.50 19.87
C ALA D 131 24.48 7.05 19.58
N ALA D 132 24.32 6.14 20.54
CA ALA D 132 24.64 4.74 20.32
C ALA D 132 23.75 4.15 19.22
N GLU D 133 24.26 3.11 18.55
CA GLU D 133 23.53 2.55 17.42
C GLU D 133 22.21 1.93 17.85
N ASN D 134 22.17 1.27 19.02
CA ASN D 134 20.92 0.64 19.44
C ASN D 134 19.87 1.67 19.80
N TYR D 135 20.25 2.82 20.35
CA TYR D 135 19.28 3.86 20.66
C TYR D 135 18.81 4.58 19.38
N GLN D 136 19.68 4.69 18.37
CA GLN D 136 19.27 5.31 17.11
C GLN D 136 18.15 4.52 16.47
N GLN D 137 18.30 3.21 16.36
CA GLN D 137 17.27 2.38 15.76
C GLN D 137 16.02 2.31 16.63
N SER D 138 16.19 2.40 17.96
CA SER D 138 15.04 2.44 18.85
C SER D 138 14.18 3.68 18.56
N ILE D 139 14.82 4.84 18.37
CA ILE D 139 14.07 6.06 18.08
C ILE D 139 13.34 5.94 16.76
N ARG D 140 14.00 5.39 15.74
CA ARG D 140 13.35 5.16 14.46
C ARG D 140 12.17 4.21 14.61
N PHE D 141 12.34 3.14 15.38
CA PHE D 141 11.21 2.23 15.60
C PHE D 141 10.08 2.93 16.32
N CYS D 142 10.39 3.68 17.38
CA CYS D 142 9.34 4.27 18.20
C CYS D 142 8.53 5.31 17.42
N HIS D 143 9.19 6.11 16.58
CA HIS D 143 8.47 7.17 15.86
C HIS D 143 7.81 6.64 14.60
N ASP D 144 8.44 5.68 13.91
CA ASP D 144 7.92 5.17 12.64
C ASP D 144 6.88 4.07 12.82
N VAL D 145 6.97 3.29 13.90
CA VAL D 145 6.13 2.11 14.09
C VAL D 145 5.14 2.29 15.23
N SER D 146 5.63 2.65 16.42
CA SER D 146 4.76 2.75 17.59
C SER D 146 3.88 3.99 17.56
N ARG D 147 4.43 5.13 17.15
CA ARG D 147 3.68 6.38 17.16
C ARG D 147 2.37 6.32 16.38
N PRO D 148 2.34 5.83 15.14
CA PRO D 148 1.04 5.74 14.45
C PRO D 148 0.05 4.81 15.15
N SER D 149 0.53 3.74 15.80
CA SER D 149 -0.38 2.90 16.57
C SER D 149 -1.05 3.69 17.69
N PHE D 150 -0.24 4.42 18.48
CA PHE D 150 -0.81 5.27 19.52
C PHE D 150 -1.67 6.38 18.94
N GLY D 151 -1.31 6.89 17.76
CA GLY D 151 -2.11 7.93 17.14
C GLY D 151 -3.47 7.42 16.71
N ALA D 152 -3.58 6.13 16.41
CA ALA D 152 -4.83 5.51 15.98
C ALA D 152 -5.72 5.08 17.14
N PHE D 153 -5.28 5.22 18.40
CA PHE D 153 -6.07 4.75 19.54
C PHE D 153 -7.47 5.36 19.59
N PRO D 154 -7.66 6.69 19.56
CA PRO D 154 -9.02 7.22 19.78
C PRO D 154 -10.04 6.77 18.75
N SER D 155 -9.68 6.80 17.46
CA SER D 155 -10.65 6.42 16.44
C SER D 155 -10.72 4.91 16.21
N PHE D 156 -9.66 4.15 16.51
CA PHE D 156 -9.77 2.69 16.46
C PHE D 156 -10.77 2.18 17.49
N PHE D 157 -10.59 2.57 18.74
CA PHE D 157 -11.49 2.10 19.79
C PHE D 157 -12.87 2.72 19.68
N LYS D 158 -12.99 3.88 19.04
CA LYS D 158 -14.31 4.37 18.67
C LYS D 158 -14.96 3.48 17.62
N GLY D 159 -14.18 3.04 16.63
CA GLY D 159 -14.70 2.21 15.56
C GLY D 159 -14.91 0.75 15.92
N ASN D 160 -14.33 0.29 17.04
CA ASN D 160 -14.51 -1.10 17.46
C ASN D 160 -15.47 -1.23 18.63
N GLY D 161 -16.11 -0.15 19.04
CA GLY D 161 -17.06 -0.19 20.15
C GLY D 161 -16.45 -0.11 21.52
N TYR D 162 -15.20 0.35 21.62
CA TYR D 162 -14.46 0.43 22.88
C TYR D 162 -14.36 -0.94 23.55
N LYS D 163 -13.81 -1.88 22.80
CA LYS D 163 -13.63 -3.26 23.24
C LYS D 163 -12.15 -3.63 23.28
N THR D 164 -11.82 -4.52 24.19
CA THR D 164 -10.51 -5.15 24.15
C THR D 164 -10.37 -5.95 22.85
N PRO D 165 -9.21 -5.91 22.19
CA PRO D 165 -9.00 -6.79 21.03
C PRO D 165 -9.30 -8.25 21.36
N ALA D 166 -10.34 -8.80 20.72
CA ALA D 166 -10.75 -10.18 21.01
C ALA D 166 -9.66 -11.17 20.62
N LEU D 167 -9.19 -11.10 19.37
CA LEU D 167 -8.06 -11.95 18.98
C LEU D 167 -6.74 -11.44 19.52
N GLY D 168 -6.65 -10.14 19.79
CA GLY D 168 -5.41 -9.54 20.22
C GLY D 168 -4.46 -9.28 19.08
N THR D 169 -3.87 -10.35 18.54
CA THR D 169 -2.72 -10.22 17.66
C THR D 169 -3.06 -9.77 16.24
N THR D 170 -4.30 -9.96 15.77
CA THR D 170 -4.66 -9.54 14.43
C THR D 170 -5.77 -8.51 14.37
N ASP D 171 -6.30 -8.06 15.51
CA ASP D 171 -7.45 -7.15 15.52
C ASP D 171 -7.23 -6.00 16.49
N GLY D 172 -6.02 -5.44 16.51
CA GLY D 172 -5.69 -4.38 17.42
C GLY D 172 -5.47 -3.05 16.74
N PRO D 173 -5.10 -2.02 17.52
CA PRO D 173 -4.78 -0.71 16.92
C PRO D 173 -3.62 -0.77 15.95
N PHE D 174 -2.70 -1.73 16.10
CA PHE D 174 -1.56 -1.80 15.20
C PHE D 174 -2.01 -2.01 13.76
N GLN D 175 -2.96 -2.93 13.56
CA GLN D 175 -3.44 -3.23 12.22
C GLN D 175 -4.16 -2.03 11.61
N SER D 176 -4.88 -1.29 12.44
CA SER D 176 -5.55 -0.07 11.97
C SER D 176 -4.53 0.96 11.50
N ALA D 177 -3.55 1.29 12.34
CA ALA D 177 -2.61 2.36 12.02
C ALA D 177 -1.74 2.02 10.81
N HIS D 178 -1.38 0.76 10.64
CA HIS D 178 -0.52 0.38 9.53
C HIS D 178 -1.30 -0.23 8.38
N LYS D 179 -2.63 -0.20 8.45
CA LYS D 179 -3.52 -0.58 7.35
C LYS D 179 -3.19 -1.96 6.82
N VAL D 180 -3.18 -2.94 7.72
CA VAL D 180 -2.84 -4.32 7.39
C VAL D 180 -3.75 -5.25 8.21
N ASP D 181 -3.64 -6.54 7.90
CA ASP D 181 -4.38 -7.57 8.61
C ASP D 181 -3.50 -8.53 9.37
N ILE D 182 -2.19 -8.39 9.27
CA ILE D 182 -1.25 -9.36 9.83
C ILE D 182 -0.82 -8.91 11.21
N SER D 183 -0.36 -9.87 12.00
CA SER D 183 0.17 -9.59 13.33
C SER D 183 1.44 -8.74 13.23
N PHE D 184 1.77 -8.08 14.34
CA PHE D 184 2.99 -7.28 14.42
C PHE D 184 4.25 -8.07 14.07
N PRO D 185 4.49 -9.30 14.57
CA PRO D 185 5.68 -10.03 14.13
C PRO D 185 5.67 -10.39 12.65
N GLN D 186 4.50 -10.76 12.10
CA GLN D 186 4.37 -10.93 10.65
C GLN D 186 4.73 -9.66 9.91
N TRP D 187 4.44 -8.50 10.49
CA TRP D 187 4.68 -7.22 9.83
C TRP D 187 6.16 -6.88 9.85
N LEU D 188 6.84 -7.15 10.97
CA LEU D 188 8.28 -6.90 11.06
C LEU D 188 9.04 -7.57 9.91
N VAL D 189 8.74 -8.85 9.66
CA VAL D 189 9.40 -9.58 8.59
C VAL D 189 9.17 -8.91 7.24
N GLY D 190 7.96 -8.43 7.00
CA GLY D 190 7.65 -7.82 5.73
C GLY D 190 8.03 -6.37 5.60
N ASN D 191 8.56 -5.74 6.65
CA ASN D 191 8.82 -4.30 6.65
C ASN D 191 10.22 -4.01 7.17
N PRO D 192 11.26 -4.37 6.43
CA PRO D 192 12.61 -3.95 6.79
C PRO D 192 12.72 -2.44 6.72
N PRO D 193 13.57 -1.83 7.54
CA PRO D 193 14.50 -2.44 8.49
C PRO D 193 13.97 -2.63 9.91
N TYR D 194 12.66 -2.56 10.13
CA TYR D 194 12.14 -2.45 11.49
C TYR D 194 12.23 -3.76 12.27
N LEU D 195 12.46 -4.90 11.62
CA LEU D 195 12.74 -6.11 12.37
C LEU D 195 14.14 -6.07 12.97
N GLN D 196 15.13 -5.62 12.18
CA GLN D 196 16.46 -5.37 12.73
C GLN D 196 16.41 -4.32 13.83
N TYR D 197 15.72 -3.20 13.57
CA TYR D 197 15.60 -2.16 14.58
C TYR D 197 14.98 -2.72 15.86
N PHE D 198 13.91 -3.50 15.72
CA PHE D 198 13.26 -4.09 16.90
C PHE D 198 14.24 -4.92 17.71
N ASN D 199 15.09 -5.70 17.04
CA ASN D 199 16.04 -6.56 17.76
C ASN D 199 17.13 -5.74 18.45
N SER D 200 17.59 -4.64 17.84
CA SER D 200 18.48 -3.72 18.55
C SER D 200 17.74 -3.02 19.69
N TYR D 201 16.46 -2.72 19.48
CA TYR D 201 15.64 -1.99 20.44
C TYR D 201 15.48 -2.77 21.75
N MET D 202 15.56 -4.09 21.69
CA MET D 202 15.31 -4.88 22.89
C MET D 202 16.48 -4.83 23.86
N SER D 203 17.69 -4.57 23.37
CA SER D 203 18.82 -4.29 24.22
C SER D 203 18.80 -2.89 24.81
N ALA D 204 17.73 -2.11 24.56
CA ALA D 204 17.70 -0.69 24.91
C ALA D 204 16.47 -0.24 25.67
N TYR D 205 15.35 -0.97 25.62
CA TYR D 205 14.10 -0.42 26.15
C TYR D 205 14.11 -0.30 27.67
N ARG D 206 14.92 -1.09 28.38
CA ARG D 206 15.01 -0.96 29.83
C ARG D 206 16.46 -0.94 30.31
N ALA D 207 17.40 -0.68 29.41
CA ALA D 207 18.82 -0.71 29.77
C ALA D 207 19.15 0.37 30.80
N GLY D 208 20.25 0.16 31.50
CA GLY D 208 20.70 1.11 32.50
C GLY D 208 19.92 1.09 33.80
N LYS D 209 19.10 0.08 34.01
CA LYS D 209 18.34 -0.13 35.23
C LYS D 209 18.75 -1.46 35.84
N PRO D 210 18.57 -1.64 37.15
CA PRO D 210 19.01 -2.88 37.80
C PRO D 210 18.38 -4.11 37.16
N ASN D 211 19.22 -5.13 36.93
CA ASN D 211 18.78 -6.39 36.34
C ASN D 211 18.21 -7.31 37.41
N TRP D 212 17.42 -8.28 36.94
CA TRP D 212 16.84 -9.30 37.82
C TRP D 212 17.88 -9.99 38.69
N CYS D 213 19.08 -10.18 38.17
CA CYS D 213 20.14 -10.91 38.87
C CYS D 213 21.09 -10.00 39.64
N ASP D 214 20.91 -8.68 39.56
CA ASP D 214 21.78 -7.77 40.29
C ASP D 214 21.70 -8.03 41.79
N ASN D 215 22.73 -7.57 42.51
CA ASN D 215 22.80 -7.81 43.94
C ASN D 215 21.64 -7.16 44.66
N GLY D 216 21.12 -7.83 45.69
CA GLY D 216 19.94 -7.38 46.39
C GLY D 216 18.64 -7.63 45.67
N PHE D 217 18.66 -8.30 44.52
CA PHE D 217 17.45 -8.63 43.77
C PHE D 217 17.18 -10.13 43.91
N TYR D 218 17.16 -10.85 42.80
CA TYR D 218 16.97 -12.30 42.87
C TYR D 218 18.25 -12.97 43.36
N PRO D 219 18.18 -13.87 44.36
CA PRO D 219 19.39 -14.48 44.94
C PRO D 219 19.99 -15.59 44.07
N VAL D 220 20.57 -15.17 42.94
CA VAL D 220 21.07 -16.11 41.94
C VAL D 220 22.01 -17.13 42.55
N ALA D 221 22.90 -16.69 43.44
CA ALA D 221 23.92 -17.59 43.95
C ALA D 221 23.34 -18.65 44.87
N ASP D 222 22.38 -18.28 45.72
CA ASP D 222 21.85 -19.23 46.69
C ASP D 222 20.74 -20.10 46.14
N ARG D 223 20.06 -19.66 45.08
CA ARG D 223 19.00 -20.46 44.46
C ARG D 223 19.46 -21.27 43.25
N LEU D 224 20.42 -20.76 42.46
CA LEU D 224 20.85 -21.43 41.24
C LEU D 224 22.23 -22.06 41.38
N LEU D 225 23.27 -21.25 41.67
CA LEU D 225 24.62 -21.80 41.79
C LEU D 225 24.74 -22.72 42.98
N ASN D 226 24.10 -22.39 44.09
CA ASN D 226 24.03 -23.28 45.23
C ASN D 226 23.18 -24.50 44.87
N GLY D 227 23.80 -25.66 44.82
CA GLY D 227 23.10 -26.87 44.43
C GLY D 227 23.17 -27.21 42.97
N PHE D 228 23.90 -26.45 42.15
CA PHE D 228 24.09 -26.81 40.76
C PHE D 228 24.72 -28.19 40.67
N ASP D 229 24.16 -29.05 39.83
CA ASP D 229 24.55 -30.46 39.76
C ASP D 229 24.81 -30.82 38.30
N ALA D 230 26.09 -30.94 37.93
CA ALA D 230 26.45 -31.29 36.56
C ALA D 230 26.02 -32.70 36.18
N SER D 231 25.76 -33.57 37.16
CA SER D 231 25.22 -34.89 36.86
C SER D 231 23.75 -34.86 36.50
N VAL D 232 23.04 -33.78 36.84
CA VAL D 232 21.67 -33.59 36.35
C VAL D 232 21.69 -33.02 34.94
N SER D 233 22.47 -31.97 34.72
CA SER D 233 22.60 -31.32 33.42
C SER D 233 23.77 -30.36 33.48
N ASP D 234 24.52 -30.27 32.39
CA ASP D 234 25.61 -29.30 32.32
C ASP D 234 25.13 -27.89 31.97
N VAL D 235 23.81 -27.67 31.87
CA VAL D 235 23.25 -26.37 31.55
C VAL D 235 22.86 -25.66 32.83
N LEU D 236 23.30 -24.41 32.99
CA LEU D 236 22.97 -23.60 34.15
C LEU D 236 21.72 -22.74 33.90
N LEU D 237 21.63 -22.09 32.75
CA LEU D 237 20.51 -21.19 32.50
C LEU D 237 20.16 -21.15 31.03
N VAL D 238 18.87 -21.25 30.73
CA VAL D 238 18.33 -21.08 29.38
C VAL D 238 17.48 -19.81 29.38
N ASP D 239 17.85 -18.85 28.54
CA ASP D 239 17.05 -17.64 28.33
C ASP D 239 16.15 -17.89 27.12
N VAL D 240 14.86 -18.09 27.38
CA VAL D 240 13.87 -18.40 26.35
C VAL D 240 13.30 -17.08 25.84
N GLY D 241 13.63 -16.73 24.60
CA GLY D 241 13.20 -15.46 24.04
C GLY D 241 14.10 -14.30 24.41
N GLY D 242 15.40 -14.54 24.56
CA GLY D 242 16.35 -13.54 24.99
C GLY D 242 16.86 -12.60 23.92
N GLY D 243 16.30 -12.66 22.72
CA GLY D 243 16.73 -11.74 21.68
C GLY D 243 18.15 -12.04 21.23
N ARG D 244 18.94 -10.98 21.07
CA ARG D 244 20.32 -11.13 20.66
C ARG D 244 21.24 -11.56 21.80
N GLY D 245 20.73 -11.66 23.03
CA GLY D 245 21.47 -12.20 24.13
C GLY D 245 22.00 -11.22 25.17
N HIS D 246 21.50 -9.98 25.18
CA HIS D 246 22.04 -8.97 26.10
C HIS D 246 21.87 -9.38 27.56
N ASP D 247 20.75 -10.01 27.90
CA ASP D 247 20.53 -10.39 29.30
C ASP D 247 21.45 -11.55 29.68
N ILE D 248 21.47 -12.61 28.87
CA ILE D 248 22.24 -13.79 29.23
C ILE D 248 23.73 -13.50 29.24
N ALA D 249 24.18 -12.50 28.46
CA ALA D 249 25.56 -12.06 28.54
C ALA D 249 25.83 -11.35 29.87
N THR D 250 24.91 -10.47 30.28
CA THR D 250 25.03 -9.79 31.57
C THR D 250 25.05 -10.78 32.72
N PHE D 251 24.18 -11.80 32.65
CA PHE D 251 24.20 -12.86 33.65
C PHE D 251 25.56 -13.56 33.68
N GLY D 252 26.09 -13.92 32.51
CA GLY D 252 27.34 -14.64 32.47
C GLY D 252 28.51 -13.86 33.02
N SER D 253 28.56 -12.55 32.74
CA SER D 253 29.67 -11.74 33.22
C SER D 253 29.59 -11.50 34.73
N GLN D 254 28.38 -11.47 35.29
CA GLN D 254 28.20 -11.25 36.73
C GLN D 254 28.56 -12.47 37.56
N PHE D 255 28.52 -13.67 36.99
CA PHE D 255 28.59 -14.90 37.78
C PHE D 255 29.68 -15.83 37.27
N SER D 256 30.74 -15.27 36.67
CA SER D 256 31.88 -16.07 36.26
C SER D 256 32.75 -16.42 37.46
N PRO D 257 33.46 -17.56 37.41
CA PRO D 257 33.43 -18.60 36.36
C PRO D 257 32.11 -19.38 36.41
N LEU D 258 31.48 -19.60 35.26
CA LEU D 258 30.18 -20.25 35.23
C LEU D 258 30.33 -21.76 35.40
N PRO D 259 29.68 -22.37 36.40
CA PRO D 259 29.79 -23.83 36.56
C PRO D 259 29.10 -24.62 35.45
N GLY D 260 28.24 -23.98 34.66
CA GLY D 260 27.56 -24.67 33.58
C GLY D 260 27.39 -23.80 32.36
N ARG D 261 26.62 -24.28 31.38
CA ARG D 261 26.43 -23.59 30.11
C ARG D 261 25.29 -22.59 30.19
N LEU D 262 25.38 -21.56 29.36
CA LEU D 262 24.31 -20.61 29.13
C LEU D 262 23.82 -20.78 27.70
N VAL D 263 22.52 -21.00 27.54
CA VAL D 263 21.91 -21.30 26.24
C VAL D 263 20.88 -20.22 25.96
N LEU D 264 21.06 -19.51 24.84
CA LEU D 264 20.11 -18.51 24.38
C LEU D 264 19.20 -19.13 23.32
N GLN D 265 17.90 -18.89 23.43
CA GLN D 265 16.92 -19.39 22.48
C GLN D 265 16.05 -18.24 21.98
N ASP D 266 15.91 -18.13 20.66
CA ASP D 266 15.02 -17.14 20.05
C ASP D 266 14.74 -17.57 18.62
N ARG D 267 14.24 -16.65 17.81
CA ARG D 267 13.94 -16.91 16.40
C ARG D 267 15.23 -17.04 15.60
N GLU D 268 15.19 -17.89 14.57
CA GLU D 268 16.36 -18.09 13.73
C GLU D 268 16.89 -16.78 13.16
N GLN D 269 15.99 -15.88 12.76
CA GLN D 269 16.43 -14.59 12.22
C GLN D 269 17.23 -13.81 13.25
N VAL D 270 16.70 -13.70 14.47
CA VAL D 270 17.42 -13.03 15.55
C VAL D 270 18.77 -13.70 15.80
N ILE D 271 18.76 -15.02 15.94
CA ILE D 271 19.98 -15.77 16.24
C ILE D 271 21.01 -15.59 15.12
N ASN D 272 20.56 -15.64 13.87
CA ASN D 272 21.46 -15.49 12.74
C ASN D 272 22.06 -14.08 12.67
N SER D 273 21.40 -13.10 13.28
CA SER D 273 21.84 -11.71 13.28
C SER D 273 22.90 -11.42 14.34
N ILE D 274 23.38 -12.43 15.06
CA ILE D 274 24.35 -12.24 16.12
C ILE D 274 25.75 -12.47 15.54
N PRO D 275 26.61 -11.44 15.51
CA PRO D 275 27.97 -11.64 14.99
C PRO D 275 28.79 -12.48 15.94
N ALA D 276 29.66 -13.32 15.35
CA ALA D 276 30.46 -14.25 16.14
C ALA D 276 31.40 -13.49 17.09
N ASP D 277 31.66 -14.11 18.24
CA ASP D 277 32.47 -13.49 19.28
C ASP D 277 33.21 -14.59 20.02
N GLU D 278 34.54 -14.53 20.02
CA GLU D 278 35.33 -15.59 20.63
C GLU D 278 35.25 -15.58 22.15
N SER D 279 34.99 -14.42 22.75
CA SER D 279 34.87 -14.29 24.19
C SER D 279 33.45 -14.48 24.70
N ARG D 280 32.49 -14.69 23.80
CA ARG D 280 31.09 -14.80 24.17
C ARG D 280 30.86 -16.02 25.07
N GLN D 281 30.07 -15.83 26.12
CA GLN D 281 29.91 -16.85 27.15
C GLN D 281 28.68 -17.73 26.96
N PHE D 282 27.81 -17.42 26.00
CA PHE D 282 26.61 -18.22 25.78
C PHE D 282 26.65 -18.86 24.40
N GLU D 283 25.74 -19.81 24.20
CA GLU D 283 25.57 -20.50 22.92
C GLU D 283 24.22 -20.08 22.34
N ALA D 284 24.25 -19.49 21.14
CA ALA D 284 23.04 -18.98 20.51
C ALA D 284 22.36 -20.10 19.73
N THR D 285 21.10 -20.39 20.09
CA THR D 285 20.33 -21.46 19.45
C THR D 285 18.96 -20.96 19.03
N THR D 286 18.41 -21.61 18.00
CA THR D 286 17.07 -21.34 17.50
C THR D 286 16.06 -22.27 18.19
N HIS D 287 14.98 -21.70 18.71
CA HIS D 287 13.92 -22.51 19.31
C HIS D 287 12.62 -21.72 19.30
N ASP D 288 11.57 -22.36 18.79
CA ASP D 288 10.22 -21.78 18.78
C ASP D 288 9.58 -21.98 20.15
N ILE D 289 9.24 -20.87 20.83
CA ILE D 289 8.65 -20.95 22.16
C ILE D 289 7.32 -21.68 22.17
N PHE D 290 6.71 -21.91 21.02
CA PHE D 290 5.48 -22.67 20.92
C PHE D 290 5.72 -24.14 20.60
N THR D 291 6.92 -24.64 20.88
CA THR D 291 7.20 -26.06 20.88
C THR D 291 7.80 -26.43 22.23
N THR D 292 7.82 -27.73 22.51
CA THR D 292 8.33 -28.22 23.78
C THR D 292 9.80 -27.84 23.95
N GLN D 293 10.18 -27.50 25.17
CA GLN D 293 11.54 -27.09 25.50
C GLN D 293 12.52 -28.24 25.24
N PRO D 294 13.52 -28.06 24.35
CA PRO D 294 14.41 -29.18 24.00
C PRO D 294 15.60 -29.36 24.94
N VAL D 295 16.00 -28.31 25.64
CA VAL D 295 17.07 -28.42 26.62
C VAL D 295 16.49 -29.08 27.87
N LYS D 296 17.02 -30.24 28.24
CA LYS D 296 16.42 -31.10 29.24
C LYS D 296 17.11 -30.94 30.59
N HIS D 297 16.31 -30.67 31.63
CA HIS D 297 16.72 -30.76 33.04
C HIS D 297 17.70 -29.66 33.44
N ALA D 298 17.65 -28.51 32.77
CA ALA D 298 18.53 -27.40 33.10
C ALA D 298 18.22 -26.89 34.51
N ARG D 299 19.21 -26.22 35.11
CA ARG D 299 19.03 -25.69 36.45
C ARG D 299 18.06 -24.51 36.47
N ALA D 300 17.91 -23.80 35.34
CA ALA D 300 17.04 -22.63 35.30
C ALA D 300 16.63 -22.34 33.87
N TYR D 301 15.34 -22.00 33.71
CA TYR D 301 14.79 -21.53 32.44
C TYR D 301 14.29 -20.11 32.66
N TYR D 302 14.99 -19.14 32.07
CA TYR D 302 14.72 -17.73 32.28
C TYR D 302 13.85 -17.19 31.14
N MET D 303 13.10 -16.14 31.44
CA MET D 303 12.15 -15.61 30.46
C MET D 303 11.87 -14.16 30.80
N HIS D 304 12.20 -13.24 29.88
CA HIS D 304 12.04 -11.81 30.11
C HIS D 304 11.18 -11.21 29.01
N SER D 305 10.08 -10.56 29.41
CA SER D 305 9.21 -9.84 28.47
C SER D 305 8.84 -10.73 27.28
N VAL D 306 8.30 -11.91 27.57
CA VAL D 306 7.85 -12.79 26.49
C VAL D 306 6.35 -13.07 26.64
N PRO D 307 5.86 -13.84 27.63
CA PRO D 307 4.42 -14.12 27.66
C PRO D 307 3.55 -12.88 27.90
N HIS D 308 4.14 -11.73 28.24
CA HIS D 308 3.35 -10.51 28.39
C HIS D 308 2.77 -10.02 27.07
N GLY D 309 3.28 -10.50 25.94
CA GLY D 309 2.80 -10.12 24.63
C GLY D 309 1.76 -11.04 24.03
N PHE D 310 1.20 -11.96 24.81
CA PHE D 310 0.33 -13.00 24.28
C PHE D 310 -0.95 -13.11 25.11
N GLY D 311 -2.02 -13.54 24.44
CA GLY D 311 -3.26 -13.83 25.13
C GLY D 311 -3.13 -15.02 26.05
N ASP D 312 -4.18 -15.23 26.85
CA ASP D 312 -4.10 -16.20 27.94
C ASP D 312 -3.74 -17.59 27.43
N GLU D 313 -4.41 -18.04 26.36
CA GLU D 313 -4.14 -19.38 25.83
C GLU D 313 -2.72 -19.51 25.31
N ASP D 314 -2.22 -18.46 24.64
CA ASP D 314 -0.84 -18.50 24.15
C ASP D 314 0.16 -18.43 25.31
N ALA D 315 -0.10 -17.59 26.31
CA ALA D 315 0.80 -17.49 27.44
C ALA D 315 0.88 -18.79 28.23
N VAL D 316 -0.20 -19.57 28.24
CA VAL D 316 -0.16 -20.88 28.90
C VAL D 316 0.68 -21.86 28.09
N LYS D 317 0.49 -21.88 26.76
CA LYS D 317 1.30 -22.73 25.90
C LYS D 317 2.78 -22.46 26.07
N ILE D 318 3.15 -21.19 26.24
CA ILE D 318 4.55 -20.81 26.41
C ILE D 318 5.10 -21.40 27.71
N MET D 319 4.38 -21.23 28.82
CA MET D 319 4.86 -21.77 30.09
C MET D 319 4.66 -23.28 30.18
N ALA D 320 3.57 -23.81 29.63
CA ALA D 320 3.36 -25.26 29.69
C ALA D 320 4.41 -26.03 28.91
N ASN D 321 5.03 -25.39 27.92
CA ASN D 321 6.02 -26.06 27.08
C ASN D 321 7.37 -26.21 27.77
N LEU D 322 7.57 -25.59 28.93
CA LEU D 322 8.75 -25.85 29.74
C LEU D 322 8.59 -27.08 30.60
N VAL D 323 7.35 -27.42 30.98
CA VAL D 323 7.12 -28.43 32.02
C VAL D 323 7.74 -29.77 31.67
N PRO D 324 7.69 -30.28 30.43
CA PRO D 324 8.33 -31.58 30.15
C PRO D 324 9.83 -31.62 30.43
N ALA D 325 10.52 -30.49 30.33
CA ALA D 325 11.98 -30.45 30.49
C ALA D 325 12.42 -30.22 31.93
N LEU D 326 11.47 -30.00 32.86
CA LEU D 326 11.83 -29.60 34.22
C LEU D 326 12.19 -30.82 35.05
N ALA D 327 13.38 -30.80 35.64
CA ALA D 327 13.81 -31.84 36.58
C ALA D 327 13.18 -31.56 37.95
N LYS D 328 12.45 -32.53 38.46
CA LYS D 328 11.71 -32.34 39.71
C LYS D 328 12.66 -32.04 40.86
N GLY D 329 12.41 -30.95 41.57
CA GLY D 329 13.25 -30.55 42.68
C GLY D 329 14.58 -29.96 42.30
N TYR D 330 14.79 -29.60 41.04
CA TYR D 330 16.09 -29.08 40.62
C TYR D 330 15.95 -27.92 39.64
N SER D 331 15.04 -28.02 38.69
CA SER D 331 14.87 -26.98 37.68
C SER D 331 14.04 -25.84 38.23
N ARG D 332 14.52 -24.61 38.03
CA ARG D 332 13.78 -23.41 38.41
C ARG D 332 13.26 -22.72 37.16
N VAL D 333 12.05 -22.15 37.26
CA VAL D 333 11.47 -21.34 36.21
C VAL D 333 11.51 -19.90 36.66
N LEU D 334 12.18 -19.04 35.88
CA LEU D 334 12.37 -17.64 36.23
C LEU D 334 11.64 -16.79 35.21
N LEU D 335 10.53 -16.17 35.63
CA LEU D 335 9.73 -15.31 34.76
C LEU D 335 9.97 -13.86 35.18
N ASN D 336 10.61 -13.11 34.30
CA ASN D 336 10.97 -11.71 34.56
C ASN D 336 9.95 -10.85 33.81
N GLU D 337 8.88 -10.47 34.49
CA GLU D 337 7.79 -9.71 33.89
C GLU D 337 7.27 -8.69 34.89
N ILE D 338 6.48 -7.75 34.38
CA ILE D 338 5.81 -6.77 35.24
C ILE D 338 4.67 -7.43 35.99
N VAL D 339 4.55 -7.11 37.27
CA VAL D 339 3.41 -7.53 38.08
C VAL D 339 2.64 -6.28 38.45
N VAL D 340 1.42 -6.17 37.94
CA VAL D 340 0.63 -4.94 38.03
C VAL D 340 -0.12 -4.91 39.35
N ASP D 341 0.10 -3.84 40.12
CA ASP D 341 -0.77 -3.47 41.23
C ASP D 341 -1.79 -2.49 40.67
N GLU D 342 -3.06 -2.91 40.57
CA GLU D 342 -4.04 -2.11 39.85
C GLU D 342 -4.63 -0.98 40.71
N GLU D 343 -4.55 -1.08 42.03
CA GLU D 343 -4.93 0.07 42.87
C GLU D 343 -3.77 1.03 43.10
N ARG D 344 -2.57 0.70 42.64
CA ARG D 344 -1.39 1.57 42.74
C ARG D 344 -0.74 1.68 41.37
N PRO D 345 -1.37 2.39 40.44
CA PRO D 345 -0.80 2.51 39.09
C PRO D 345 0.55 3.22 39.11
N VAL D 346 1.45 2.77 38.24
CA VAL D 346 2.78 3.34 38.11
C VAL D 346 3.16 3.38 36.63
N MET D 347 3.82 4.47 36.23
CA MET D 347 4.14 4.69 34.82
C MET D 347 4.83 3.50 34.18
N SER D 348 5.79 2.89 34.90
CA SER D 348 6.53 1.78 34.33
C SER D 348 5.65 0.56 34.02
N ALA D 349 4.51 0.43 34.69
CA ALA D 349 3.59 -0.66 34.42
C ALA D 349 2.58 -0.32 33.33
N THR D 350 2.02 0.88 33.35
CA THR D 350 1.05 1.26 32.33
C THR D 350 1.72 1.50 30.98
N ASN D 351 2.99 1.94 30.99
CA ASN D 351 3.75 2.14 29.77
C ASN D 351 3.82 0.86 28.93
N MET D 352 4.39 -0.20 29.52
CA MET D 352 4.40 -1.51 28.88
C MET D 352 3.00 -1.99 28.55
N ASP D 353 2.03 -1.72 29.42
CA ASP D 353 0.67 -2.19 29.19
C ASP D 353 0.07 -1.58 27.92
N LEU D 354 0.29 -0.28 27.71
CA LEU D 354 -0.21 0.34 26.49
C LEU D 354 0.66 0.01 25.29
N ILE D 355 1.95 -0.25 25.51
CA ILE D 355 2.81 -0.75 24.45
C ILE D 355 2.36 -2.13 23.99
N MET D 356 2.03 -3.01 24.95
CA MET D 356 1.52 -4.33 24.58
C MET D 356 0.21 -4.20 23.80
N LEU D 357 -0.65 -3.26 24.21
CA LEU D 357 -1.90 -3.04 23.49
C LEU D 357 -1.64 -2.53 22.08
N ALA D 358 -0.67 -1.63 21.92
CA ALA D 358 -0.43 -0.96 20.65
C ALA D 358 0.26 -1.85 19.61
N HIS D 359 0.89 -2.94 20.03
CA HIS D 359 1.65 -3.78 19.11
C HIS D 359 1.08 -5.17 18.95
N MET D 360 0.88 -5.89 20.05
CA MET D 360 0.28 -7.22 20.01
C MET D 360 -1.17 -7.25 20.48
N GLY D 361 -1.74 -6.10 20.85
CA GLY D 361 -3.05 -6.10 21.48
C GLY D 361 -3.08 -6.81 22.80
N ALA D 362 -1.92 -7.01 23.43
CA ALA D 362 -1.81 -7.79 24.65
C ALA D 362 -1.88 -6.86 25.87
N LYS D 363 -1.40 -7.33 27.02
CA LYS D 363 -1.57 -6.58 28.27
C LYS D 363 -0.61 -7.08 29.32
N GLU D 364 -0.29 -6.21 30.27
CA GLU D 364 0.42 -6.63 31.47
C GLU D 364 -0.56 -7.26 32.47
N ARG D 365 -0.01 -8.11 33.35
CA ARG D 365 -0.83 -8.94 34.22
C ARG D 365 -0.58 -8.62 35.69
N THR D 366 -1.61 -8.84 36.51
CA THR D 366 -1.47 -8.79 37.95
C THR D 366 -0.92 -10.10 38.48
N GLU D 367 -0.61 -10.12 39.78
CA GLU D 367 -0.14 -11.35 40.41
C GLU D 367 -1.15 -12.48 40.27
N ALA D 368 -2.44 -12.18 40.48
CA ALA D 368 -3.46 -13.21 40.36
C ALA D 368 -3.56 -13.70 38.91
N ASP D 369 -3.46 -12.79 37.95
CA ASP D 369 -3.44 -13.19 36.54
C ASP D 369 -2.29 -14.15 36.27
N TRP D 370 -1.08 -13.79 36.72
CA TRP D 370 0.09 -14.64 36.50
C TRP D 370 -0.03 -15.96 37.23
N ARG D 371 -0.55 -15.95 38.46
CA ARG D 371 -0.74 -17.21 39.19
C ARG D 371 -1.73 -18.11 38.48
N SER D 372 -2.82 -17.53 37.95
CA SER D 372 -3.79 -18.32 37.21
C SER D 372 -3.15 -18.94 35.97
N ILE D 373 -2.41 -18.15 35.20
CA ILE D 373 -1.74 -18.65 34.00
C ILE D 373 -0.75 -19.77 34.35
N LEU D 374 0.10 -19.53 35.35
CA LEU D 374 1.10 -20.53 35.71
C LEU D 374 0.46 -21.83 36.18
N THR D 375 -0.57 -21.74 37.02
CA THR D 375 -1.26 -22.93 37.49
C THR D 375 -1.81 -23.73 36.31
N ARG D 376 -2.49 -23.06 35.37
CA ARG D 376 -3.05 -23.75 34.21
C ARG D 376 -1.99 -24.41 33.35
N ALA D 377 -0.73 -23.99 33.46
CA ALA D 377 0.35 -24.54 32.66
C ALA D 377 1.09 -25.68 33.36
N GLY D 378 0.75 -25.99 34.62
CA GLY D 378 1.41 -27.04 35.36
C GLY D 378 2.50 -26.58 36.30
N LEU D 379 2.56 -25.30 36.63
CA LEU D 379 3.60 -24.73 37.47
C LEU D 379 2.99 -24.19 38.75
N LYS D 380 3.84 -23.75 39.67
CA LYS D 380 3.35 -23.08 40.86
C LYS D 380 4.40 -22.11 41.36
N VAL D 381 3.93 -20.98 41.90
CA VAL D 381 4.82 -19.91 42.34
C VAL D 381 5.53 -20.31 43.62
N VAL D 382 6.83 -20.06 43.67
CA VAL D 382 7.64 -20.27 44.87
C VAL D 382 7.80 -18.98 45.66
N ASN D 383 8.22 -17.91 44.98
CA ASN D 383 8.41 -16.60 45.58
C ASN D 383 8.48 -15.57 44.47
N ILE D 384 8.17 -14.32 44.81
CA ILE D 384 8.14 -13.22 43.86
C ILE D 384 9.09 -12.13 44.37
N TYR D 385 10.04 -11.75 43.54
CA TYR D 385 11.09 -10.80 43.91
C TYR D 385 10.90 -9.51 43.12
N SER D 386 11.08 -8.38 43.81
CA SER D 386 10.98 -7.06 43.20
C SER D 386 12.17 -6.23 43.67
N TYR D 387 12.25 -4.99 43.16
CA TYR D 387 13.36 -4.11 43.47
C TYR D 387 12.90 -2.67 43.30
N PRO D 388 13.26 -1.78 44.23
CA PRO D 388 12.74 -0.41 44.16
C PRO D 388 13.07 0.26 42.82
N GLY D 389 12.05 0.86 42.22
CA GLY D 389 12.18 1.56 40.97
C GLY D 389 12.23 0.70 39.73
N VAL D 390 12.38 -0.62 39.86
CA VAL D 390 12.49 -1.50 38.72
C VAL D 390 11.10 -1.96 38.30
N ALA D 391 10.81 -1.88 37.00
CA ALA D 391 9.48 -2.18 36.50
C ALA D 391 9.11 -3.65 36.68
N GLU D 392 10.06 -4.56 36.40
CA GLU D 392 9.79 -5.99 36.38
C GLU D 392 9.95 -6.60 37.77
N SER D 393 9.20 -7.68 38.00
CA SER D 393 9.44 -8.59 39.10
C SER D 393 10.13 -9.84 38.57
N LEU D 394 10.50 -10.73 39.48
CA LEU D 394 11.06 -12.04 39.13
C LEU D 394 10.26 -13.08 39.92
N ILE D 395 9.37 -13.76 39.23
CA ILE D 395 8.60 -14.86 39.81
C ILE D 395 9.42 -16.13 39.62
N GLU D 396 9.72 -16.83 40.71
CA GLU D 396 10.34 -18.16 40.63
C GLU D 396 9.23 -19.20 40.72
N ALA D 397 9.12 -20.04 39.70
CA ALA D 397 8.10 -21.07 39.64
C ALA D 397 8.73 -22.44 39.56
N GLU D 398 7.98 -23.44 40.00
CA GLU D 398 8.42 -24.82 40.06
C GLU D 398 7.30 -25.72 39.54
N LEU D 399 7.66 -26.96 39.24
CA LEU D 399 6.68 -27.97 38.89
C LEU D 399 5.62 -28.08 39.98
N ALA D 400 4.36 -27.96 39.57
CA ALA D 400 3.25 -28.14 40.50
C ALA D 400 3.18 -29.59 40.98
N SER E 10 37.94 -42.46 -16.65
CA SER E 10 36.71 -43.11 -16.21
C SER E 10 35.51 -42.54 -16.94
N ILE E 11 35.04 -41.40 -16.45
CA ILE E 11 33.99 -40.65 -17.15
C ILE E 11 34.49 -40.21 -18.52
N ILE E 12 35.80 -40.02 -18.66
CA ILE E 12 36.38 -39.71 -19.98
C ILE E 12 36.20 -40.89 -20.93
N GLN E 13 36.45 -42.10 -20.45
CA GLN E 13 36.28 -43.28 -21.29
C GLN E 13 34.81 -43.59 -21.52
N GLU E 14 33.99 -43.42 -20.47
CA GLU E 14 32.54 -43.61 -20.62
C GLU E 14 31.93 -42.57 -21.56
N LEU E 15 32.51 -41.37 -21.61
CA LEU E 15 32.07 -40.37 -22.56
C LEU E 15 32.39 -40.81 -23.99
N ALA E 16 33.63 -41.25 -24.23
CA ALA E 16 34.05 -41.65 -25.56
C ALA E 16 33.28 -42.89 -26.04
N SER E 17 32.90 -43.78 -25.13
CA SER E 17 32.10 -44.94 -25.53
C SER E 17 30.69 -44.51 -25.92
N ALA E 18 30.14 -43.49 -25.26
CA ALA E 18 28.85 -42.93 -25.67
C ALA E 18 28.97 -42.05 -26.91
N ALA E 19 30.18 -41.59 -27.23
CA ALA E 19 30.37 -40.77 -28.42
C ALA E 19 30.33 -41.60 -29.69
N LYS E 20 30.82 -42.83 -29.63
CA LYS E 20 30.67 -43.75 -30.76
C LYS E 20 29.20 -44.09 -30.98
N GLN E 21 28.45 -44.26 -29.90
CA GLN E 21 27.02 -44.52 -29.99
C GLN E 21 26.29 -43.35 -30.65
N TYR E 22 26.76 -42.13 -30.43
CA TYR E 22 26.13 -40.95 -31.02
C TYR E 22 26.46 -40.81 -32.50
N GLU E 23 27.67 -41.20 -32.92
CA GLU E 23 28.01 -41.21 -34.34
C GLU E 23 27.42 -42.42 -35.06
N ASN E 24 27.18 -43.51 -34.33
CA ASN E 24 26.41 -44.64 -34.84
C ASN E 24 24.91 -44.38 -34.83
N ASN E 25 24.49 -43.20 -34.36
CA ASN E 25 23.10 -42.76 -34.41
C ASN E 25 22.19 -43.71 -33.62
N GLU E 26 22.64 -44.13 -32.44
CA GLU E 26 21.84 -44.96 -31.58
C GLU E 26 20.92 -44.10 -30.72
N SER E 27 19.72 -44.63 -30.46
CA SER E 27 18.67 -43.86 -29.81
C SER E 27 19.04 -43.56 -28.36
N GLY E 28 18.94 -42.28 -27.99
CA GLY E 28 19.28 -41.82 -26.66
C GLY E 28 20.74 -41.45 -26.46
N ALA E 29 21.59 -41.70 -27.46
CA ALA E 29 23.03 -41.46 -27.28
C ALA E 29 23.36 -39.97 -27.21
N ARG E 30 22.56 -39.12 -27.85
CA ARG E 30 22.74 -37.68 -27.70
C ARG E 30 22.47 -37.25 -26.26
N GLU E 31 21.46 -37.84 -25.63
CA GLU E 31 21.11 -37.49 -24.26
C GLU E 31 22.11 -38.06 -23.27
N ALA E 32 22.68 -39.23 -23.56
CA ALA E 32 23.70 -39.80 -22.68
C ALA E 32 25.04 -39.08 -22.81
N LEU E 33 25.34 -38.55 -24.01
CA LEU E 33 26.57 -37.77 -24.18
C LEU E 33 26.50 -36.47 -23.39
N ILE E 34 25.32 -35.84 -23.33
CA ILE E 34 25.13 -34.66 -22.49
C ILE E 34 25.25 -35.01 -21.02
N ALA E 35 24.63 -36.12 -20.60
CA ALA E 35 24.66 -36.49 -19.19
C ALA E 35 26.07 -36.86 -18.74
N GLN E 36 26.83 -37.58 -19.60
CA GLN E 36 28.21 -37.90 -19.27
C GLN E 36 29.06 -36.63 -19.18
N SER E 37 28.77 -35.65 -20.03
CA SER E 37 29.53 -34.39 -20.01
C SER E 37 29.31 -33.63 -18.70
N ARG E 38 28.06 -33.61 -18.21
CA ARG E 38 27.77 -32.96 -16.94
C ARG E 38 28.40 -33.72 -15.78
N ALA E 39 28.56 -35.04 -15.90
CA ALA E 39 29.23 -35.80 -14.87
C ALA E 39 30.72 -35.46 -14.82
N LEU E 40 31.34 -35.27 -15.98
CA LEU E 40 32.77 -34.95 -16.01
C LEU E 40 33.04 -33.60 -15.36
N ILE E 41 32.15 -32.63 -15.55
CA ILE E 41 32.36 -31.29 -14.99
C ILE E 41 32.27 -31.34 -13.46
N ALA E 42 31.29 -32.07 -12.94
CA ALA E 42 31.18 -32.24 -11.48
C ALA E 42 32.33 -33.04 -10.91
N SER E 43 32.98 -33.87 -11.73
CA SER E 43 34.11 -34.66 -11.26
C SER E 43 35.40 -33.85 -11.20
N LEU E 44 35.49 -32.73 -11.92
CA LEU E 44 36.69 -31.92 -11.96
C LEU E 44 36.54 -30.55 -11.31
N GLU E 45 35.31 -30.04 -11.18
CA GLU E 45 35.11 -28.68 -10.67
C GLU E 45 35.34 -28.63 -9.16
N VAL E 46 36.17 -27.68 -8.73
CA VAL E 46 36.42 -27.45 -7.30
C VAL E 46 35.22 -26.70 -6.73
N PRO E 47 34.98 -26.76 -5.42
CA PRO E 47 33.76 -26.14 -4.88
C PRO E 47 33.59 -24.67 -5.20
N SER E 48 34.69 -23.93 -5.37
CA SER E 48 34.57 -22.51 -5.72
C SER E 48 34.08 -22.32 -7.15
N GLU E 49 34.42 -23.25 -8.05
CA GLU E 49 33.90 -23.18 -9.42
C GLU E 49 32.42 -23.54 -9.46
N PHE E 50 31.99 -24.46 -8.58
CA PHE E 50 30.57 -24.81 -8.52
C PHE E 50 29.74 -23.65 -7.99
N ILE E 51 30.21 -22.98 -6.93
CA ILE E 51 29.51 -21.80 -6.41
C ILE E 51 29.37 -20.74 -7.49
N GLN E 52 30.45 -20.48 -8.23
CA GLN E 52 30.43 -19.46 -9.27
C GLN E 52 29.43 -19.81 -10.37
N HIS E 53 29.49 -21.03 -10.90
CA HIS E 53 28.61 -21.38 -12.00
C HIS E 53 27.15 -21.45 -11.55
N THR E 54 26.89 -22.03 -10.38
CA THR E 54 25.51 -22.20 -9.92
C THR E 54 24.88 -20.86 -9.57
N PHE E 55 25.66 -19.94 -8.99
CA PHE E 55 25.11 -18.72 -8.42
C PHE E 55 25.50 -17.44 -9.15
N TRP E 56 26.54 -17.47 -9.99
CA TRP E 56 26.88 -16.33 -10.84
C TRP E 56 26.49 -16.57 -12.29
N SER E 57 27.01 -17.65 -12.90
CA SER E 57 26.90 -17.83 -14.34
C SER E 57 25.46 -18.09 -14.77
N GLN E 58 24.75 -18.93 -14.03
CA GLN E 58 23.40 -19.31 -14.43
C GLN E 58 22.38 -18.21 -14.12
N PRO E 59 22.40 -17.59 -12.93
CA PRO E 59 21.51 -16.43 -12.73
C PRO E 59 21.77 -15.30 -13.72
N ALA E 60 23.04 -15.03 -14.05
CA ALA E 60 23.34 -14.00 -15.04
C ALA E 60 22.89 -14.43 -16.43
N LEU E 61 22.98 -15.72 -16.74
CA LEU E 61 22.55 -16.20 -18.05
C LEU E 61 21.05 -16.06 -18.22
N SER E 62 20.27 -16.46 -17.20
CA SER E 62 18.82 -16.34 -17.27
C SER E 62 18.38 -14.90 -17.38
N ALA E 63 19.14 -13.97 -16.78
CA ALA E 63 18.79 -12.55 -16.86
C ALA E 63 19.04 -12.00 -18.25
N ILE E 64 20.19 -12.32 -18.85
CA ILE E 64 20.51 -11.81 -20.17
C ILE E 64 19.57 -12.40 -21.22
N VAL E 65 19.23 -13.68 -21.09
CA VAL E 65 18.30 -14.30 -22.03
C VAL E 65 16.93 -13.64 -21.92
N ARG E 66 16.49 -13.34 -20.69
CA ARG E 66 15.22 -12.63 -20.51
C ARG E 66 15.28 -11.23 -21.10
N LEU E 67 16.38 -10.51 -20.84
CA LEU E 67 16.54 -9.19 -21.43
C LEU E 67 16.60 -9.26 -22.95
N ALA E 68 17.13 -10.36 -23.50
CA ALA E 68 17.25 -10.51 -24.95
C ALA E 68 15.88 -10.49 -25.62
N THR E 69 14.87 -11.09 -24.98
CA THR E 69 13.52 -11.05 -25.55
C THR E 69 12.90 -9.66 -25.50
N ASP E 70 13.53 -8.71 -24.78
CA ASP E 70 13.03 -7.35 -24.69
C ASP E 70 13.61 -6.42 -25.75
N VAL E 71 14.70 -6.83 -26.41
CA VAL E 71 15.38 -5.95 -27.37
C VAL E 71 15.59 -6.66 -28.70
N ASN E 72 14.93 -7.81 -28.90
CA ASN E 72 14.90 -8.50 -30.19
C ASN E 72 16.29 -9.02 -30.58
N LEU E 73 17.06 -9.50 -29.60
CA LEU E 73 18.47 -9.79 -29.83
C LEU E 73 18.66 -11.05 -30.68
N PHE E 74 18.00 -12.15 -30.29
CA PHE E 74 18.15 -13.39 -31.03
C PHE E 74 17.57 -13.29 -32.43
N GLN E 75 16.58 -12.42 -32.62
CA GLN E 75 16.03 -12.19 -33.96
C GLN E 75 16.97 -11.36 -34.82
N TYR E 76 17.71 -10.41 -34.22
CA TYR E 76 18.73 -9.70 -34.98
C TYR E 76 19.85 -10.63 -35.41
N LEU E 77 20.26 -11.55 -34.53
CA LEU E 77 21.33 -12.48 -34.87
C LEU E 77 20.89 -13.54 -35.86
N LYS E 78 19.58 -13.86 -35.91
CA LYS E 78 19.07 -14.76 -36.94
C LYS E 78 18.99 -14.06 -38.28
N ASP E 79 18.62 -12.77 -38.28
CA ASP E 79 18.57 -12.01 -39.53
C ASP E 79 19.97 -11.82 -40.13
N ALA E 80 20.99 -11.74 -39.28
CA ALA E 80 22.35 -11.54 -39.77
C ALA E 80 22.91 -12.80 -40.41
N GLN E 81 22.40 -13.98 -40.01
CA GLN E 81 22.74 -15.27 -40.61
C GLN E 81 24.24 -15.50 -40.44
N GLU E 82 24.98 -15.83 -41.50
CA GLU E 82 26.41 -16.10 -41.41
C GLU E 82 27.25 -14.83 -41.37
N GLU E 83 26.67 -13.67 -41.69
CA GLU E 83 27.45 -12.43 -41.66
C GLU E 83 27.61 -11.88 -40.25
N GLY E 84 26.63 -12.10 -39.37
CA GLY E 84 26.74 -11.67 -38.00
C GLY E 84 26.62 -10.16 -37.84
N LEU E 85 26.83 -9.71 -36.60
CA LEU E 85 26.81 -8.30 -36.26
C LEU E 85 27.84 -8.03 -35.17
N ASN E 86 28.51 -6.89 -35.25
CA ASN E 86 29.43 -6.50 -34.20
C ASN E 86 28.66 -5.86 -33.05
N ALA E 87 29.40 -5.38 -32.05
CA ALA E 87 28.75 -4.76 -30.89
C ALA E 87 28.08 -3.45 -31.26
N GLU E 88 28.74 -2.64 -32.10
CA GLU E 88 28.21 -1.32 -32.43
C GLU E 88 26.88 -1.42 -33.17
N ALA E 89 26.76 -2.37 -34.10
CA ALA E 89 25.53 -2.51 -34.88
C ALA E 89 24.41 -3.13 -34.06
N LEU E 90 24.75 -4.10 -33.19
CA LEU E 90 23.73 -4.69 -32.34
C LEU E 90 23.30 -3.72 -31.24
N ALA E 91 24.22 -2.91 -30.72
CA ALA E 91 23.84 -1.92 -29.72
C ALA E 91 22.88 -0.90 -30.29
N SER E 92 23.07 -0.50 -31.55
CA SER E 92 22.21 0.50 -32.17
C SER E 92 20.86 -0.08 -32.57
N LYS E 93 20.81 -1.38 -32.89
CA LYS E 93 19.55 -2.03 -33.22
C LYS E 93 18.73 -2.28 -31.96
N THR E 94 19.36 -2.81 -30.92
CA THR E 94 18.65 -3.11 -29.67
C THR E 94 18.30 -1.86 -28.88
N GLY E 95 19.01 -0.75 -29.11
CA GLY E 95 18.74 0.47 -28.38
C GLY E 95 19.39 0.54 -27.02
N MET E 96 20.59 -0.02 -26.87
CA MET E 96 21.30 -0.07 -25.61
C MET E 96 22.66 0.62 -25.73
N ASP E 97 23.30 0.78 -24.57
CA ASP E 97 24.67 1.27 -24.55
C ASP E 97 25.61 0.21 -25.10
N VAL E 98 26.61 0.65 -25.87
CA VAL E 98 27.51 -0.28 -26.54
C VAL E 98 28.27 -1.12 -25.52
N SER E 99 28.83 -0.46 -24.49
CA SER E 99 29.60 -1.18 -23.49
C SER E 99 28.73 -2.11 -22.65
N LEU E 100 27.48 -1.73 -22.40
CA LEU E 100 26.59 -2.60 -21.64
C LEU E 100 26.19 -3.82 -22.47
N PHE E 101 25.86 -3.61 -23.75
CA PHE E 101 25.56 -4.75 -24.61
C PHE E 101 26.76 -5.69 -24.73
N ALA E 102 27.96 -5.12 -24.90
CA ALA E 102 29.15 -5.95 -25.11
C ALA E 102 29.46 -6.80 -23.88
N ARG E 103 29.12 -6.31 -22.69
CA ARG E 103 29.36 -7.09 -21.47
C ARG E 103 28.43 -8.28 -21.39
N LEU E 104 27.13 -8.05 -21.63
CA LEU E 104 26.17 -9.15 -21.58
C LEU E 104 26.31 -10.07 -22.79
N ALA E 105 26.78 -9.54 -23.92
CA ALA E 105 27.02 -10.37 -25.09
C ALA E 105 28.20 -11.30 -24.89
N ARG E 106 29.27 -10.80 -24.24
CA ARG E 106 30.44 -11.64 -23.99
C ARG E 106 30.13 -12.76 -23.00
N HIS E 107 29.18 -12.56 -22.09
CA HIS E 107 28.77 -13.64 -21.21
C HIS E 107 28.01 -14.72 -21.98
N LEU E 108 27.19 -14.31 -22.95
CA LEU E 108 26.50 -15.30 -23.78
C LEU E 108 27.49 -16.11 -24.61
N VAL E 109 28.61 -15.51 -25.00
CA VAL E 109 29.67 -16.26 -25.68
C VAL E 109 30.28 -17.29 -24.74
N ALA E 110 30.60 -16.88 -23.51
CA ALA E 110 31.20 -17.79 -22.54
C ALA E 110 30.23 -18.87 -22.09
N MET E 111 28.92 -18.63 -22.17
CA MET E 111 27.90 -19.65 -21.89
C MET E 111 27.54 -20.46 -23.12
N ASN E 112 28.21 -20.23 -24.25
CA ASN E 112 28.00 -21.00 -25.49
C ASN E 112 26.59 -20.80 -26.05
N VAL E 113 26.00 -19.63 -25.83
CA VAL E 113 24.69 -19.31 -26.40
C VAL E 113 24.83 -18.72 -27.79
N ILE E 114 25.75 -17.76 -27.95
CA ILE E 114 26.14 -17.23 -29.24
C ILE E 114 27.66 -17.37 -29.35
N THR E 115 28.19 -17.12 -30.55
CA THR E 115 29.61 -17.23 -30.80
C THR E 115 30.19 -15.88 -31.22
N SER E 116 31.50 -15.76 -31.12
CA SER E 116 32.22 -14.52 -31.40
C SER E 116 33.48 -14.82 -32.19
N ARG E 117 33.76 -13.98 -33.18
CA ARG E 117 34.97 -14.11 -34.00
C ARG E 117 35.39 -12.73 -34.46
N ASN E 118 36.59 -12.30 -34.05
CA ASN E 118 37.12 -10.98 -34.38
C ASN E 118 36.19 -9.86 -33.92
N GLY E 119 35.51 -10.06 -32.80
CA GLY E 119 34.61 -9.05 -32.26
C GLY E 119 33.23 -9.01 -32.89
N VAL E 120 32.91 -9.97 -33.77
CA VAL E 120 31.62 -10.03 -34.43
C VAL E 120 30.81 -11.18 -33.82
N PHE E 121 29.56 -10.91 -33.47
CA PHE E 121 28.70 -11.90 -32.84
C PHE E 121 27.85 -12.61 -33.89
N TYR E 122 27.74 -13.93 -33.75
CA TYR E 122 27.05 -14.78 -34.71
C TYR E 122 26.00 -15.62 -33.98
N GLY E 123 24.83 -15.74 -34.60
CA GLY E 123 23.81 -16.60 -34.06
C GLY E 123 24.17 -18.07 -34.20
N THR E 124 23.57 -18.88 -33.33
CA THR E 124 23.80 -20.31 -33.27
C THR E 124 22.50 -21.05 -33.59
N ALA E 125 22.59 -22.38 -33.69
CA ALA E 125 21.38 -23.18 -33.83
C ALA E 125 20.46 -23.00 -32.64
N LEU E 126 21.04 -22.92 -31.43
CA LEU E 126 20.24 -22.66 -30.23
C LEU E 126 19.60 -21.27 -30.29
N SER E 127 20.41 -20.23 -30.43
CA SER E 127 19.88 -18.86 -30.38
C SER E 127 18.91 -18.59 -31.52
N ASN E 128 19.14 -19.18 -32.69
CA ASN E 128 18.19 -19.05 -33.79
C ASN E 128 16.84 -19.66 -33.43
N GLY E 129 16.87 -20.77 -32.68
CA GLY E 129 15.62 -21.37 -32.22
C GLY E 129 14.95 -20.57 -31.12
N LEU E 130 15.74 -20.01 -30.20
CA LEU E 130 15.18 -19.18 -29.14
C LEU E 130 14.55 -17.90 -29.69
N ALA E 131 14.89 -17.52 -30.93
CA ALA E 131 14.29 -16.36 -31.55
C ALA E 131 12.82 -16.56 -31.92
N ALA E 132 12.34 -17.81 -31.92
CA ALA E 132 10.94 -18.08 -32.25
C ALA E 132 10.03 -17.59 -31.13
N GLU E 133 8.81 -17.21 -31.50
CA GLU E 133 7.93 -16.52 -30.56
C GLU E 133 7.51 -17.41 -29.40
N ASN E 134 7.20 -18.68 -29.67
CA ASN E 134 6.81 -19.58 -28.57
C ASN E 134 7.95 -19.76 -27.57
N TYR E 135 9.20 -19.69 -28.02
CA TYR E 135 10.33 -19.72 -27.10
C TYR E 135 10.54 -18.38 -26.42
N GLN E 136 10.22 -17.28 -27.10
CA GLN E 136 10.28 -15.96 -26.46
C GLN E 136 9.30 -15.85 -25.31
N GLN E 137 8.08 -16.36 -25.49
CA GLN E 137 7.10 -16.33 -24.41
C GLN E 137 7.41 -17.34 -23.33
N SER E 138 8.13 -18.41 -23.69
CA SER E 138 8.60 -19.38 -22.69
C SER E 138 9.65 -18.77 -21.78
N ILE E 139 10.57 -17.98 -22.36
CA ILE E 139 11.61 -17.32 -21.57
C ILE E 139 10.97 -16.32 -20.60
N ARG E 140 10.05 -15.49 -21.11
CA ARG E 140 9.39 -14.49 -20.26
C ARG E 140 8.60 -15.15 -19.14
N PHE E 141 7.91 -16.25 -19.44
CA PHE E 141 7.15 -16.94 -18.39
C PHE E 141 8.09 -17.48 -17.32
N CYS E 142 9.21 -18.09 -17.72
CA CYS E 142 10.09 -18.74 -16.76
C CYS E 142 10.77 -17.72 -15.85
N HIS E 143 11.29 -16.64 -16.42
CA HIS E 143 12.01 -15.67 -15.59
C HIS E 143 11.07 -14.80 -14.75
N ASP E 144 9.85 -14.55 -15.22
CA ASP E 144 8.93 -13.67 -14.50
C ASP E 144 8.03 -14.42 -13.52
N VAL E 145 7.65 -15.66 -13.83
CA VAL E 145 6.68 -16.41 -13.05
C VAL E 145 7.36 -17.52 -12.25
N SER E 146 8.15 -18.36 -12.93
CA SER E 146 8.70 -19.55 -12.30
C SER E 146 9.90 -19.22 -11.41
N ARG E 147 10.76 -18.32 -11.87
CA ARG E 147 11.96 -17.96 -11.10
C ARG E 147 11.63 -17.48 -9.68
N PRO E 148 10.68 -16.55 -9.46
CA PRO E 148 10.38 -16.17 -8.08
C PRO E 148 9.87 -17.34 -7.24
N SER E 149 9.13 -18.27 -7.85
CA SER E 149 8.66 -19.44 -7.11
C SER E 149 9.84 -20.28 -6.61
N PHE E 150 10.83 -20.52 -7.47
CA PHE E 150 11.99 -21.29 -7.09
C PHE E 150 12.81 -20.59 -6.01
N GLY E 151 13.06 -19.28 -6.18
CA GLY E 151 13.79 -18.53 -5.19
C GLY E 151 13.13 -18.50 -3.83
N ALA E 152 11.82 -18.75 -3.78
CA ALA E 152 11.07 -18.76 -2.53
C ALA E 152 11.05 -20.11 -1.85
N PHE E 153 11.73 -21.12 -2.42
CA PHE E 153 11.77 -22.44 -1.79
C PHE E 153 12.42 -22.44 -0.42
N PRO E 154 13.63 -21.89 -0.22
CA PRO E 154 14.25 -21.98 1.12
C PRO E 154 13.46 -21.27 2.21
N SER E 155 12.78 -20.17 1.90
CA SER E 155 12.01 -19.45 2.90
C SER E 155 10.64 -20.07 3.12
N PHE E 156 9.96 -20.47 2.03
CA PHE E 156 8.62 -21.03 2.15
C PHE E 156 8.63 -22.33 2.94
N PHE E 157 9.50 -23.27 2.56
CA PHE E 157 9.55 -24.55 3.25
C PHE E 157 10.12 -24.43 4.65
N LYS E 158 10.83 -23.33 4.94
CA LYS E 158 11.17 -23.03 6.32
C LYS E 158 9.95 -22.55 7.09
N GLY E 159 9.12 -21.72 6.45
CA GLY E 159 7.98 -21.12 7.14
C GLY E 159 6.77 -22.00 7.29
N ASN E 160 6.71 -23.11 6.55
CA ASN E 160 5.61 -24.05 6.68
C ASN E 160 6.01 -25.32 7.41
N GLY E 161 7.24 -25.40 7.91
CA GLY E 161 7.70 -26.54 8.67
C GLY E 161 8.32 -27.65 7.86
N TYR E 162 8.81 -27.36 6.66
CA TYR E 162 9.34 -28.36 5.74
C TYR E 162 8.32 -29.47 5.50
N LYS E 163 7.15 -29.05 5.04
CA LYS E 163 6.02 -29.93 4.77
C LYS E 163 5.63 -29.85 3.31
N THR E 164 5.13 -30.95 2.78
CA THR E 164 4.52 -30.96 1.45
C THR E 164 3.20 -30.18 1.51
N PRO E 165 2.92 -29.30 0.55
CA PRO E 165 1.65 -28.58 0.56
C PRO E 165 0.47 -29.53 0.56
N ALA E 166 -0.37 -29.42 1.60
CA ALA E 166 -1.45 -30.39 1.80
C ALA E 166 -2.57 -30.19 0.78
N LEU E 167 -2.91 -28.94 0.47
CA LEU E 167 -3.93 -28.66 -0.53
C LEU E 167 -3.36 -28.59 -1.95
N GLY E 168 -2.08 -28.29 -2.08
CA GLY E 168 -1.41 -28.30 -3.37
C GLY E 168 -1.52 -27.00 -4.13
N THR E 169 -2.73 -26.70 -4.63
CA THR E 169 -2.92 -25.59 -5.55
C THR E 169 -2.92 -24.23 -4.85
N THR E 170 -3.37 -24.17 -3.60
CA THR E 170 -3.54 -22.91 -2.89
C THR E 170 -2.56 -22.71 -1.74
N ASP E 171 -1.73 -23.69 -1.42
CA ASP E 171 -0.80 -23.60 -0.30
C ASP E 171 0.60 -24.02 -0.72
N GLY E 172 0.98 -23.70 -1.95
CA GLY E 172 2.32 -23.96 -2.44
C GLY E 172 3.18 -22.72 -2.40
N PRO E 173 4.46 -22.86 -2.78
CA PRO E 173 5.35 -21.69 -2.80
C PRO E 173 4.98 -20.67 -3.86
N PHE E 174 4.22 -21.05 -4.89
CA PHE E 174 3.76 -20.07 -5.89
C PHE E 174 2.92 -18.99 -5.23
N GLN E 175 2.04 -19.38 -4.29
CA GLN E 175 1.28 -18.39 -3.55
C GLN E 175 2.19 -17.53 -2.67
N SER E 176 3.29 -18.12 -2.17
CA SER E 176 4.22 -17.37 -1.35
C SER E 176 5.04 -16.39 -2.18
N ALA E 177 5.55 -16.84 -3.34
CA ALA E 177 6.42 -16.01 -4.16
C ALA E 177 5.67 -14.86 -4.81
N HIS E 178 4.39 -15.06 -5.15
CA HIS E 178 3.61 -14.06 -5.86
C HIS E 178 2.57 -13.39 -4.97
N LYS E 179 2.58 -13.67 -3.67
CA LYS E 179 1.71 -13.05 -2.67
C LYS E 179 0.25 -13.06 -3.12
N VAL E 180 -0.28 -14.27 -3.29
CA VAL E 180 -1.68 -14.47 -3.64
C VAL E 180 -2.22 -15.66 -2.86
N ASP E 181 -3.55 -15.73 -2.76
CA ASP E 181 -4.21 -16.89 -2.16
C ASP E 181 -4.82 -17.83 -3.20
N ILE E 182 -4.96 -17.38 -4.43
CA ILE E 182 -5.59 -18.17 -5.47
C ILE E 182 -4.58 -19.17 -6.04
N SER E 183 -5.11 -20.16 -6.76
CA SER E 183 -4.29 -21.20 -7.37
C SER E 183 -3.58 -20.67 -8.62
N PHE E 184 -2.63 -21.47 -9.11
CA PHE E 184 -1.84 -21.06 -10.28
C PHE E 184 -2.68 -20.83 -11.53
N PRO E 185 -3.62 -21.70 -11.91
CA PRO E 185 -4.45 -21.39 -13.09
C PRO E 185 -5.28 -20.14 -12.93
N GLN E 186 -5.70 -19.82 -11.70
CA GLN E 186 -6.45 -18.60 -11.46
C GLN E 186 -5.57 -17.36 -11.47
N TRP E 187 -4.26 -17.53 -11.26
CA TRP E 187 -3.35 -16.40 -11.33
C TRP E 187 -3.09 -15.99 -12.78
N LEU E 188 -3.02 -16.97 -13.68
CA LEU E 188 -2.74 -16.67 -15.08
C LEU E 188 -3.84 -15.81 -15.69
N VAL E 189 -5.11 -16.14 -15.40
CA VAL E 189 -6.22 -15.37 -15.98
C VAL E 189 -6.23 -13.95 -15.44
N GLY E 190 -5.87 -13.76 -14.16
CA GLY E 190 -5.81 -12.45 -13.56
C GLY E 190 -4.53 -11.69 -13.81
N ASN E 191 -3.59 -12.27 -14.55
CA ASN E 191 -2.30 -11.64 -14.85
C ASN E 191 -1.94 -11.88 -16.31
N PRO E 192 -2.54 -11.11 -17.23
CA PRO E 192 -2.06 -11.13 -18.61
C PRO E 192 -0.68 -10.51 -18.69
N PRO E 193 0.15 -10.93 -19.65
CA PRO E 193 -0.10 -11.92 -20.71
C PRO E 193 0.40 -13.32 -20.37
N TYR E 194 0.47 -13.69 -19.08
CA TYR E 194 1.15 -14.92 -18.69
C TYR E 194 0.30 -16.16 -18.94
N LEU E 195 -1.02 -16.03 -19.05
CA LEU E 195 -1.82 -17.14 -19.55
C LEU E 195 -1.55 -17.35 -21.04
N GLN E 196 -1.45 -16.26 -21.81
CA GLN E 196 -1.05 -16.34 -23.20
C GLN E 196 0.37 -16.92 -23.32
N TYR E 197 1.26 -16.50 -22.42
CA TYR E 197 2.62 -17.04 -22.42
C TYR E 197 2.62 -18.53 -22.08
N PHE E 198 1.73 -18.96 -21.18
CA PHE E 198 1.66 -20.37 -20.79
C PHE E 198 1.22 -21.25 -21.96
N ASN E 199 0.21 -20.80 -22.72
CA ASN E 199 -0.32 -21.65 -23.79
C ASN E 199 0.66 -21.79 -24.95
N SER E 200 1.45 -20.76 -25.24
CA SER E 200 2.55 -20.90 -26.18
C SER E 200 3.66 -21.76 -25.59
N TYR E 201 3.93 -21.58 -24.30
CA TYR E 201 4.99 -22.31 -23.59
C TYR E 201 4.84 -23.83 -23.77
N MET E 202 3.60 -24.34 -23.71
CA MET E 202 3.37 -25.77 -23.82
C MET E 202 3.73 -26.34 -25.17
N SER E 203 3.92 -25.50 -26.19
CA SER E 203 4.41 -25.94 -27.49
C SER E 203 5.94 -25.99 -27.54
N ALA E 204 6.62 -25.75 -26.41
CA ALA E 204 8.08 -25.66 -26.42
C ALA E 204 8.79 -26.39 -25.29
N TYR E 205 8.12 -26.71 -24.18
CA TYR E 205 8.83 -27.24 -23.00
C TYR E 205 9.51 -28.58 -23.29
N ARG E 206 8.91 -29.41 -24.16
CA ARG E 206 9.50 -30.70 -24.52
C ARG E 206 9.68 -30.86 -26.01
N ALA E 207 9.55 -29.80 -26.79
CA ALA E 207 9.66 -29.88 -28.25
C ALA E 207 11.09 -30.23 -28.67
N GLY E 208 11.20 -30.94 -29.79
CA GLY E 208 12.48 -31.40 -30.27
C GLY E 208 12.90 -32.75 -29.74
N LYS E 209 12.16 -33.31 -28.79
CA LYS E 209 12.30 -34.66 -28.28
C LYS E 209 11.28 -35.58 -28.94
N PRO E 210 11.64 -36.85 -29.15
CA PRO E 210 10.72 -37.77 -29.84
C PRO E 210 9.36 -37.86 -29.16
N ASN E 211 8.32 -37.90 -29.97
CA ASN E 211 6.95 -37.99 -29.48
C ASN E 211 6.59 -39.44 -29.14
N TRP E 212 5.52 -39.59 -28.34
CA TRP E 212 5.05 -40.92 -27.97
C TRP E 212 4.72 -41.77 -29.19
N CYS E 213 4.21 -41.14 -30.25
CA CYS E 213 3.78 -41.86 -31.44
C CYS E 213 4.89 -42.08 -32.44
N ASP E 214 6.11 -41.60 -32.16
CA ASP E 214 7.22 -41.74 -33.08
C ASP E 214 7.59 -43.21 -33.28
N ASN E 215 8.32 -43.48 -34.36
CA ASN E 215 8.70 -44.83 -34.70
C ASN E 215 9.63 -45.41 -33.64
N GLY E 216 9.27 -46.60 -33.13
CA GLY E 216 10.03 -47.23 -32.07
C GLY E 216 9.60 -46.86 -30.67
N PHE E 217 8.61 -45.98 -30.53
CA PHE E 217 8.10 -45.60 -29.21
C PHE E 217 6.81 -46.39 -28.94
N TYR E 218 5.65 -45.76 -29.19
CA TYR E 218 4.39 -46.49 -29.07
C TYR E 218 3.96 -46.97 -30.45
N PRO E 219 3.54 -48.23 -30.59
CA PRO E 219 3.11 -48.70 -31.92
C PRO E 219 1.68 -48.30 -32.23
N VAL E 220 1.51 -47.09 -32.78
CA VAL E 220 0.17 -46.57 -33.05
C VAL E 220 -0.53 -47.43 -34.10
N ALA E 221 0.18 -47.77 -35.17
CA ALA E 221 -0.45 -48.46 -36.30
C ALA E 221 -0.96 -49.85 -35.92
N ASP E 222 -0.28 -50.56 -35.03
CA ASP E 222 -0.71 -51.89 -34.65
C ASP E 222 -1.73 -51.91 -33.52
N ARG E 223 -1.68 -50.92 -32.62
CA ARG E 223 -2.55 -50.88 -31.46
C ARG E 223 -3.78 -50.01 -31.65
N LEU E 224 -3.73 -49.02 -32.53
CA LEU E 224 -4.84 -48.09 -32.74
C LEU E 224 -5.41 -48.15 -34.15
N LEU E 225 -4.57 -48.03 -35.18
CA LEU E 225 -5.06 -48.07 -36.55
C LEU E 225 -5.56 -49.46 -36.91
N ASN E 226 -4.74 -50.48 -36.67
CA ASN E 226 -5.15 -51.87 -36.83
C ASN E 226 -6.28 -52.18 -35.86
N GLY E 227 -7.48 -52.41 -36.40
CA GLY E 227 -8.66 -52.64 -35.58
C GLY E 227 -9.61 -51.47 -35.47
N PHE E 228 -9.27 -50.32 -36.05
CA PHE E 228 -10.16 -49.16 -36.04
C PHE E 228 -11.50 -49.53 -36.66
N ASP E 229 -12.58 -49.12 -36.01
CA ASP E 229 -13.93 -49.44 -36.44
C ASP E 229 -14.75 -48.16 -36.48
N ALA E 230 -15.16 -47.75 -37.68
CA ALA E 230 -16.04 -46.60 -37.83
C ALA E 230 -17.47 -46.90 -37.38
N SER E 231 -17.88 -48.17 -37.39
CA SER E 231 -19.19 -48.52 -36.87
C SER E 231 -19.26 -48.39 -35.35
N VAL E 232 -18.12 -48.41 -34.67
CA VAL E 232 -18.10 -48.18 -33.23
C VAL E 232 -18.07 -46.67 -32.95
N SER E 233 -17.17 -45.96 -33.63
CA SER E 233 -17.08 -44.51 -33.51
C SER E 233 -16.23 -43.99 -34.67
N ASP E 234 -16.63 -42.85 -35.24
CA ASP E 234 -15.85 -42.20 -36.27
C ASP E 234 -14.66 -41.44 -35.70
N VAL E 235 -14.48 -41.43 -34.38
CA VAL E 235 -13.40 -40.70 -33.72
C VAL E 235 -12.21 -41.64 -33.54
N LEU E 236 -11.03 -41.20 -33.96
CA LEU E 236 -9.82 -42.01 -33.86
C LEU E 236 -9.06 -41.74 -32.57
N LEU E 237 -8.79 -40.46 -32.27
CA LEU E 237 -8.06 -40.09 -31.07
C LEU E 237 -8.64 -38.81 -30.49
N VAL E 238 -8.71 -38.73 -29.17
CA VAL E 238 -9.10 -37.53 -28.44
C VAL E 238 -7.93 -37.10 -27.57
N ASP E 239 -7.54 -35.83 -27.69
CA ASP E 239 -6.46 -35.25 -26.89
C ASP E 239 -7.09 -34.39 -25.80
N VAL E 240 -7.20 -34.94 -24.60
CA VAL E 240 -7.80 -34.25 -23.46
C VAL E 240 -6.74 -33.41 -22.77
N GLY E 241 -6.97 -32.10 -22.69
CA GLY E 241 -5.97 -31.19 -22.18
C GLY E 241 -4.82 -30.94 -23.13
N GLY E 242 -5.07 -31.08 -24.44
CA GLY E 242 -4.03 -31.03 -25.44
C GLY E 242 -3.51 -29.65 -25.80
N GLY E 243 -3.97 -28.61 -25.12
CA GLY E 243 -3.47 -27.26 -25.40
C GLY E 243 -3.97 -26.72 -26.72
N ARG E 244 -3.13 -25.92 -27.37
CA ARG E 244 -3.47 -25.35 -28.66
C ARG E 244 -3.36 -26.36 -29.81
N GLY E 245 -3.10 -27.63 -29.50
CA GLY E 245 -3.14 -28.68 -30.49
C GLY E 245 -1.82 -29.07 -31.10
N HIS E 246 -0.69 -28.67 -30.50
CA HIS E 246 0.62 -29.02 -31.03
C HIS E 246 0.83 -30.53 -31.04
N ASP E 247 0.32 -31.22 -30.01
CA ASP E 247 0.52 -32.66 -29.91
C ASP E 247 -0.36 -33.41 -30.91
N ILE E 248 -1.64 -33.02 -31.01
CA ILE E 248 -2.57 -33.72 -31.88
C ILE E 248 -2.29 -33.42 -33.34
N ALA E 249 -1.72 -32.26 -33.64
CA ALA E 249 -1.35 -31.95 -35.02
C ALA E 249 -0.14 -32.77 -35.46
N THR E 250 0.79 -33.04 -34.55
CA THR E 250 1.90 -33.94 -34.87
C THR E 250 1.39 -35.34 -35.19
N PHE E 251 0.44 -35.84 -34.41
CA PHE E 251 -0.07 -37.20 -34.60
C PHE E 251 -0.72 -37.36 -35.98
N GLY E 252 -1.58 -36.42 -36.35
CA GLY E 252 -2.21 -36.46 -37.67
C GLY E 252 -1.25 -36.28 -38.83
N SER E 253 -0.11 -35.62 -38.61
CA SER E 253 0.89 -35.48 -39.65
C SER E 253 1.67 -36.77 -39.90
N GLN E 254 1.76 -37.66 -38.92
CA GLN E 254 2.52 -38.91 -39.05
C GLN E 254 1.67 -40.09 -39.48
N PHE E 255 0.34 -39.98 -39.44
CA PHE E 255 -0.51 -41.15 -39.64
C PHE E 255 -1.67 -40.85 -40.58
N SER E 256 -1.43 -39.98 -41.57
CA SER E 256 -2.35 -39.63 -42.65
C SER E 256 -2.21 -40.63 -43.81
N PRO E 257 -3.29 -40.87 -44.58
CA PRO E 257 -4.66 -40.34 -44.44
C PRO E 257 -5.38 -40.93 -43.24
N LEU E 258 -5.96 -40.08 -42.39
CA LEU E 258 -6.52 -40.55 -41.13
C LEU E 258 -7.83 -41.29 -41.37
N PRO E 259 -8.05 -42.43 -40.71
CA PRO E 259 -9.33 -43.14 -40.86
C PRO E 259 -10.43 -42.60 -39.95
N GLY E 260 -10.11 -41.74 -39.00
CA GLY E 260 -11.10 -41.17 -38.11
C GLY E 260 -10.78 -39.74 -37.76
N ARG E 261 -11.64 -39.15 -36.94
CA ARG E 261 -11.52 -37.76 -36.55
C ARG E 261 -10.47 -37.58 -35.45
N LEU E 262 -9.97 -36.35 -35.34
CA LEU E 262 -9.07 -35.94 -34.27
C LEU E 262 -9.77 -34.84 -33.48
N VAL E 263 -9.97 -35.08 -32.18
CA VAL E 263 -10.75 -34.18 -31.34
C VAL E 263 -9.84 -33.62 -30.25
N LEU E 264 -9.72 -32.29 -30.20
CA LEU E 264 -8.93 -31.61 -29.19
C LEU E 264 -9.84 -31.02 -28.12
N GLN E 265 -9.51 -31.29 -26.86
CA GLN E 265 -10.30 -30.84 -25.72
C GLN E 265 -9.39 -30.09 -24.75
N ASP E 266 -9.76 -28.85 -24.44
CA ASP E 266 -9.04 -28.05 -23.45
C ASP E 266 -9.99 -26.97 -22.95
N ARG E 267 -9.45 -26.02 -22.19
CA ARG E 267 -10.25 -24.93 -21.66
C ARG E 267 -10.81 -24.05 -22.78
N GLU E 268 -11.92 -23.37 -22.48
CA GLU E 268 -12.54 -22.49 -23.45
C GLU E 268 -11.60 -21.37 -23.86
N GLN E 269 -10.79 -20.85 -22.92
CA GLN E 269 -9.81 -19.83 -23.27
C GLN E 269 -8.73 -20.39 -24.19
N VAL E 270 -8.37 -21.66 -24.03
CA VAL E 270 -7.36 -22.26 -24.89
C VAL E 270 -7.92 -22.52 -26.28
N ILE E 271 -9.14 -23.05 -26.36
CA ILE E 271 -9.73 -23.37 -27.66
C ILE E 271 -10.06 -22.11 -28.44
N ASN E 272 -10.49 -21.05 -27.75
CA ASN E 272 -10.80 -19.80 -28.43
C ASN E 272 -9.55 -19.13 -28.98
N SER E 273 -8.39 -19.35 -28.34
CA SER E 273 -7.13 -18.74 -28.78
C SER E 273 -6.50 -19.44 -29.98
N ILE E 274 -7.13 -20.49 -30.50
CA ILE E 274 -6.63 -21.19 -31.68
C ILE E 274 -7.17 -20.47 -32.91
N PRO E 275 -6.32 -20.00 -33.81
CA PRO E 275 -6.81 -19.28 -34.99
C PRO E 275 -7.40 -20.25 -36.02
N ALA E 276 -8.19 -19.67 -36.92
CA ALA E 276 -8.85 -20.46 -37.95
C ALA E 276 -7.84 -21.06 -38.92
N ASP E 277 -8.10 -22.30 -39.34
CA ASP E 277 -7.21 -22.97 -40.28
C ASP E 277 -8.01 -24.04 -41.01
N GLU E 278 -8.22 -23.84 -42.32
CA GLU E 278 -8.98 -24.81 -43.10
C GLU E 278 -8.21 -26.10 -43.34
N SER E 279 -6.88 -26.02 -43.39
CA SER E 279 -6.04 -27.19 -43.61
C SER E 279 -5.64 -27.89 -42.32
N ARG E 280 -6.14 -27.44 -41.17
CA ARG E 280 -5.87 -28.13 -39.92
C ARG E 280 -6.66 -29.44 -39.85
N GLN E 281 -6.10 -30.41 -39.13
CA GLN E 281 -6.58 -31.79 -39.17
C GLN E 281 -7.38 -32.19 -37.95
N PHE E 282 -7.59 -31.30 -36.98
CA PHE E 282 -8.30 -31.63 -35.76
C PHE E 282 -9.42 -30.62 -35.53
N GLU E 283 -10.37 -31.02 -34.69
CA GLU E 283 -11.42 -30.14 -34.20
C GLU E 283 -11.03 -29.64 -32.82
N ALA E 284 -11.04 -28.32 -32.63
CA ALA E 284 -10.78 -27.71 -31.35
C ALA E 284 -12.10 -27.56 -30.60
N THR E 285 -12.25 -28.33 -29.52
CA THR E 285 -13.47 -28.33 -28.73
C THR E 285 -13.14 -28.06 -27.26
N THR E 286 -14.06 -27.37 -26.58
CA THR E 286 -13.95 -27.10 -25.16
C THR E 286 -14.51 -28.27 -24.35
N HIS E 287 -13.77 -28.69 -23.31
CA HIS E 287 -14.27 -29.71 -22.40
C HIS E 287 -13.48 -29.64 -21.09
N ASP E 288 -14.21 -29.62 -19.98
CA ASP E 288 -13.61 -29.66 -18.66
C ASP E 288 -13.18 -31.08 -18.31
N ILE E 289 -11.91 -31.26 -17.96
CA ILE E 289 -11.40 -32.57 -17.58
C ILE E 289 -12.02 -33.09 -16.29
N PHE E 290 -12.83 -32.29 -15.61
CA PHE E 290 -13.48 -32.70 -14.38
C PHE E 290 -14.96 -33.01 -14.56
N THR E 291 -15.46 -32.99 -15.80
CA THR E 291 -16.76 -33.52 -16.15
C THR E 291 -16.59 -34.78 -16.99
N THR E 292 -17.68 -35.51 -17.16
CA THR E 292 -17.61 -36.79 -17.86
C THR E 292 -17.29 -36.58 -19.34
N GLN E 293 -16.42 -37.45 -19.87
CA GLN E 293 -15.96 -37.40 -21.25
C GLN E 293 -17.14 -37.47 -22.23
N PRO E 294 -17.35 -36.45 -23.06
CA PRO E 294 -18.55 -36.43 -23.92
C PRO E 294 -18.41 -37.19 -25.22
N VAL E 295 -17.19 -37.36 -25.74
CA VAL E 295 -16.99 -38.13 -26.96
C VAL E 295 -16.99 -39.61 -26.59
N LYS E 296 -17.86 -40.38 -27.23
CA LYS E 296 -18.15 -41.75 -26.82
C LYS E 296 -17.45 -42.75 -27.73
N HIS E 297 -16.74 -43.70 -27.12
CA HIS E 297 -16.27 -44.93 -27.77
C HIS E 297 -15.17 -44.67 -28.80
N ALA E 298 -14.40 -43.59 -28.64
CA ALA E 298 -13.29 -43.31 -29.53
C ALA E 298 -12.24 -44.41 -29.43
N ARG E 299 -11.40 -44.50 -30.47
CA ARG E 299 -10.36 -45.53 -30.49
C ARG E 299 -9.26 -45.23 -29.48
N ALA E 300 -9.05 -43.96 -29.15
CA ALA E 300 -8.01 -43.60 -28.19
C ALA E 300 -8.37 -42.30 -27.49
N TYR E 301 -8.14 -42.27 -26.17
CA TYR E 301 -8.20 -41.06 -25.38
C TYR E 301 -6.79 -40.79 -24.85
N TYR E 302 -6.25 -39.62 -25.18
CA TYR E 302 -4.84 -39.30 -24.96
C TYR E 302 -4.71 -38.09 -24.05
N MET E 303 -3.85 -38.19 -23.04
CA MET E 303 -3.53 -37.09 -22.15
C MET E 303 -2.01 -36.96 -22.06
N HIS E 304 -1.52 -35.73 -22.11
CA HIS E 304 -0.08 -35.46 -22.03
C HIS E 304 0.14 -34.33 -21.02
N SER E 305 0.79 -34.65 -19.90
CA SER E 305 1.12 -33.68 -18.87
C SER E 305 -0.12 -32.97 -18.33
N VAL E 306 -1.12 -33.77 -17.91
CA VAL E 306 -2.35 -33.19 -17.40
C VAL E 306 -2.59 -33.65 -15.96
N PRO E 307 -2.80 -34.94 -15.65
CA PRO E 307 -3.03 -35.31 -14.23
C PRO E 307 -1.79 -35.20 -13.35
N HIS E 308 -0.61 -34.91 -13.90
CA HIS E 308 0.60 -34.78 -13.09
C HIS E 308 0.66 -33.47 -12.31
N GLY E 309 -0.18 -32.49 -12.65
CA GLY E 309 -0.25 -31.25 -11.90
C GLY E 309 -1.31 -31.24 -10.82
N PHE E 310 -1.87 -32.39 -10.48
CA PHE E 310 -3.00 -32.48 -9.57
C PHE E 310 -2.72 -33.51 -8.49
N GLY E 311 -3.45 -33.38 -7.38
CA GLY E 311 -3.33 -34.32 -6.29
C GLY E 311 -3.98 -35.66 -6.62
N ASP E 312 -3.89 -36.57 -5.66
CA ASP E 312 -4.39 -37.93 -5.88
C ASP E 312 -5.89 -37.92 -6.16
N GLU E 313 -6.65 -37.14 -5.39
CA GLU E 313 -8.10 -37.05 -5.60
C GLU E 313 -8.40 -36.55 -7.02
N ASP E 314 -7.80 -35.43 -7.41
CA ASP E 314 -8.08 -34.85 -8.72
C ASP E 314 -7.60 -35.76 -9.84
N ALA E 315 -6.44 -36.40 -9.66
CA ALA E 315 -5.93 -37.29 -10.71
C ALA E 315 -6.87 -38.47 -10.94
N VAL E 316 -7.41 -39.05 -9.87
CA VAL E 316 -8.34 -40.16 -10.02
C VAL E 316 -9.62 -39.71 -10.72
N LYS E 317 -10.07 -38.49 -10.44
CA LYS E 317 -11.26 -37.96 -11.11
C LYS E 317 -11.01 -37.73 -12.60
N ILE E 318 -9.86 -37.15 -12.94
CA ILE E 318 -9.54 -36.88 -14.34
C ILE E 318 -9.50 -38.19 -15.13
N MET E 319 -8.94 -39.24 -14.52
CA MET E 319 -8.84 -40.53 -15.18
C MET E 319 -10.20 -41.24 -15.21
N ALA E 320 -10.96 -41.18 -14.11
CA ALA E 320 -12.24 -41.87 -14.03
C ALA E 320 -13.31 -41.21 -14.88
N ASN E 321 -13.18 -39.91 -15.17
CA ASN E 321 -14.12 -39.25 -16.06
C ASN E 321 -14.01 -39.72 -17.51
N LEU E 322 -12.98 -40.51 -17.83
CA LEU E 322 -12.90 -41.14 -19.15
C LEU E 322 -13.68 -42.44 -19.21
N VAL E 323 -13.86 -43.11 -18.06
CA VAL E 323 -14.40 -44.46 -18.05
C VAL E 323 -15.76 -44.58 -18.73
N PRO E 324 -16.76 -43.74 -18.44
CA PRO E 324 -18.10 -43.95 -19.03
C PRO E 324 -18.12 -43.85 -20.55
N ALA E 325 -17.08 -43.32 -21.19
CA ALA E 325 -17.05 -43.15 -22.63
C ALA E 325 -16.23 -44.22 -23.35
N LEU E 326 -15.69 -45.19 -22.61
CA LEU E 326 -14.79 -46.20 -23.18
C LEU E 326 -15.60 -47.36 -23.77
N ALA E 327 -15.30 -47.71 -25.01
CA ALA E 327 -15.84 -48.92 -25.60
C ALA E 327 -15.02 -50.11 -25.11
N LYS E 328 -15.70 -51.08 -24.50
CA LYS E 328 -14.99 -52.23 -23.94
C LYS E 328 -14.40 -53.09 -25.04
N GLY E 329 -13.11 -53.40 -24.93
CA GLY E 329 -12.38 -54.12 -25.95
C GLY E 329 -11.93 -53.28 -27.13
N TYR E 330 -12.23 -51.98 -27.13
CA TYR E 330 -11.94 -51.14 -28.29
C TYR E 330 -11.18 -49.88 -27.91
N SER E 331 -11.70 -49.11 -26.95
CA SER E 331 -11.15 -47.81 -26.61
C SER E 331 -9.91 -47.95 -25.72
N ARG E 332 -8.82 -47.29 -26.12
CA ARG E 332 -7.59 -47.27 -25.36
C ARG E 332 -7.46 -45.96 -24.58
N VAL E 333 -6.75 -46.05 -23.45
CA VAL E 333 -6.35 -44.87 -22.69
C VAL E 333 -4.83 -44.76 -22.76
N LEU E 334 -4.34 -43.61 -23.21
CA LEU E 334 -2.91 -43.38 -23.38
C LEU E 334 -2.50 -42.22 -22.48
N LEU E 335 -1.75 -42.53 -21.42
CA LEU E 335 -1.27 -41.54 -20.48
C LEU E 335 0.21 -41.29 -20.78
N ASN E 336 0.51 -40.09 -21.30
CA ASN E 336 1.87 -39.70 -21.67
C ASN E 336 2.44 -38.85 -20.53
N GLU E 337 2.93 -39.54 -19.49
CA GLU E 337 3.45 -38.87 -18.31
C GLU E 337 4.80 -39.47 -17.93
N ILE E 338 5.56 -38.68 -17.17
CA ILE E 338 6.82 -39.15 -16.60
C ILE E 338 6.53 -40.22 -15.56
N VAL E 339 7.22 -41.36 -15.69
CA VAL E 339 7.20 -42.41 -14.68
C VAL E 339 8.51 -42.29 -13.91
N VAL E 340 8.45 -41.77 -12.69
CA VAL E 340 9.66 -41.56 -11.90
C VAL E 340 10.19 -42.90 -11.40
N ASP E 341 11.48 -43.12 -11.59
CA ASP E 341 12.19 -44.24 -10.97
C ASP E 341 13.14 -43.63 -9.95
N GLU E 342 12.76 -43.72 -8.67
CA GLU E 342 13.58 -43.16 -7.61
C GLU E 342 14.87 -43.93 -7.42
N GLU E 343 14.93 -45.18 -7.90
CA GLU E 343 16.18 -45.93 -7.87
C GLU E 343 17.23 -45.29 -8.77
N ARG E 344 16.82 -44.80 -9.93
CA ARG E 344 17.71 -44.14 -10.90
C ARG E 344 17.19 -42.72 -11.13
N PRO E 345 17.59 -41.75 -10.31
CA PRO E 345 17.16 -40.37 -10.53
C PRO E 345 17.76 -39.80 -11.81
N VAL E 346 16.90 -39.20 -12.64
CA VAL E 346 17.32 -38.61 -13.91
C VAL E 346 16.94 -37.14 -13.90
N MET E 347 17.61 -36.39 -14.79
CA MET E 347 17.42 -34.93 -14.84
C MET E 347 16.00 -34.58 -15.27
N SER E 348 15.49 -35.24 -16.31
CA SER E 348 14.18 -34.89 -16.86
C SER E 348 13.04 -35.21 -15.91
N ALA E 349 13.25 -36.10 -14.93
CA ALA E 349 12.20 -36.44 -13.97
C ALA E 349 12.13 -35.43 -12.83
N THR E 350 13.28 -35.08 -12.24
CA THR E 350 13.30 -34.12 -11.14
C THR E 350 13.00 -32.71 -11.62
N ASN E 351 13.31 -32.41 -12.89
CA ASN E 351 13.00 -31.10 -13.45
C ASN E 351 11.50 -30.82 -13.38
N MET E 352 10.70 -31.69 -13.99
CA MET E 352 9.26 -31.48 -14.00
C MET E 352 8.64 -31.66 -12.62
N ASP E 353 9.24 -32.50 -11.77
CA ASP E 353 8.72 -32.70 -10.42
C ASP E 353 8.77 -31.41 -9.61
N LEU E 354 9.91 -30.71 -9.66
CA LEU E 354 10.03 -29.43 -8.96
C LEU E 354 9.30 -28.31 -9.68
N ILE E 355 9.06 -28.46 -10.99
CA ILE E 355 8.19 -27.54 -11.71
C ILE E 355 6.76 -27.69 -11.23
N MET E 356 6.34 -28.92 -10.90
CA MET E 356 4.98 -29.12 -10.40
C MET E 356 4.83 -28.64 -8.96
N LEU E 357 5.92 -28.62 -8.20
CA LEU E 357 5.85 -28.13 -6.84
C LEU E 357 5.85 -26.60 -6.80
N ALA E 358 6.59 -25.95 -7.69
CA ALA E 358 6.69 -24.50 -7.71
C ALA E 358 5.49 -23.83 -8.39
N HIS E 359 4.67 -24.58 -9.12
CA HIS E 359 3.52 -24.03 -9.83
C HIS E 359 2.21 -24.60 -9.34
N MET E 360 2.02 -25.93 -9.42
CA MET E 360 0.77 -26.56 -9.02
C MET E 360 0.78 -27.05 -7.58
N GLY E 361 1.94 -27.09 -6.93
CA GLY E 361 2.05 -27.75 -5.65
C GLY E 361 1.91 -29.25 -5.71
N ALA E 362 2.11 -29.84 -6.90
CA ALA E 362 1.94 -31.26 -7.14
C ALA E 362 3.30 -31.91 -7.44
N LYS E 363 3.26 -33.18 -7.84
CA LYS E 363 4.47 -33.97 -7.99
C LYS E 363 4.32 -34.96 -9.15
N GLU E 364 5.46 -35.37 -9.68
CA GLU E 364 5.50 -36.47 -10.63
C GLU E 364 5.47 -37.80 -9.89
N ARG E 365 4.95 -38.83 -10.56
CA ARG E 365 4.60 -40.08 -9.90
C ARG E 365 5.42 -41.25 -10.40
N THR E 366 5.62 -42.24 -9.54
CA THR E 366 6.28 -43.48 -9.90
C THR E 366 5.27 -44.44 -10.53
N GLU E 367 5.75 -45.63 -10.91
CA GLU E 367 4.85 -46.63 -11.47
C GLU E 367 3.80 -47.05 -10.46
N ALA E 368 4.17 -47.15 -9.19
CA ALA E 368 3.22 -47.59 -8.17
C ALA E 368 2.17 -46.52 -7.91
N ASP E 369 2.56 -45.25 -7.89
CA ASP E 369 1.60 -44.17 -7.73
C ASP E 369 0.59 -44.16 -8.87
N TRP E 370 1.09 -44.27 -10.11
CA TRP E 370 0.21 -44.23 -11.28
C TRP E 370 -0.74 -45.41 -11.30
N ARG E 371 -0.24 -46.62 -10.99
CA ARG E 371 -1.09 -47.80 -10.98
C ARG E 371 -2.18 -47.70 -9.92
N SER E 372 -1.89 -47.06 -8.79
CA SER E 372 -2.89 -46.88 -7.74
C SER E 372 -4.00 -45.95 -8.19
N ILE E 373 -3.63 -44.80 -8.78
CA ILE E 373 -4.64 -43.85 -9.25
C ILE E 373 -5.47 -44.45 -10.37
N LEU E 374 -4.83 -45.14 -11.32
CA LEU E 374 -5.58 -45.76 -12.41
C LEU E 374 -6.50 -46.86 -11.89
N THR E 375 -6.03 -47.66 -10.94
CA THR E 375 -6.88 -48.69 -10.36
C THR E 375 -8.08 -48.06 -9.66
N ARG E 376 -7.83 -47.01 -8.87
CA ARG E 376 -8.91 -46.34 -8.14
C ARG E 376 -9.83 -45.56 -9.08
N ALA E 377 -9.42 -45.30 -10.31
CA ALA E 377 -10.26 -44.66 -11.30
C ALA E 377 -11.04 -45.67 -12.16
N GLY E 378 -10.84 -46.96 -11.95
CA GLY E 378 -11.52 -47.96 -12.73
C GLY E 378 -10.80 -48.44 -13.97
N LEU E 379 -9.47 -48.37 -13.99
CA LEU E 379 -8.67 -48.78 -15.12
C LEU E 379 -7.58 -49.75 -14.67
N LYS E 380 -6.94 -50.39 -15.64
CA LYS E 380 -5.85 -51.31 -15.37
C LYS E 380 -4.80 -51.18 -16.47
N VAL E 381 -3.53 -51.31 -16.09
CA VAL E 381 -2.43 -51.06 -17.01
C VAL E 381 -2.32 -52.21 -17.99
N VAL E 382 -2.28 -51.89 -19.29
CA VAL E 382 -2.03 -52.89 -20.31
C VAL E 382 -0.54 -53.00 -20.63
N ASN E 383 0.11 -51.87 -20.87
CA ASN E 383 1.53 -51.83 -21.19
C ASN E 383 2.06 -50.44 -20.85
N ILE E 384 3.38 -50.36 -20.68
CA ILE E 384 4.07 -49.11 -20.43
C ILE E 384 5.26 -49.03 -21.36
N TYR E 385 5.29 -48.00 -22.20
CA TYR E 385 6.34 -47.80 -23.19
C TYR E 385 7.22 -46.63 -22.80
N SER E 386 8.46 -46.64 -23.25
CA SER E 386 9.38 -45.54 -23.04
C SER E 386 10.35 -45.49 -24.22
N TYR E 387 11.23 -44.48 -24.19
CA TYR E 387 12.21 -44.28 -25.23
C TYR E 387 13.47 -43.74 -24.57
N PRO E 388 14.66 -44.16 -25.04
CA PRO E 388 15.90 -43.61 -24.48
C PRO E 388 16.01 -42.12 -24.74
N GLY E 389 16.20 -41.36 -23.66
CA GLY E 389 16.38 -39.93 -23.75
C GLY E 389 15.12 -39.10 -23.66
N VAL E 390 13.94 -39.72 -23.66
CA VAL E 390 12.67 -39.01 -23.61
C VAL E 390 12.18 -39.01 -22.17
N ALA E 391 11.74 -37.84 -21.70
CA ALA E 391 11.31 -37.69 -20.31
C ALA E 391 10.10 -38.58 -20.01
N GLU E 392 9.04 -38.43 -20.78
CA GLU E 392 7.78 -39.08 -20.47
C GLU E 392 7.76 -40.51 -20.97
N SER E 393 6.89 -41.31 -20.36
CA SER E 393 6.55 -42.66 -20.79
C SER E 393 5.14 -42.66 -21.36
N LEU E 394 4.77 -43.77 -21.98
CA LEU E 394 3.43 -43.95 -22.56
C LEU E 394 2.77 -45.13 -21.85
N ILE E 395 1.82 -44.82 -20.96
CA ILE E 395 1.07 -45.85 -20.23
C ILE E 395 -0.21 -46.12 -21.00
N GLU E 396 -0.33 -47.33 -21.56
CA GLU E 396 -1.58 -47.77 -22.15
C GLU E 396 -2.41 -48.50 -21.10
N ALA E 397 -3.67 -48.11 -20.98
CA ALA E 397 -4.58 -48.71 -20.01
C ALA E 397 -5.91 -49.01 -20.69
N GLU E 398 -6.80 -49.67 -19.95
CA GLU E 398 -8.12 -50.02 -20.45
C GLU E 398 -9.07 -50.17 -19.27
N LEU E 399 -10.31 -50.55 -19.57
CA LEU E 399 -11.32 -50.77 -18.55
C LEU E 399 -10.87 -51.88 -17.59
N ALA E 400 -10.98 -51.62 -16.29
CA ALA E 400 -10.60 -52.59 -15.28
C ALA E 400 -11.59 -53.74 -15.20
N SER F 7 30.81 -28.18 -34.39
CA SER F 7 30.38 -29.55 -34.66
C SER F 7 30.73 -30.48 -33.49
N PRO F 8 29.83 -31.40 -33.16
CA PRO F 8 30.10 -32.30 -32.03
C PRO F 8 31.24 -33.27 -32.27
N ALA F 9 31.46 -33.70 -33.52
CA ALA F 9 32.52 -34.67 -33.78
C ALA F 9 33.91 -34.08 -33.54
N SER F 10 34.06 -32.76 -33.71
CA SER F 10 35.35 -32.12 -33.49
C SER F 10 35.58 -31.74 -32.02
N ILE F 11 34.52 -31.34 -31.31
CA ILE F 11 34.64 -31.11 -29.88
C ILE F 11 34.89 -32.43 -29.16
N ILE F 12 34.36 -33.53 -29.69
CA ILE F 12 34.64 -34.84 -29.13
C ILE F 12 36.13 -35.14 -29.21
N GLN F 13 36.78 -34.73 -30.30
CA GLN F 13 38.22 -34.84 -30.40
C GLN F 13 38.93 -33.86 -29.47
N GLU F 14 38.43 -32.62 -29.40
CA GLU F 14 39.03 -31.63 -28.51
C GLU F 14 38.87 -32.05 -27.05
N LEU F 15 37.70 -32.58 -26.69
CA LEU F 15 37.48 -33.08 -25.33
C LEU F 15 38.50 -34.16 -24.98
N ALA F 16 38.73 -35.10 -25.90
CA ALA F 16 39.67 -36.19 -25.63
C ALA F 16 41.11 -35.69 -25.60
N SER F 17 41.44 -34.69 -26.42
CA SER F 17 42.81 -34.18 -26.43
C SER F 17 43.14 -33.41 -25.17
N ALA F 18 42.17 -32.71 -24.60
CA ALA F 18 42.36 -32.06 -23.30
C ALA F 18 42.29 -33.05 -22.15
N ALA F 19 41.66 -34.21 -22.35
CA ALA F 19 41.66 -35.24 -21.33
C ALA F 19 43.05 -35.83 -21.15
N LYS F 20 43.74 -36.13 -22.25
CA LYS F 20 45.14 -36.55 -22.18
C LYS F 20 45.99 -35.52 -21.42
N GLN F 21 45.72 -34.24 -21.65
CA GLN F 21 46.45 -33.19 -20.96
C GLN F 21 46.17 -33.22 -19.47
N TYR F 22 44.93 -33.55 -19.08
CA TYR F 22 44.59 -33.70 -17.67
C TYR F 22 45.28 -34.91 -17.07
N GLU F 23 45.33 -36.02 -17.79
CA GLU F 23 46.08 -37.21 -17.37
C GLU F 23 47.57 -37.05 -17.56
N ASN F 24 48.10 -35.86 -17.26
CA ASN F 24 49.50 -35.52 -17.48
C ASN F 24 49.91 -34.47 -16.46
N ASN F 25 48.94 -33.99 -15.68
CA ASN F 25 49.13 -32.89 -14.73
C ASN F 25 49.66 -31.65 -15.44
N GLU F 26 48.97 -31.26 -16.52
CA GLU F 26 49.36 -30.09 -17.29
C GLU F 26 48.61 -28.87 -16.77
N SER F 27 49.33 -27.75 -16.66
CA SER F 27 48.81 -26.52 -16.07
C SER F 27 47.59 -26.02 -16.82
N GLY F 28 46.42 -26.06 -16.18
CA GLY F 28 45.19 -25.58 -16.78
C GLY F 28 44.38 -26.62 -17.53
N ALA F 29 44.83 -27.87 -17.58
CA ALA F 29 44.13 -28.88 -18.35
C ALA F 29 42.82 -29.31 -17.70
N ARG F 30 42.71 -29.16 -16.38
CA ARG F 30 41.45 -29.45 -15.71
C ARG F 30 40.36 -28.47 -16.15
N GLU F 31 40.71 -27.18 -16.25
CA GLU F 31 39.73 -26.18 -16.64
C GLU F 31 39.40 -26.29 -18.12
N ALA F 32 40.36 -26.72 -18.95
CA ALA F 32 40.08 -26.90 -20.37
C ALA F 32 39.18 -28.11 -20.61
N LEU F 33 39.31 -29.16 -19.79
CA LEU F 33 38.42 -30.30 -19.89
C LEU F 33 36.98 -29.91 -19.56
N ILE F 34 36.80 -29.06 -18.55
CA ILE F 34 35.45 -28.62 -18.18
C ILE F 34 34.84 -27.79 -19.30
N ALA F 35 35.67 -27.03 -20.04
CA ALA F 35 35.17 -26.18 -21.11
C ALA F 35 34.65 -27.02 -22.28
N GLN F 36 35.43 -27.99 -22.74
CA GLN F 36 34.99 -28.82 -23.86
C GLN F 36 33.76 -29.65 -23.50
N SER F 37 33.60 -30.00 -22.21
CA SER F 37 32.39 -30.68 -21.78
C SER F 37 31.19 -29.74 -21.85
N ARG F 38 31.39 -28.46 -21.52
CA ARG F 38 30.31 -27.49 -21.65
C ARG F 38 30.03 -27.16 -23.12
N ALA F 39 31.09 -27.09 -23.93
CA ALA F 39 30.90 -26.82 -25.36
C ALA F 39 30.19 -27.99 -26.05
N LEU F 40 30.47 -29.23 -25.61
CA LEU F 40 29.79 -30.38 -26.19
C LEU F 40 28.30 -30.38 -25.84
N ILE F 41 27.97 -30.03 -24.60
CA ILE F 41 26.57 -30.00 -24.18
C ILE F 41 25.79 -29.02 -25.06
N ALA F 42 26.38 -27.86 -25.33
CA ALA F 42 25.66 -26.83 -26.10
C ALA F 42 25.51 -27.23 -27.56
N SER F 43 26.39 -28.10 -28.06
CA SER F 43 26.34 -28.54 -29.44
C SER F 43 25.40 -29.72 -29.66
N LEU F 44 24.83 -30.27 -28.59
CA LEU F 44 23.85 -31.34 -28.70
C LEU F 44 22.48 -30.98 -28.14
N GLU F 45 22.40 -30.02 -27.23
CA GLU F 45 21.13 -29.72 -26.57
C GLU F 45 20.21 -28.95 -27.51
N VAL F 46 18.95 -29.39 -27.60
CA VAL F 46 17.91 -28.66 -28.32
C VAL F 46 17.48 -27.51 -27.42
N PRO F 47 16.89 -26.44 -27.97
CA PRO F 47 16.51 -25.30 -27.12
C PRO F 47 15.58 -25.66 -25.97
N SER F 48 14.76 -26.70 -26.10
CA SER F 48 13.87 -27.07 -25.00
C SER F 48 14.66 -27.61 -23.81
N GLU F 49 15.71 -28.40 -24.08
CA GLU F 49 16.59 -28.85 -23.01
C GLU F 49 17.36 -27.68 -22.40
N PHE F 50 17.69 -26.67 -23.21
CA PHE F 50 18.35 -25.48 -22.69
C PHE F 50 17.40 -24.69 -21.80
N ILE F 51 16.13 -24.60 -22.17
CA ILE F 51 15.14 -23.89 -21.35
C ILE F 51 14.97 -24.59 -20.01
N GLN F 52 14.92 -25.92 -20.02
CA GLN F 52 14.74 -26.66 -18.77
C GLN F 52 15.98 -26.57 -17.89
N HIS F 53 17.17 -26.74 -18.47
CA HIS F 53 18.38 -26.69 -17.65
C HIS F 53 18.64 -25.29 -17.11
N THR F 54 18.35 -24.26 -17.90
CA THR F 54 18.64 -22.89 -17.50
C THR F 54 17.61 -22.37 -16.51
N PHE F 55 16.32 -22.59 -16.78
CA PHE F 55 15.25 -21.98 -16.01
C PHE F 55 14.59 -22.90 -15.00
N TRP F 56 14.78 -24.22 -15.12
CA TRP F 56 14.21 -25.18 -14.16
C TRP F 56 15.27 -25.78 -13.25
N SER F 57 16.24 -26.50 -13.83
CA SER F 57 17.19 -27.28 -13.03
C SER F 57 18.07 -26.39 -12.19
N GLN F 58 18.63 -25.33 -12.79
CA GLN F 58 19.58 -24.49 -12.06
C GLN F 58 18.89 -23.64 -10.99
N PRO F 59 17.76 -22.96 -11.25
CA PRO F 59 17.10 -22.23 -10.15
C PRO F 59 16.64 -23.12 -9.01
N ALA F 60 16.26 -24.37 -9.32
CA ALA F 60 15.92 -25.31 -8.26
C ALA F 60 17.18 -25.77 -7.53
N LEU F 61 18.27 -25.98 -8.26
CA LEU F 61 19.52 -26.40 -7.62
C LEU F 61 20.05 -25.35 -6.67
N SER F 62 19.99 -24.08 -7.09
CA SER F 62 20.38 -22.99 -6.21
C SER F 62 19.47 -22.91 -4.98
N ALA F 63 18.18 -23.21 -5.17
CA ALA F 63 17.22 -23.16 -4.07
C ALA F 63 17.40 -24.33 -3.11
N ILE F 64 17.77 -25.51 -3.61
CA ILE F 64 17.97 -26.67 -2.75
C ILE F 64 19.32 -26.58 -2.04
N VAL F 65 20.34 -26.04 -2.71
CA VAL F 65 21.63 -25.84 -2.06
C VAL F 65 21.50 -24.80 -0.95
N ARG F 66 20.72 -23.74 -1.17
CA ARG F 66 20.45 -22.78 -0.12
C ARG F 66 19.62 -23.40 1.01
N LEU F 67 18.60 -24.19 0.66
CA LEU F 67 17.83 -24.90 1.68
C LEU F 67 18.70 -25.88 2.46
N ALA F 68 19.78 -26.37 1.85
CA ALA F 68 20.67 -27.31 2.53
C ALA F 68 21.41 -26.65 3.68
N THR F 69 21.73 -25.36 3.56
CA THR F 69 22.42 -24.65 4.64
C THR F 69 21.54 -24.43 5.85
N ASP F 70 20.21 -24.56 5.71
CA ASP F 70 19.27 -24.31 6.80
C ASP F 70 18.96 -25.57 7.60
N VAL F 71 19.24 -26.75 7.05
CA VAL F 71 18.90 -28.01 7.70
C VAL F 71 20.13 -28.87 7.96
N ASN F 72 21.33 -28.32 7.76
CA ASN F 72 22.59 -29.00 8.05
C ASN F 72 22.79 -30.24 7.18
N LEU F 73 22.25 -30.21 5.95
CA LEU F 73 22.21 -31.42 5.12
C LEU F 73 23.61 -31.89 4.76
N PHE F 74 24.44 -31.01 4.20
CA PHE F 74 25.76 -31.42 3.74
C PHE F 74 26.66 -31.81 4.92
N GLN F 75 26.43 -31.24 6.09
CA GLN F 75 27.18 -31.63 7.28
C GLN F 75 26.82 -33.05 7.73
N TYR F 76 25.53 -33.40 7.67
CA TYR F 76 25.11 -34.75 8.04
C TYR F 76 25.67 -35.79 7.07
N LEU F 77 25.72 -35.46 5.79
CA LEU F 77 26.22 -36.42 4.79
C LEU F 77 27.73 -36.57 4.85
N LYS F 78 28.46 -35.51 5.21
CA LYS F 78 29.90 -35.63 5.40
C LYS F 78 30.24 -36.47 6.62
N ASP F 79 29.48 -36.31 7.71
CA ASP F 79 29.67 -37.15 8.89
C ASP F 79 29.28 -38.60 8.64
N ALA F 80 28.47 -38.86 7.62
CA ALA F 80 28.06 -40.24 7.33
C ALA F 80 29.18 -41.02 6.64
N GLN F 81 30.13 -40.33 5.99
CA GLN F 81 31.27 -40.93 5.29
C GLN F 81 30.74 -41.97 4.30
N GLU F 82 31.31 -43.17 4.25
CA GLU F 82 30.94 -44.18 3.26
C GLU F 82 29.66 -44.93 3.61
N GLU F 83 29.15 -44.79 4.84
CA GLU F 83 27.92 -45.47 5.21
C GLU F 83 26.69 -44.76 4.63
N GLY F 84 26.73 -43.43 4.56
CA GLY F 84 25.62 -42.67 4.03
C GLY F 84 24.38 -42.76 4.93
N LEU F 85 23.31 -42.14 4.45
CA LEU F 85 22.02 -42.15 5.12
C LEU F 85 20.91 -42.21 4.08
N ASN F 86 19.82 -42.88 4.42
CA ASN F 86 18.69 -43.00 3.50
C ASN F 86 17.79 -41.77 3.64
N ALA F 87 16.62 -41.80 2.99
CA ALA F 87 15.72 -40.65 3.00
C ALA F 87 15.01 -40.44 4.33
N GLU F 88 14.82 -41.50 5.13
CA GLU F 88 14.17 -41.36 6.43
C GLU F 88 15.12 -40.96 7.54
N ALA F 89 16.39 -41.35 7.45
CA ALA F 89 17.36 -40.94 8.45
C ALA F 89 17.72 -39.46 8.30
N LEU F 90 17.88 -38.99 7.06
CA LEU F 90 18.17 -37.59 6.84
C LEU F 90 16.94 -36.71 7.04
N ALA F 91 15.75 -37.21 6.73
CA ALA F 91 14.54 -36.44 6.99
C ALA F 91 14.30 -36.25 8.48
N SER F 92 14.81 -37.16 9.31
CA SER F 92 14.62 -37.06 10.76
C SER F 92 15.56 -36.05 11.37
N LYS F 93 16.83 -36.05 10.96
CA LYS F 93 17.78 -35.08 11.50
C LYS F 93 17.52 -33.67 10.99
N THR F 94 17.19 -33.55 9.70
CA THR F 94 16.89 -32.23 9.14
C THR F 94 15.52 -31.71 9.54
N GLY F 95 14.72 -32.50 10.25
CA GLY F 95 13.38 -32.08 10.62
C GLY F 95 12.48 -31.81 9.44
N MET F 96 12.64 -32.57 8.36
CA MET F 96 11.90 -32.36 7.13
C MET F 96 10.95 -33.51 6.88
N ASP F 97 9.91 -33.23 6.08
CA ASP F 97 9.01 -34.27 5.60
C ASP F 97 9.80 -35.27 4.77
N VAL F 98 9.49 -36.56 4.95
CA VAL F 98 10.27 -37.60 4.28
C VAL F 98 10.06 -37.55 2.78
N SER F 99 8.85 -37.21 2.33
CA SER F 99 8.57 -37.16 0.90
C SER F 99 9.18 -35.92 0.26
N LEU F 100 9.05 -34.76 0.92
CA LEU F 100 9.63 -33.54 0.39
C LEU F 100 11.16 -33.64 0.33
N PHE F 101 11.78 -34.22 1.36
CA PHE F 101 13.23 -34.31 1.37
C PHE F 101 13.75 -35.18 0.22
N ALA F 102 13.10 -36.31 -0.03
CA ALA F 102 13.58 -37.22 -1.07
C ALA F 102 13.49 -36.60 -2.45
N ARG F 103 12.45 -35.80 -2.71
CA ARG F 103 12.31 -35.16 -4.01
C ARG F 103 13.40 -34.12 -4.24
N LEU F 104 13.72 -33.33 -3.22
CA LEU F 104 14.80 -32.36 -3.34
C LEU F 104 16.16 -33.04 -3.37
N ALA F 105 16.27 -34.21 -2.75
CA ALA F 105 17.54 -34.93 -2.71
C ALA F 105 17.86 -35.62 -4.02
N ARG F 106 16.83 -36.16 -4.69
CA ARG F 106 17.05 -36.77 -6.01
C ARG F 106 17.49 -35.73 -7.04
N HIS F 107 17.13 -34.47 -6.85
CA HIS F 107 17.60 -33.42 -7.77
C HIS F 107 19.11 -33.23 -7.65
N LEU F 108 19.61 -33.13 -6.41
CA LEU F 108 21.05 -33.02 -6.19
C LEU F 108 21.81 -34.23 -6.73
N VAL F 109 21.16 -35.39 -6.80
CA VAL F 109 21.78 -36.56 -7.40
C VAL F 109 21.80 -36.43 -8.92
N ALA F 110 20.71 -35.92 -9.50
CA ALA F 110 20.65 -35.71 -10.95
C ALA F 110 21.49 -34.52 -11.40
N MET F 111 21.78 -33.57 -10.51
CA MET F 111 22.71 -32.49 -10.80
C MET F 111 24.12 -32.78 -10.32
N ASN F 112 24.38 -34.00 -9.84
CA ASN F 112 25.71 -34.51 -9.50
C ASN F 112 26.32 -33.80 -8.28
N VAL F 113 25.47 -33.28 -7.38
CA VAL F 113 25.98 -32.70 -6.14
C VAL F 113 26.30 -33.79 -5.13
N ILE F 114 25.36 -34.72 -4.92
CA ILE F 114 25.55 -35.87 -4.06
C ILE F 114 25.21 -37.12 -4.87
N THR F 115 25.53 -38.28 -4.30
CA THR F 115 25.28 -39.56 -4.93
C THR F 115 24.30 -40.38 -4.10
N SER F 116 23.59 -41.28 -4.78
CA SER F 116 22.62 -42.16 -4.15
C SER F 116 22.74 -43.56 -4.73
N ARG F 117 22.89 -44.56 -3.86
CA ARG F 117 23.03 -45.95 -4.30
C ARG F 117 22.01 -46.80 -3.56
N ASN F 118 20.97 -47.23 -4.27
CA ASN F 118 19.94 -48.13 -3.75
C ASN F 118 19.21 -47.51 -2.56
N GLY F 119 18.80 -46.25 -2.73
CA GLY F 119 18.03 -45.53 -1.72
C GLY F 119 18.83 -44.73 -0.73
N VAL F 120 20.11 -45.07 -0.51
CA VAL F 120 20.95 -44.37 0.45
C VAL F 120 21.71 -43.27 -0.28
N PHE F 121 21.67 -42.06 0.28
CA PHE F 121 22.37 -40.92 -0.30
C PHE F 121 23.76 -40.81 0.31
N TYR F 122 24.73 -40.39 -0.50
CA TYR F 122 26.13 -40.32 -0.08
C TYR F 122 26.70 -38.95 -0.40
N GLY F 123 27.58 -38.47 0.48
CA GLY F 123 28.28 -37.24 0.21
C GLY F 123 29.34 -37.41 -0.86
N THR F 124 29.80 -36.27 -1.39
CA THR F 124 30.85 -36.23 -2.40
C THR F 124 31.91 -35.24 -1.96
N ALA F 125 33.03 -35.23 -2.70
CA ALA F 125 34.06 -34.22 -2.46
C ALA F 125 33.49 -32.81 -2.57
N LEU F 126 32.43 -32.62 -3.36
CA LEU F 126 31.77 -31.32 -3.48
C LEU F 126 30.90 -31.02 -2.28
N SER F 127 29.98 -31.93 -1.93
CA SER F 127 29.04 -31.66 -0.83
C SER F 127 29.76 -31.60 0.51
N ASN F 128 30.85 -32.36 0.67
CA ASN F 128 31.66 -32.23 1.88
C ASN F 128 32.32 -30.86 1.93
N GLY F 129 32.82 -30.37 0.80
CA GLY F 129 33.42 -29.04 0.77
C GLY F 129 32.41 -27.93 1.02
N LEU F 130 31.15 -28.13 0.60
CA LEU F 130 30.09 -27.16 0.83
C LEU F 130 29.60 -27.15 2.27
N ALA F 131 30.00 -28.12 3.08
CA ALA F 131 29.60 -28.16 4.49
C ALA F 131 30.39 -27.19 5.36
N ALA F 132 31.57 -26.76 4.90
CA ALA F 132 32.36 -25.79 5.65
C ALA F 132 31.59 -24.48 5.80
N GLU F 133 31.82 -23.78 6.91
CA GLU F 133 31.01 -22.61 7.23
C GLU F 133 31.25 -21.46 6.27
N ASN F 134 32.47 -21.32 5.74
CA ASN F 134 32.72 -20.25 4.79
C ASN F 134 31.94 -20.46 3.49
N TYR F 135 31.75 -21.73 3.09
CA TYR F 135 30.94 -22.01 1.91
C TYR F 135 29.45 -21.89 2.24
N GLN F 136 29.06 -22.29 3.46
CA GLN F 136 27.66 -22.13 3.88
C GLN F 136 27.25 -20.66 3.84
N GLN F 137 28.11 -19.77 4.34
CA GLN F 137 27.81 -18.35 4.31
C GLN F 137 27.93 -17.78 2.91
N SER F 138 28.83 -18.34 2.09
CA SER F 138 28.90 -17.98 0.67
C SER F 138 27.61 -18.34 -0.05
N ILE F 139 27.05 -19.50 0.26
CA ILE F 139 25.79 -19.94 -0.36
C ILE F 139 24.66 -19.01 0.05
N ARG F 140 24.60 -18.66 1.34
CA ARG F 140 23.52 -17.83 1.84
C ARG F 140 23.57 -16.44 1.21
N PHE F 141 24.74 -15.82 1.21
CA PHE F 141 24.89 -14.50 0.61
C PHE F 141 24.56 -14.53 -0.88
N CYS F 142 25.05 -15.55 -1.60
CA CYS F 142 24.80 -15.64 -3.03
C CYS F 142 23.32 -15.76 -3.37
N HIS F 143 22.56 -16.50 -2.55
CA HIS F 143 21.15 -16.69 -2.83
C HIS F 143 20.28 -15.57 -2.24
N ASP F 144 20.72 -14.93 -1.17
CA ASP F 144 19.94 -13.88 -0.53
C ASP F 144 20.27 -12.49 -1.05
N VAL F 145 21.50 -12.25 -1.49
CA VAL F 145 21.96 -10.92 -1.85
C VAL F 145 22.24 -10.80 -3.35
N SER F 146 22.98 -11.77 -3.91
CA SER F 146 23.41 -11.67 -5.31
C SER F 146 22.30 -12.10 -6.27
N ARG F 147 21.61 -13.21 -5.97
CA ARG F 147 20.60 -13.71 -6.89
C ARG F 147 19.48 -12.71 -7.17
N PRO F 148 18.89 -12.05 -6.17
CA PRO F 148 17.88 -11.02 -6.50
C PRO F 148 18.41 -9.89 -7.36
N SER F 149 19.71 -9.62 -7.33
CA SER F 149 20.26 -8.56 -8.15
C SER F 149 20.24 -8.94 -9.63
N PHE F 150 20.64 -10.17 -9.95
CA PHE F 150 20.54 -10.66 -11.32
C PHE F 150 19.09 -10.70 -11.79
N GLY F 151 18.19 -11.17 -10.92
CA GLY F 151 16.78 -11.27 -11.27
C GLY F 151 16.13 -9.93 -11.57
N ALA F 152 16.77 -8.82 -11.21
CA ALA F 152 16.26 -7.49 -11.52
C ALA F 152 16.88 -6.87 -12.77
N PHE F 153 17.87 -7.55 -13.37
CA PHE F 153 18.49 -7.04 -14.59
C PHE F 153 17.49 -6.72 -15.70
N PRO F 154 16.59 -7.62 -16.11
CA PRO F 154 15.74 -7.32 -17.28
C PRO F 154 14.85 -6.10 -17.10
N SER F 155 14.37 -5.84 -15.88
CA SER F 155 13.46 -4.73 -15.66
C SER F 155 14.17 -3.44 -15.24
N PHE F 156 15.36 -3.55 -14.63
CA PHE F 156 16.10 -2.34 -14.28
C PHE F 156 16.68 -1.67 -15.50
N PHE F 157 17.34 -2.44 -16.37
CA PHE F 157 17.96 -1.87 -17.56
C PHE F 157 16.93 -1.48 -18.62
N LYS F 158 15.73 -2.07 -18.58
CA LYS F 158 14.63 -1.54 -19.38
C LYS F 158 14.16 -0.20 -18.82
N GLY F 159 14.14 -0.07 -17.49
CA GLY F 159 13.74 1.15 -16.84
C GLY F 159 14.73 2.29 -16.94
N ASN F 160 16.03 1.98 -16.84
CA ASN F 160 17.07 2.99 -16.89
C ASN F 160 17.52 3.33 -18.32
N GLY F 161 16.89 2.72 -19.32
CA GLY F 161 17.20 3.00 -20.71
C GLY F 161 18.33 2.19 -21.31
N TYR F 162 18.67 1.04 -20.70
CA TYR F 162 19.76 0.18 -21.17
C TYR F 162 21.08 0.95 -21.26
N LYS F 163 21.42 1.62 -20.16
CA LYS F 163 22.66 2.37 -20.05
C LYS F 163 23.52 1.78 -18.94
N THR F 164 24.82 2.04 -19.05
CA THR F 164 25.73 1.72 -17.95
C THR F 164 25.33 2.54 -16.72
N PRO F 165 25.41 1.96 -15.52
CA PRO F 165 25.18 2.78 -14.31
C PRO F 165 26.06 4.01 -14.26
N ALA F 166 25.44 5.19 -14.30
CA ALA F 166 26.19 6.44 -14.42
C ALA F 166 27.10 6.66 -13.22
N LEU F 167 26.54 6.58 -12.01
CA LEU F 167 27.36 6.70 -10.80
C LEU F 167 28.03 5.39 -10.46
N GLY F 168 27.35 4.26 -10.68
CA GLY F 168 27.90 2.96 -10.42
C GLY F 168 27.40 2.34 -9.13
N THR F 169 27.80 2.92 -8.00
CA THR F 169 27.54 2.32 -6.71
C THR F 169 26.19 2.70 -6.11
N THR F 170 25.49 3.70 -6.68
CA THR F 170 24.22 4.14 -6.17
C THR F 170 23.06 4.03 -7.17
N ASP F 171 23.35 3.78 -8.44
CA ASP F 171 22.32 3.70 -9.48
C ASP F 171 22.51 2.44 -10.31
N GLY F 172 22.50 1.29 -9.63
CA GLY F 172 22.66 0.02 -10.29
C GLY F 172 21.52 -0.93 -10.00
N PRO F 173 21.61 -2.16 -10.53
CA PRO F 173 20.55 -3.14 -10.29
C PRO F 173 20.50 -3.66 -8.86
N PHE F 174 21.56 -3.47 -8.07
CA PHE F 174 21.52 -3.87 -6.66
C PHE F 174 20.51 -3.03 -5.88
N GLN F 175 20.51 -1.72 -6.10
CA GLN F 175 19.65 -0.83 -5.35
C GLN F 175 18.17 -1.02 -5.71
N SER F 176 17.89 -1.46 -6.95
CA SER F 176 16.50 -1.66 -7.35
C SER F 176 15.97 -3.01 -6.89
N ALA F 177 16.82 -4.05 -6.90
CA ALA F 177 16.39 -5.36 -6.43
C ALA F 177 16.19 -5.36 -4.92
N HIS F 178 17.06 -4.67 -4.18
CA HIS F 178 16.98 -4.60 -2.73
C HIS F 178 16.15 -3.42 -2.25
N LYS F 179 15.57 -2.64 -3.16
CA LYS F 179 14.68 -1.52 -2.83
C LYS F 179 15.36 -0.53 -1.88
N VAL F 180 16.67 -0.40 -2.00
CA VAL F 180 17.44 0.53 -1.19
C VAL F 180 17.94 1.66 -2.08
N ASP F 181 18.42 2.73 -1.42
CA ASP F 181 19.05 3.84 -2.10
C ASP F 181 20.54 3.94 -1.81
N ILE F 182 21.06 3.09 -0.93
CA ILE F 182 22.42 3.17 -0.48
C ILE F 182 23.28 2.18 -1.27
N SER F 183 24.59 2.29 -1.10
CA SER F 183 25.54 1.44 -1.82
C SER F 183 25.50 0.01 -1.28
N PHE F 184 26.19 -0.88 -1.99
CA PHE F 184 26.31 -2.28 -1.53
C PHE F 184 27.11 -2.38 -0.24
N PRO F 185 28.31 -1.81 -0.11
CA PRO F 185 29.02 -1.94 1.18
C PRO F 185 28.30 -1.25 2.34
N GLN F 186 27.55 -0.19 2.07
CA GLN F 186 26.73 0.41 3.12
C GLN F 186 25.53 -0.47 3.45
N TRP F 187 25.03 -1.22 2.47
CA TRP F 187 23.93 -2.14 2.72
C TRP F 187 24.37 -3.32 3.59
N LEU F 188 25.63 -3.74 3.46
CA LEU F 188 26.14 -4.84 4.26
C LEU F 188 26.18 -4.49 5.74
N VAL F 189 26.57 -3.25 6.07
CA VAL F 189 26.64 -2.83 7.47
C VAL F 189 25.26 -2.80 8.09
N GLY F 190 24.29 -2.25 7.38
CA GLY F 190 22.92 -2.18 7.87
C GLY F 190 22.14 -3.49 7.83
N ASN F 191 22.76 -4.58 7.38
CA ASN F 191 22.07 -5.86 7.24
C ASN F 191 22.93 -6.99 7.79
N PRO F 192 22.88 -7.21 9.11
CA PRO F 192 23.49 -8.43 9.68
C PRO F 192 22.65 -9.64 9.33
N PRO F 193 23.28 -10.80 9.08
CA PRO F 193 24.72 -11.07 9.10
C PRO F 193 25.37 -11.08 7.71
N TYR F 194 24.92 -10.26 6.76
CA TYR F 194 25.42 -10.39 5.40
C TYR F 194 26.77 -9.73 5.19
N LEU F 195 27.22 -8.86 6.10
CA LEU F 195 28.60 -8.38 6.02
C LEU F 195 29.57 -9.43 6.54
N GLN F 196 29.17 -10.17 7.59
CA GLN F 196 29.97 -11.29 8.04
C GLN F 196 29.95 -12.44 7.04
N TYR F 197 28.83 -12.63 6.34
CA TYR F 197 28.77 -13.62 5.27
C TYR F 197 29.69 -13.23 4.11
N PHE F 198 29.69 -11.94 3.74
CA PHE F 198 30.53 -11.48 2.63
C PHE F 198 32.02 -11.61 2.98
N ASN F 199 32.39 -11.35 4.23
CA ASN F 199 33.79 -11.48 4.62
C ASN F 199 34.26 -12.94 4.56
N SER F 200 33.40 -13.87 4.99
CA SER F 200 33.71 -15.29 4.81
C SER F 200 33.70 -15.66 3.33
N TYR F 201 32.76 -15.09 2.57
CA TYR F 201 32.66 -15.34 1.14
C TYR F 201 33.97 -15.00 0.43
N MET F 202 34.74 -14.06 0.98
CA MET F 202 35.96 -13.62 0.31
C MET F 202 37.08 -14.65 0.41
N SER F 203 36.98 -15.60 1.33
CA SER F 203 37.97 -16.67 1.46
C SER F 203 37.58 -17.92 0.67
N ALA F 204 36.49 -17.88 -0.10
CA ALA F 204 35.98 -19.07 -0.77
C ALA F 204 35.59 -18.88 -2.22
N TYR F 205 35.49 -17.65 -2.73
CA TYR F 205 34.97 -17.46 -4.08
C TYR F 205 35.96 -17.95 -5.14
N ARG F 206 37.26 -17.91 -4.86
CA ARG F 206 38.26 -18.47 -5.76
C ARG F 206 39.15 -19.51 -5.08
N ALA F 207 38.70 -20.09 -3.97
CA ALA F 207 39.50 -21.06 -3.24
C ALA F 207 39.78 -22.30 -4.09
N GLY F 208 40.90 -22.95 -3.80
CA GLY F 208 41.31 -24.14 -4.53
C GLY F 208 41.98 -23.88 -5.86
N LYS F 209 42.13 -22.62 -6.26
CA LYS F 209 42.79 -22.26 -7.50
C LYS F 209 44.23 -21.84 -7.22
N PRO F 210 45.14 -22.01 -8.18
CA PRO F 210 46.54 -21.63 -7.94
C PRO F 210 46.67 -20.15 -7.63
N ASN F 211 47.40 -19.85 -6.56
CA ASN F 211 47.59 -18.48 -6.12
C ASN F 211 48.67 -17.79 -6.94
N TRP F 212 48.66 -16.46 -6.90
CA TRP F 212 49.64 -15.66 -7.64
C TRP F 212 51.07 -16.02 -7.26
N CYS F 213 51.29 -16.41 -6.01
CA CYS F 213 52.62 -16.71 -5.50
C CYS F 213 53.04 -18.16 -5.74
N ASP F 214 52.18 -18.97 -6.33
CA ASP F 214 52.46 -20.38 -6.52
C ASP F 214 53.62 -20.57 -7.51
N ASN F 215 54.06 -21.82 -7.62
CA ASN F 215 55.11 -22.16 -8.58
C ASN F 215 54.57 -22.04 -10.00
N GLY F 216 55.40 -21.45 -10.88
CA GLY F 216 55.00 -21.23 -12.25
C GLY F 216 54.18 -19.99 -12.50
N PHE F 217 53.77 -19.28 -11.44
CA PHE F 217 53.00 -18.05 -11.61
C PHE F 217 53.92 -16.84 -11.50
N TYR F 218 53.83 -16.11 -10.38
CA TYR F 218 54.68 -14.94 -10.20
C TYR F 218 55.92 -15.30 -9.42
N PRO F 219 57.12 -14.90 -9.88
CA PRO F 219 58.35 -15.26 -9.17
C PRO F 219 58.57 -14.43 -7.92
N VAL F 220 57.99 -14.87 -6.80
CA VAL F 220 58.10 -14.12 -5.55
C VAL F 220 59.54 -14.10 -5.07
N ALA F 221 60.20 -15.26 -5.07
CA ALA F 221 61.55 -15.36 -4.54
C ALA F 221 62.56 -14.56 -5.35
N ASP F 222 62.38 -14.46 -6.67
CA ASP F 222 63.35 -13.74 -7.49
C ASP F 222 63.05 -12.24 -7.54
N ARG F 223 61.80 -11.83 -7.39
CA ARG F 223 61.43 -10.43 -7.48
C ARG F 223 61.31 -9.75 -6.13
N LEU F 224 60.90 -10.45 -5.08
CA LEU F 224 60.68 -9.87 -3.77
C LEU F 224 61.73 -10.28 -2.75
N LEU F 225 61.95 -11.59 -2.57
CA LEU F 225 62.91 -12.06 -1.57
C LEU F 225 64.34 -11.70 -1.98
N ASN F 226 64.70 -11.91 -3.24
CA ASN F 226 66.01 -11.54 -3.74
C ASN F 226 66.15 -10.02 -3.74
N GLY F 227 67.12 -9.50 -2.99
CA GLY F 227 67.30 -8.08 -2.87
C GLY F 227 66.51 -7.42 -1.77
N PHE F 228 65.84 -8.20 -0.92
CA PHE F 228 65.15 -7.61 0.23
C PHE F 228 66.14 -6.88 1.13
N ASP F 229 65.74 -5.72 1.62
CA ASP F 229 66.64 -4.85 2.38
C ASP F 229 65.91 -4.32 3.61
N ALA F 230 66.22 -4.88 4.78
CA ALA F 230 65.62 -4.41 6.01
C ALA F 230 66.08 -3.00 6.38
N SER F 231 67.24 -2.56 5.87
CA SER F 231 67.69 -1.20 6.11
C SER F 231 66.82 -0.18 5.37
N VAL F 232 66.05 -0.63 4.39
CA VAL F 232 65.07 0.25 3.75
C VAL F 232 63.77 0.24 4.54
N SER F 233 63.26 -0.96 4.82
CA SER F 233 62.05 -1.15 5.62
C SER F 233 61.95 -2.63 5.99
N ASP F 234 61.53 -2.89 7.22
CA ASP F 234 61.36 -4.26 7.69
C ASP F 234 60.00 -4.85 7.30
N VAL F 235 59.30 -4.24 6.34
CA VAL F 235 58.04 -4.75 5.84
C VAL F 235 58.29 -5.36 4.46
N LEU F 236 57.90 -6.63 4.30
CA LEU F 236 58.12 -7.34 3.05
C LEU F 236 56.91 -7.28 2.12
N LEU F 237 55.70 -7.36 2.66
CA LEU F 237 54.50 -7.30 1.83
C LEU F 237 53.34 -6.72 2.63
N VAL F 238 52.66 -5.75 2.05
CA VAL F 238 51.42 -5.19 2.59
C VAL F 238 50.28 -5.65 1.67
N ASP F 239 49.27 -6.29 2.24
CA ASP F 239 48.09 -6.73 1.51
C ASP F 239 46.99 -5.70 1.74
N VAL F 240 46.84 -4.78 0.79
CA VAL F 240 45.88 -3.68 0.91
C VAL F 240 44.52 -4.19 0.46
N GLY F 241 43.57 -4.23 1.38
CA GLY F 241 42.27 -4.81 1.10
C GLY F 241 42.27 -6.32 1.11
N GLY F 242 43.06 -6.94 2.00
CA GLY F 242 43.23 -8.37 2.06
C GLY F 242 42.18 -9.14 2.83
N GLY F 243 41.07 -8.49 3.21
CA GLY F 243 40.04 -9.19 3.94
C GLY F 243 40.51 -9.62 5.32
N ARG F 244 40.17 -10.87 5.67
CA ARG F 244 40.55 -11.41 6.97
C ARG F 244 41.99 -11.93 7.00
N GLY F 245 42.61 -12.12 5.84
CA GLY F 245 44.01 -12.50 5.78
C GLY F 245 44.29 -13.83 5.13
N HIS F 246 43.30 -14.38 4.44
CA HIS F 246 43.48 -15.69 3.81
C HIS F 246 44.60 -15.67 2.78
N ASP F 247 44.71 -14.59 1.99
CA ASP F 247 45.76 -14.52 0.98
C ASP F 247 47.12 -14.25 1.61
N ILE F 248 47.19 -13.34 2.59
CA ILE F 248 48.48 -13.03 3.20
C ILE F 248 48.95 -14.12 4.15
N ALA F 249 48.04 -15.00 4.60
CA ALA F 249 48.46 -16.15 5.38
C ALA F 249 49.02 -17.26 4.50
N THR F 250 48.41 -17.47 3.33
CA THR F 250 48.96 -18.42 2.37
C THR F 250 50.34 -17.99 1.90
N PHE F 251 50.54 -16.67 1.72
CA PHE F 251 51.84 -16.16 1.31
C PHE F 251 52.90 -16.37 2.39
N GLY F 252 52.51 -16.34 3.66
CA GLY F 252 53.47 -16.58 4.72
C GLY F 252 53.87 -18.03 4.84
N SER F 253 52.94 -18.96 4.58
CA SER F 253 53.24 -20.38 4.69
C SER F 253 53.99 -20.93 3.50
N GLN F 254 54.16 -20.14 2.44
CA GLN F 254 54.91 -20.56 1.26
C GLN F 254 56.38 -20.15 1.32
N PHE F 255 56.69 -19.06 2.01
CA PHE F 255 58.01 -18.44 1.91
C PHE F 255 58.62 -18.21 3.28
N SER F 256 58.24 -19.03 4.26
CA SER F 256 58.81 -18.98 5.60
C SER F 256 60.15 -19.70 5.64
N PRO F 257 61.09 -19.26 6.49
CA PRO F 257 61.04 -18.09 7.40
C PRO F 257 61.04 -16.74 6.67
N LEU F 258 60.05 -15.90 6.95
CA LEU F 258 59.92 -14.63 6.26
C LEU F 258 61.04 -13.67 6.70
N PRO F 259 61.63 -12.93 5.77
CA PRO F 259 62.64 -11.93 6.14
C PRO F 259 62.06 -10.59 6.60
N GLY F 260 60.75 -10.43 6.57
CA GLY F 260 60.14 -9.15 6.92
C GLY F 260 58.72 -9.34 7.42
N ARG F 261 58.13 -8.22 7.84
CA ARG F 261 56.79 -8.24 8.44
C ARG F 261 55.72 -8.31 7.36
N LEU F 262 54.67 -9.07 7.64
CA LEU F 262 53.47 -9.11 6.80
C LEU F 262 52.40 -8.24 7.44
N VAL F 263 51.93 -7.24 6.71
CA VAL F 263 50.94 -6.28 7.20
C VAL F 263 49.67 -6.46 6.39
N LEU F 264 48.58 -6.81 7.07
CA LEU F 264 47.26 -6.92 6.46
C LEU F 264 46.48 -5.64 6.75
N GLN F 265 45.88 -5.07 5.71
CA GLN F 265 45.13 -3.82 5.84
C GLN F 265 43.73 -4.01 5.25
N ASP F 266 42.72 -3.60 6.01
CA ASP F 266 41.34 -3.64 5.55
C ASP F 266 40.52 -2.72 6.45
N ARG F 267 39.18 -2.81 6.34
CA ARG F 267 38.29 -1.99 7.15
C ARG F 267 38.40 -2.39 8.62
N GLU F 268 37.85 -1.53 9.48
CA GLU F 268 37.87 -1.78 10.92
C GLU F 268 37.09 -3.05 11.27
N GLN F 269 35.87 -3.17 10.77
CA GLN F 269 35.02 -4.32 11.10
C GLN F 269 35.63 -5.62 10.61
N VAL F 270 36.37 -5.59 9.49
CA VAL F 270 36.98 -6.80 8.96
C VAL F 270 38.17 -7.22 9.82
N ILE F 271 38.98 -6.24 10.26
CA ILE F 271 40.15 -6.53 11.08
C ILE F 271 39.73 -6.97 12.48
N ASN F 272 38.61 -6.47 12.98
CA ASN F 272 38.11 -6.82 14.30
C ASN F 272 37.23 -8.06 14.30
N SER F 273 37.09 -8.74 13.16
CA SER F 273 36.31 -9.97 13.05
C SER F 273 37.19 -11.20 12.87
N ILE F 274 38.51 -11.02 12.74
CA ILE F 274 39.42 -12.13 12.50
C ILE F 274 39.54 -13.03 13.74
N ARG F 280 49.48 -17.01 13.62
CA ARG F 280 49.36 -15.90 12.68
C ARG F 280 50.71 -15.27 12.42
N GLN F 281 51.03 -15.05 11.14
CA GLN F 281 52.29 -14.45 10.73
C GLN F 281 52.15 -13.02 10.23
N PHE F 282 50.97 -12.43 10.37
CA PHE F 282 50.71 -11.10 9.83
C PHE F 282 50.14 -10.20 10.92
N GLU F 283 50.12 -8.90 10.62
CA GLU F 283 49.61 -7.87 11.52
C GLU F 283 48.29 -7.36 10.96
N ALA F 284 47.20 -7.68 11.64
CA ALA F 284 45.88 -7.22 11.23
C ALA F 284 45.74 -5.74 11.57
N THR F 285 45.87 -4.88 10.57
CA THR F 285 45.81 -3.44 10.76
C THR F 285 44.69 -2.83 9.92
N THR F 286 44.11 -1.76 10.45
CA THR F 286 43.05 -1.04 9.75
C THR F 286 43.65 0.10 8.93
N HIS F 287 43.12 0.28 7.72
CA HIS F 287 43.58 1.34 6.84
C HIS F 287 42.54 1.59 5.76
N ASP F 288 42.20 2.86 5.53
CA ASP F 288 41.28 3.26 4.48
C ASP F 288 42.03 3.39 3.16
N ILE F 289 41.64 2.60 2.16
CA ILE F 289 42.37 2.53 0.89
C ILE F 289 42.16 3.80 0.07
N PHE F 290 41.36 4.73 0.58
CA PHE F 290 41.22 6.05 -0.02
C PHE F 290 42.04 7.10 0.72
N THR F 291 42.96 6.68 1.58
CA THR F 291 43.93 7.55 2.24
C THR F 291 45.34 7.09 1.87
N THR F 292 46.32 7.91 2.24
CA THR F 292 47.71 7.63 1.90
C THR F 292 48.19 6.37 2.63
N GLN F 293 48.98 5.57 1.93
CA GLN F 293 49.52 4.34 2.51
C GLN F 293 50.44 4.67 3.67
N PRO F 294 50.11 4.26 4.91
CA PRO F 294 50.98 4.61 6.05
C PRO F 294 52.26 3.79 6.10
N VAL F 295 52.23 2.55 5.63
CA VAL F 295 53.46 1.77 5.54
C VAL F 295 54.35 2.36 4.46
N LYS F 296 55.60 2.65 4.81
CA LYS F 296 56.52 3.36 3.94
C LYS F 296 57.62 2.44 3.43
N HIS F 297 57.89 2.52 2.12
CA HIS F 297 59.06 1.92 1.49
C HIS F 297 59.13 0.40 1.67
N ALA F 298 57.96 -0.25 1.75
CA ALA F 298 57.93 -1.70 1.85
C ALA F 298 58.43 -2.34 0.54
N ARG F 299 58.73 -3.64 0.63
CA ARG F 299 59.19 -4.36 -0.55
C ARG F 299 58.08 -4.57 -1.57
N ALA F 300 56.84 -4.76 -1.11
CA ALA F 300 55.73 -5.03 -2.00
C ALA F 300 54.43 -4.55 -1.37
N TYR F 301 53.55 -4.02 -2.21
CA TYR F 301 52.18 -3.68 -1.84
C TYR F 301 51.26 -4.48 -2.74
N TYR F 302 50.47 -5.36 -2.13
CA TYR F 302 49.67 -6.35 -2.84
C TYR F 302 48.18 -6.01 -2.74
N MET F 303 47.49 -6.19 -3.86
CA MET F 303 46.06 -5.97 -3.94
C MET F 303 45.44 -7.11 -4.75
N HIS F 304 44.30 -7.61 -4.28
CA HIS F 304 43.60 -8.69 -4.97
C HIS F 304 42.11 -8.40 -4.93
N SER F 305 41.52 -8.21 -6.12
CA SER F 305 40.08 -8.03 -6.25
C SER F 305 39.57 -6.83 -5.46
N VAL F 306 40.29 -5.71 -5.54
CA VAL F 306 39.88 -4.52 -4.79
C VAL F 306 39.52 -3.39 -5.74
N PRO F 307 40.43 -2.86 -6.58
CA PRO F 307 40.06 -1.69 -7.39
C PRO F 307 39.11 -2.01 -8.52
N HIS F 308 38.85 -3.30 -8.76
CA HIS F 308 37.95 -3.69 -9.83
C HIS F 308 36.49 -3.45 -9.50
N GLY F 309 36.18 -3.17 -8.23
CA GLY F 309 34.84 -2.81 -7.81
C GLY F 309 34.58 -1.32 -7.78
N PHE F 310 35.48 -0.52 -8.34
CA PHE F 310 35.40 0.93 -8.27
C PHE F 310 35.54 1.53 -9.66
N GLY F 311 34.91 2.69 -9.84
CA GLY F 311 34.99 3.43 -11.09
C GLY F 311 36.39 3.88 -11.43
N ASP F 312 36.54 4.60 -12.54
CA ASP F 312 37.88 4.90 -13.05
C ASP F 312 38.61 5.92 -12.19
N GLU F 313 37.91 6.93 -11.68
CA GLU F 313 38.57 7.88 -10.79
C GLU F 313 38.82 7.28 -9.41
N ASP F 314 37.93 6.40 -8.93
CA ASP F 314 38.16 5.74 -7.65
C ASP F 314 39.26 4.70 -7.75
N ALA F 315 39.36 4.01 -8.88
CA ALA F 315 40.46 3.05 -9.07
C ALA F 315 41.81 3.76 -9.11
N VAL F 316 41.88 4.91 -9.81
CA VAL F 316 43.13 5.67 -9.83
C VAL F 316 43.46 6.20 -8.45
N LYS F 317 42.45 6.68 -7.71
CA LYS F 317 42.65 7.09 -6.32
C LYS F 317 43.29 5.97 -5.51
N ILE F 318 42.70 4.77 -5.57
CA ILE F 318 43.17 3.65 -4.75
C ILE F 318 44.64 3.33 -5.07
N MET F 319 45.00 3.37 -6.36
CA MET F 319 46.37 3.05 -6.74
C MET F 319 47.32 4.22 -6.48
N ALA F 320 46.86 5.46 -6.67
CA ALA F 320 47.72 6.62 -6.49
C ALA F 320 48.09 6.86 -5.03
N ASN F 321 47.26 6.39 -4.09
CA ASN F 321 47.58 6.53 -2.67
C ASN F 321 48.69 5.61 -2.21
N LEU F 322 49.16 4.71 -3.09
CA LEU F 322 50.36 3.93 -2.81
C LEU F 322 51.63 4.63 -3.29
N VAL F 323 51.49 5.62 -4.18
CA VAL F 323 52.68 6.26 -4.78
C VAL F 323 53.56 6.95 -3.75
N PRO F 324 53.03 7.75 -2.81
CA PRO F 324 53.93 8.41 -1.84
C PRO F 324 54.62 7.44 -0.89
N ALA F 325 54.23 6.17 -0.86
CA ALA F 325 54.82 5.18 0.03
C ALA F 325 55.93 4.37 -0.64
N LEU F 326 56.03 4.42 -1.97
CA LEU F 326 56.96 3.55 -2.69
C LEU F 326 58.37 4.12 -2.64
N ALA F 327 59.33 3.27 -2.28
CA ALA F 327 60.74 3.61 -2.39
C ALA F 327 61.20 3.39 -3.82
N LYS F 328 61.94 4.36 -4.35
CA LYS F 328 62.36 4.29 -5.75
C LYS F 328 63.35 3.13 -5.94
N GLY F 329 63.03 2.25 -6.90
CA GLY F 329 63.87 1.12 -7.21
C GLY F 329 63.75 -0.06 -6.26
N TYR F 330 62.87 0.01 -5.27
CA TYR F 330 62.77 -1.05 -4.28
C TYR F 330 61.34 -1.55 -4.10
N SER F 331 60.39 -0.63 -3.94
CA SER F 331 59.00 -1.01 -3.66
C SER F 331 58.31 -1.50 -4.92
N ARG F 332 57.69 -2.67 -4.84
CA ARG F 332 56.90 -3.24 -5.92
C ARG F 332 55.42 -3.10 -5.64
N VAL F 333 54.64 -2.94 -6.71
CA VAL F 333 53.18 -2.92 -6.64
C VAL F 333 52.67 -4.12 -7.42
N LEU F 334 51.86 -4.95 -6.76
CA LEU F 334 51.36 -6.20 -7.32
C LEU F 334 49.84 -6.15 -7.38
N LEU F 335 49.29 -6.00 -8.58
CA LEU F 335 47.85 -5.94 -8.79
C LEU F 335 47.35 -7.29 -9.28
N ASN F 336 46.59 -7.98 -8.43
CA ASN F 336 46.04 -9.32 -8.71
C ASN F 336 44.58 -9.12 -9.09
N GLU F 337 44.31 -8.98 -10.40
CA GLU F 337 42.99 -8.63 -10.88
C GLU F 337 42.71 -9.31 -12.23
N ILE F 338 41.42 -9.31 -12.60
CA ILE F 338 41.02 -9.84 -13.90
C ILE F 338 41.50 -8.90 -15.00
N VAL F 339 42.13 -9.47 -16.03
CA VAL F 339 42.51 -8.73 -17.23
C VAL F 339 41.69 -9.30 -18.38
N VAL F 340 40.70 -8.54 -18.83
CA VAL F 340 39.73 -9.03 -19.81
C VAL F 340 40.36 -9.08 -21.19
N ASP F 341 40.23 -10.22 -21.85
CA ASP F 341 40.60 -10.40 -23.26
C ASP F 341 39.29 -10.54 -24.02
N GLU F 342 38.88 -9.47 -24.70
CA GLU F 342 37.55 -9.44 -25.29
C GLU F 342 37.46 -10.17 -26.62
N GLU F 343 38.58 -10.35 -27.32
CA GLU F 343 38.58 -11.24 -28.48
C GLU F 343 38.49 -12.70 -28.09
N ARG F 344 38.50 -13.00 -26.80
CA ARG F 344 38.28 -14.36 -26.31
C ARG F 344 37.53 -14.29 -24.99
N PRO F 345 36.20 -14.17 -25.04
CA PRO F 345 35.41 -14.14 -23.82
C PRO F 345 35.50 -15.47 -23.07
N VAL F 346 35.70 -15.39 -21.76
CA VAL F 346 35.86 -16.57 -20.92
C VAL F 346 34.91 -16.47 -19.73
N MET F 347 34.45 -17.64 -19.27
CA MET F 347 33.56 -17.70 -18.12
C MET F 347 34.12 -16.95 -16.92
N SER F 348 35.41 -17.11 -16.64
CA SER F 348 36.00 -16.53 -15.43
C SER F 348 35.93 -15.02 -15.44
N ALA F 349 36.11 -14.40 -16.61
CA ALA F 349 36.07 -12.95 -16.70
C ALA F 349 34.64 -12.43 -16.65
N THR F 350 33.74 -13.02 -17.44
CA THR F 350 32.36 -12.55 -17.48
C THR F 350 31.61 -12.88 -16.18
N ASN F 351 32.03 -13.94 -15.47
CA ASN F 351 31.44 -14.23 -14.17
C ASN F 351 31.65 -13.07 -13.21
N MET F 352 32.92 -12.71 -12.98
CA MET F 352 33.23 -11.60 -12.09
C MET F 352 32.76 -10.26 -12.66
N ASP F 353 32.85 -10.10 -13.99
CA ASP F 353 32.41 -8.85 -14.61
C ASP F 353 30.96 -8.54 -14.27
N LEU F 354 30.08 -9.53 -14.41
CA LEU F 354 28.67 -9.32 -14.13
C LEU F 354 28.38 -9.30 -12.63
N ILE F 355 29.23 -9.92 -11.82
CA ILE F 355 29.09 -9.78 -10.37
C ILE F 355 29.38 -8.35 -9.95
N MET F 356 30.35 -7.70 -10.59
CA MET F 356 30.59 -6.28 -10.32
C MET F 356 29.39 -5.44 -10.70
N LEU F 357 28.70 -5.79 -11.80
CA LEU F 357 27.54 -5.03 -12.21
C LEU F 357 26.39 -5.20 -11.22
N ALA F 358 26.19 -6.43 -10.73
CA ALA F 358 25.06 -6.73 -9.85
C ALA F 358 25.27 -6.26 -8.42
N HIS F 359 26.52 -5.96 -8.03
CA HIS F 359 26.83 -5.53 -6.67
C HIS F 359 27.40 -4.12 -6.63
N MET F 360 28.56 -3.91 -7.24
CA MET F 360 29.28 -2.63 -7.19
C MET F 360 28.87 -1.67 -8.30
N GLY F 361 28.15 -2.14 -9.32
CA GLY F 361 27.95 -1.34 -10.50
C GLY F 361 29.21 -1.07 -11.28
N ALA F 362 30.25 -1.88 -11.08
CA ALA F 362 31.55 -1.72 -11.69
C ALA F 362 31.76 -2.77 -12.78
N LYS F 363 33.01 -2.94 -13.21
CA LYS F 363 33.34 -3.80 -14.34
C LYS F 363 34.77 -4.31 -14.21
N GLU F 364 35.03 -5.44 -14.86
CA GLU F 364 36.39 -5.88 -15.06
C GLU F 364 37.06 -5.04 -16.14
N ARG F 365 38.39 -5.12 -16.20
CA ARG F 365 39.15 -4.24 -17.08
C ARG F 365 40.09 -5.04 -17.97
N THR F 366 40.27 -4.54 -19.19
CA THR F 366 41.22 -5.11 -20.14
C THR F 366 42.63 -4.65 -19.80
N GLU F 367 43.61 -5.12 -20.57
CA GLU F 367 44.99 -4.69 -20.36
C GLU F 367 45.14 -3.20 -20.62
N ALA F 368 44.50 -2.69 -21.66
CA ALA F 368 44.55 -1.26 -21.95
C ALA F 368 43.87 -0.44 -20.86
N ASP F 369 42.78 -0.97 -20.29
CA ASP F 369 42.08 -0.27 -19.22
C ASP F 369 42.97 -0.12 -17.99
N TRP F 370 43.58 -1.22 -17.54
CA TRP F 370 44.44 -1.18 -16.37
C TRP F 370 45.66 -0.29 -16.59
N ARG F 371 46.21 -0.29 -17.80
CA ARG F 371 47.36 0.55 -18.10
C ARG F 371 47.02 2.04 -18.05
N SER F 372 45.80 2.40 -18.47
CA SER F 372 45.37 3.79 -18.36
C SER F 372 45.13 4.18 -16.90
N ILE F 373 44.55 3.27 -16.11
CA ILE F 373 44.33 3.53 -14.70
C ILE F 373 45.66 3.74 -13.97
N LEU F 374 46.63 2.86 -14.22
CA LEU F 374 47.89 2.92 -13.49
C LEU F 374 48.73 4.11 -13.93
N THR F 375 48.69 4.46 -15.22
CA THR F 375 49.44 5.63 -15.71
C THR F 375 48.96 6.90 -15.01
N ARG F 376 47.65 7.09 -14.91
CA ARG F 376 47.10 8.25 -14.23
C ARG F 376 47.34 8.22 -12.73
N ALA F 377 47.56 7.03 -12.16
CA ALA F 377 47.93 6.91 -10.76
C ALA F 377 49.39 7.27 -10.50
N GLY F 378 50.18 7.46 -11.56
CA GLY F 378 51.60 7.69 -11.40
C GLY F 378 52.44 6.43 -11.39
N LEU F 379 52.01 5.40 -12.10
CA LEU F 379 52.66 4.10 -12.08
C LEU F 379 52.88 3.61 -13.52
N LYS F 380 53.89 2.76 -13.69
CA LYS F 380 54.15 2.12 -14.97
C LYS F 380 54.19 0.61 -14.77
N VAL F 381 53.70 -0.12 -15.77
CA VAL F 381 53.62 -1.57 -15.69
C VAL F 381 54.99 -2.17 -15.98
N VAL F 382 55.44 -3.05 -15.08
CA VAL F 382 56.72 -3.73 -15.24
C VAL F 382 56.51 -5.00 -16.06
N ASN F 383 55.75 -5.95 -15.51
CA ASN F 383 55.47 -7.20 -16.20
C ASN F 383 54.13 -7.73 -15.73
N ILE F 384 53.32 -8.20 -16.67
CA ILE F 384 52.03 -8.82 -16.38
C ILE F 384 52.21 -10.34 -16.41
N TYR F 385 51.76 -11.01 -15.35
CA TYR F 385 51.88 -12.46 -15.23
C TYR F 385 50.50 -13.09 -15.26
N SER F 386 50.44 -14.30 -15.81
CA SER F 386 49.20 -15.05 -15.93
C SER F 386 49.46 -16.52 -15.66
N TYR F 387 48.39 -17.28 -15.53
CA TYR F 387 48.47 -18.72 -15.30
C TYR F 387 47.31 -19.38 -16.05
N PRO F 388 47.54 -20.53 -16.67
CA PRO F 388 46.44 -21.22 -17.39
C PRO F 388 45.40 -21.73 -16.40
N GLY F 389 44.13 -21.44 -16.71
CA GLY F 389 43.03 -21.84 -15.86
C GLY F 389 42.79 -20.96 -14.66
N VAL F 390 43.52 -19.87 -14.52
CA VAL F 390 43.37 -18.94 -13.39
C VAL F 390 42.65 -17.69 -13.89
N ALA F 391 41.70 -17.19 -13.09
CA ALA F 391 40.89 -16.06 -13.51
C ALA F 391 41.69 -14.77 -13.55
N GLU F 392 42.56 -14.55 -12.57
CA GLU F 392 43.27 -13.30 -12.39
C GLU F 392 44.68 -13.34 -12.95
N SER F 393 45.17 -12.17 -13.36
CA SER F 393 46.57 -11.96 -13.68
C SER F 393 47.26 -11.23 -12.53
N LEU F 394 48.58 -11.25 -12.55
CA LEU F 394 49.40 -10.54 -11.56
C LEU F 394 50.12 -9.41 -12.29
N ILE F 395 49.63 -8.18 -12.10
CA ILE F 395 50.23 -7.01 -12.74
C ILE F 395 51.25 -6.39 -11.79
N GLU F 396 52.50 -6.37 -12.22
CA GLU F 396 53.59 -5.76 -11.45
C GLU F 396 53.83 -4.35 -11.96
N ALA F 397 53.78 -3.37 -11.05
CA ALA F 397 53.93 -1.98 -11.40
C ALA F 397 55.00 -1.33 -10.54
N GLU F 398 55.49 -0.18 -11.01
CA GLU F 398 56.50 0.61 -10.30
C GLU F 398 56.21 2.08 -10.53
N LEU F 399 57.03 2.93 -9.90
CA LEU F 399 56.89 4.38 -10.07
C LEU F 399 57.16 4.77 -11.51
N ALA F 400 56.26 5.57 -12.07
CA ALA F 400 56.38 6.04 -13.46
C ALA F 400 57.63 6.89 -13.65
N SAH G . -8.74 5.11 -31.11
CA SAH G . -9.34 4.09 -30.25
CB SAH G . -8.64 4.04 -28.90
CG SAH G . -8.53 5.38 -28.18
SD SAH G . -7.89 5.22 -26.50
C SAH G . -10.83 4.32 -30.05
O SAH G . -11.31 5.46 -30.16
OXT SAH G . -11.60 3.39 -29.80
C5' SAH G . -6.26 5.91 -26.90
C4' SAH G . -5.27 4.89 -27.47
O4' SAH G . -4.04 5.54 -27.74
C3' SAH G . -4.96 3.72 -26.54
O3' SAH G . -5.24 2.52 -27.21
C2' SAH G . -3.48 3.79 -26.27
O2' SAH G . -2.86 2.52 -26.27
C1' SAH G . -2.98 4.64 -27.44
N9 SAH G . -1.72 5.31 -27.09
C8 SAH G . -1.51 6.22 -26.09
N7 SAH G . -0.20 6.57 -26.11
C5 SAH G . 0.43 5.90 -27.10
C6 SAH G . 1.74 5.87 -27.54
N6 SAH G . 2.67 6.64 -26.96
N1 SAH G . 2.08 5.06 -28.60
C2 SAH G . 1.12 4.27 -29.21
N3 SAH G . -0.19 4.30 -28.76
C4 SAH G . -0.52 5.10 -27.73
C4 A1LWD H . -11.64 6.62 -22.55
C5 A1LWD H . -10.94 6.81 -21.36
C6 A1LWD H . -9.69 7.43 -21.38
C7 A1LWD H . -12.94 5.96 -22.20
C8 A1LWD H . -11.75 6.29 -20.26
C1 A1LWD H . -9.13 7.82 -22.59
C2 A1LWD H . -9.87 7.62 -23.77
C3 A1LWD H . -11.12 7.01 -23.76
C9 A1LWD H . -7.78 8.51 -22.63
O1 A1LWD H . -8.98 7.63 -20.25
C10 A1LWD H . -6.59 7.63 -22.82
C11 A1LWD H . -5.57 7.84 -23.64
C12 A1LWD H . -4.34 6.97 -23.59
C13 A1LWD H . -4.45 5.87 -22.56
C14 A1LWD H . -3.24 4.95 -22.50
C15 A1LWD H . -5.54 8.94 -24.65
C16 A1LWD H . -11.88 6.80 -25.04
O2 A1LWD H . -9.35 8.02 -24.96
O3 A1LWD H . -12.93 5.86 -20.76
O4 A1LWD H . -11.52 6.25 -19.08
O5 A1LWD H . -3.28 3.96 -21.73
O6 A1LWD H . -2.26 5.21 -23.21
N SAH I . -39.63 10.61 11.15
CA SAH I . -38.56 11.38 10.52
CB SAH I . -37.19 10.74 10.75
CG SAH I . -37.01 9.28 10.35
SD SAH I . -35.28 8.72 10.39
C SAH I . -38.83 11.52 9.02
O SAH I . -39.62 10.76 8.46
OXT SAH I . -38.26 12.39 8.36
C5' SAH I . -35.52 7.74 11.89
C4' SAH I . -35.56 8.58 13.16
O4' SAH I . -35.73 7.74 14.29
C3' SAH I . -34.27 9.37 13.38
O3' SAH I . -34.57 10.72 13.71
C2' SAH I . -33.64 8.73 14.58
O2' SAH I . -32.96 9.69 15.37
C1' SAH I . -34.83 8.13 15.29
N9 SAH I . -34.41 7.02 16.16
C8 SAH I . -33.76 5.86 15.78
N7 SAH I . -33.53 5.11 16.89
C5 SAH I . -34.02 5.78 17.96
C6 SAH I . -34.06 5.48 19.32
N6 SAH I . -33.54 4.34 19.79
N1 SAH I . -34.63 6.37 20.20
C2 SAH I . -35.17 7.56 19.74
N3 SAH I . -35.14 7.85 18.38
C4 SAH I . -34.57 6.97 17.52
C4 A1LWD J . -32.82 7.67 5.45
C5 A1LWD J . -31.62 7.00 5.62
C6 A1LWD J . -31.48 6.05 6.63
C7 A1LWD J . -32.67 8.59 4.29
C8 A1LWD J . -30.68 7.45 4.59
C1 A1LWD J . -32.55 5.80 7.49
C2 A1LWD J . -33.76 6.49 7.29
C3 A1LWD J . -33.90 7.44 6.28
C9 A1LWD J . -32.44 4.75 8.59
O1 A1LWD J . -30.34 5.36 6.83
C10 A1LWD J . -32.15 5.27 9.97
C11 A1LWD J . -32.79 4.97 11.08
C12 A1LWD J . -32.26 5.41 12.42
C13 A1LWD J . -30.97 6.19 12.27
C14 A1LWD J . -30.39 6.68 13.58
C15 A1LWD J . -34.07 4.20 11.11
C16 A1LWD J . -35.19 8.18 6.09
O2 A1LWD J . -34.82 6.25 8.11
O3 A1LWD J . -31.34 8.32 3.78
O4 A1LWD J . -29.53 7.18 4.40
O5 A1LWD J . -29.42 7.48 13.55
O6 A1LWD J . -30.90 6.27 14.64
N SAH K . -5.72 37.11 18.89
CA SAH K . -6.40 35.90 19.35
CB SAH K . -6.42 34.83 18.27
CG SAH K . -5.09 34.59 17.56
SD SAH K . -5.17 33.31 16.27
C SAH K . -5.72 35.38 20.60
O SAH K . -4.49 35.42 20.75
OXT SAH K . -6.40 34.90 21.52
C5' SAH K . -5.04 34.52 14.94
C4' SAH K . -6.35 35.24 14.62
O4' SAH K . -6.17 36.07 13.49
C3' SAH K . -7.50 34.27 14.30
O3' SAH K . -8.63 34.59 15.09
C2' SAH K . -7.82 34.53 12.85
O2' SAH K . -9.21 34.44 12.61
C1' SAH K . -7.32 35.95 12.66
N9 SAH K . -7.03 36.26 11.24
C8 SAH K . -6.13 35.65 10.42
N7 SAH K . -6.21 36.23 9.20
C5 SAH K . -7.15 37.21 9.24
C6 SAH K . -7.61 38.10 8.28
N6 SAH K . -7.13 38.09 7.05
N1 SAH K . -8.60 39.00 8.62
C2 SAH K . -9.11 39.01 9.91
N3 SAH K . -8.64 38.12 10.85
C4 SAH K . -7.67 37.24 10.52
C4 A1LWD L . -2.26 29.05 17.83
C5 A1LWD L . -2.08 28.26 16.71
C6 A1LWD L . -1.84 28.84 15.46
C7 A1LWD L . -2.49 28.16 18.99
C8 A1LWD L . -2.17 26.87 17.11
C1 A1LWD L . -1.81 30.23 15.34
C2 A1LWD L . -2.00 31.01 16.49
C3 A1LWD L . -2.23 30.43 17.74
C9 A1LWD L . -1.51 30.88 14.00
O1 A1LWD L . -1.65 28.10 14.34
C10 A1LWD L . -2.71 31.23 13.16
C11 A1LWD L . -2.94 32.39 12.57
C12 A1LWD L . -4.12 32.56 11.65
C13 A1LWD L . -4.83 31.24 11.47
C14 A1LWD L . -6.20 31.33 10.84
C15 A1LWD L . -2.07 33.60 12.75
C16 A1LWD L . -2.42 31.30 18.95
O2 A1LWD L . -1.96 32.37 16.40
O3 A1LWD L . -2.34 26.82 18.46
O4 A1LWD L . -2.09 25.85 16.48
O5 A1LWD L . -6.60 32.44 10.44
O6 A1LWD L . -6.89 30.29 10.78
N SAH M . 13.92 -11.32 26.16
CA SAH M . 14.39 -10.14 25.43
CB SAH M . 13.49 -9.82 24.24
CG SAH M . 12.01 -9.56 24.58
SD SAH M . 10.98 -9.19 23.13
C SAH M . 14.48 -8.94 26.36
O SAH M . 15.44 -8.16 26.27
OXT SAH M . 13.63 -8.73 27.23
C5' SAH M . 10.30 -10.87 23.07
C4' SAH M . 11.24 -11.87 22.42
O4' SAH M . 10.57 -13.12 22.19
C3' SAH M . 11.78 -11.39 21.08
O3' SAH M . 13.19 -11.44 21.08
C2' SAH M . 11.24 -12.38 20.07
O2' SAH M . 12.18 -12.63 19.05
C1' SAH M . 10.96 -13.61 20.93
N9 SAH M . 9.93 -14.49 20.32
C8 SAH M . 8.64 -14.16 20.00
N7 SAH M . 8.04 -15.24 19.46
C5 SAH M . 8.93 -16.25 19.41
C6 SAH M . 8.84 -17.56 18.95
N6 SAH M . 7.70 -18.01 18.44
N1 SAH M . 9.93 -18.39 19.03
C2 SAH M . 11.11 -17.91 19.56
N3 SAH M . 11.20 -16.61 20.03
C4 SAH M . 10.13 -15.80 19.95
C4 A1LWD N . 8.84 -4.29 23.76
C5 A1LWD N . 7.94 -4.05 22.74
C6 A1LWD N . 7.09 -5.06 22.29
C7 A1LWD N . 9.59 -3.01 24.02
C8 A1LWD N . 8.08 -2.67 22.30
C1 A1LWD N . 7.17 -6.32 22.88
C2 A1LWD N . 8.08 -6.54 23.92
C3 A1LWD N . 8.93 -5.51 24.37
C9 A1LWD N . 6.24 -7.44 22.44
O1 A1LWD N . 6.20 -4.88 21.29
C10 A1LWD N . 6.79 -8.38 21.39
C11 A1LWD N . 6.86 -9.69 21.45
C12 A1LWD N . 7.26 -10.53 20.28
C13 A1LWD N . 7.65 -9.73 19.04
C14 A1LWD N . 8.12 -10.56 17.87
C15 A1LWD N . 6.55 -10.46 22.71
C16 A1LWD N . 9.91 -5.76 25.48
O2 A1LWD N . 8.15 -7.77 24.51
O3 A1LWD N . 9.03 -2.07 23.08
O4 A1LWD N . 7.52 -2.05 21.44
O5 A1LWD N . 8.52 -9.98 16.84
O6 A1LWD N . 8.08 -11.81 17.99
N SAH O . -1.14 -31.39 -23.26
CA SAH O . -0.29 -30.24 -23.55
CB SAH O . -0.40 -29.21 -22.43
CG SAH O . -0.18 -29.75 -21.03
SD SAH O . -0.27 -28.45 -19.77
C SAH O . 1.17 -30.67 -23.72
O SAH O . 1.91 -30.09 -24.51
OXT SAH O . 1.65 -31.59 -23.06
C5' SAH O . -1.84 -29.07 -19.10
C4' SAH O . -3.07 -28.62 -19.88
O4' SAH O . -4.26 -29.00 -19.20
C3' SAH O . -3.12 -27.10 -20.06
O3' SAH O . -3.16 -26.77 -21.44
C2' SAH O . -4.40 -26.67 -19.41
O2' SAH O . -5.07 -25.69 -20.19
C1' SAH O . -5.21 -27.96 -19.35
N9 SAH O . -6.24 -27.92 -18.29
C8 SAH O . -6.06 -27.64 -16.96
N7 SAH O . -7.27 -27.70 -16.33
C5 SAH O . -8.22 -27.99 -17.26
C6 SAH O . -9.59 -28.17 -17.17
N6 SAH O . -10.21 -28.04 -16.00
N1 SAH O . -10.31 -28.49 -18.31
C2 SAH O . -9.66 -28.62 -19.52
N3 SAH O . -8.29 -28.44 -19.60
C4 SAH O . -7.58 -28.14 -18.49
C4 A1LWD P . 4.49 -27.31 -17.49
C5 A1LWD P . 4.25 -26.46 -16.44
C6 A1LWD P . 3.12 -26.63 -15.62
C7 A1LWD P . 5.76 -26.86 -18.16
C8 A1LWD P . 5.30 -25.44 -16.39
C1 A1LWD P . 2.24 -27.68 -15.89
C2 A1LWD P . 2.53 -28.55 -16.95
C3 A1LWD P . 3.65 -28.37 -17.77
C9 A1LWD P . 1.03 -27.92 -15.01
O1 A1LWD P . 2.84 -25.82 -14.58
C10 A1LWD P . -0.25 -27.30 -15.47
C11 A1LWD P . -1.43 -27.88 -15.61
C12 A1LWD P . -2.67 -27.09 -15.89
C13 A1LWD P . -2.39 -25.60 -16.00
C14 A1LWD P . -3.61 -24.73 -16.22
C15 A1LWD P . -1.62 -29.37 -15.50
C16 A1LWD P . 3.92 -29.30 -18.91
O2 A1LWD P . 1.68 -29.59 -17.23
O3 A1LWD P . 6.20 -25.73 -17.39
O4 A1LWD P . 5.47 -24.50 -15.66
O5 A1LWD P . -4.73 -25.27 -16.25
O6 A1LWD P . -3.44 -23.50 -16.37
N SAH Q . 41.28 -9.24 -1.02
CA SAH Q . 40.24 -10.19 -0.68
CB SAH Q . 38.88 -9.50 -0.61
CG SAH Q . 38.62 -8.51 -1.74
SD SAH Q . 36.93 -7.86 -1.72
C SAH Q . 40.19 -11.34 -1.67
O SAH Q . 40.69 -11.22 -2.79
OXT SAH Q . 39.65 -12.42 -1.39
C5' SAH Q . 37.53 -6.18 -1.37
C4' SAH Q . 38.07 -5.97 0.04
O4' SAH Q . 38.52 -4.63 0.19
C3' SAH Q . 37.03 -6.21 1.14
O3' SAH Q . 37.50 -7.18 2.04
C2' SAH Q . 36.87 -4.88 1.85
O2' SAH Q . 36.85 -5.04 3.26
C1' SAH Q . 38.09 -4.09 1.43
N9 SAH Q . 37.79 -2.64 1.32
C8 SAH Q . 36.88 -2.06 0.48
N7 SAH Q . 36.89 -0.72 0.69
C5 SAH Q . 37.81 -0.44 1.64
C6 SAH Q . 38.22 0.75 2.24
N6 SAH Q . 37.69 1.90 1.85
N1 SAH Q . 39.20 0.72 3.21
C2 SAH Q . 39.74 -0.49 3.60
N3 SAH Q . 39.33 -1.67 3.01
C4 SAH Q . 38.37 -1.65 2.05
C4 A1LWD R . 33.26 -10.43 -4.83
C5 A1LWD R . 32.09 -9.71 -4.85
C6 A1LWD R . 32.12 -8.31 -4.89
C7 A1LWD R . 32.91 -11.88 -4.81
C8 A1LWD R . 30.96 -10.64 -4.84
C1 A1LWD R . 33.35 -7.66 -4.89
C2 A1LWD R . 34.52 -8.41 -4.87
C3 A1LWD R . 34.49 -9.81 -4.83
C9 A1LWD R . 33.41 -6.14 -4.94
O1 A1LWD R . 30.99 -7.56 -4.91
C10 A1LWD R . 33.49 -5.48 -3.59
C11 A1LWD R . 34.41 -4.62 -3.17
C12 A1LWD R . 34.32 -4.00 -1.81
C13 A1LWD R . 33.10 -4.46 -1.05
C14 A1LWD R . 32.88 -3.81 0.31
C15 A1LWD R . 35.60 -4.21 -4.00
C16 A1LWD R . 35.77 -10.60 -4.82
O2 A1LWD R . 35.73 -7.78 -4.87
O3 A1LWD R . 31.46 -11.90 -4.81
O4 A1LWD R . 29.77 -10.44 -4.84
O5 A1LWD R . 31.90 -4.17 0.99
O6 A1LWD R . 33.70 -2.94 0.68
#